data_3WHK
#
_entry.id   3WHK
#
_cell.length_a   71.04
_cell.length_b   85.76
_cell.length_c   105.26
_cell.angle_alpha   90.04
_cell.angle_beta   90.03
_cell.angle_gamma   89.89
#
_symmetry.space_group_name_H-M   'P 1'
#
loop_
_entity.id
_entity.type
_entity.pdbx_description
1 polymer 'Proteasome-activating nucleotidase, 26S protease regulatory subunit 6A'
2 non-polymer "ADENOSINE-5'-TRIPHOSPHATE"
3 water water
#
_entity_poly.entity_id   1
_entity_poly.type   'polypeptide(L)'
_entity_poly.pdbx_seq_one_letter_code
;GSHMGFEVVERPNVTYNDIGGLKKQLQELREAIELPLKHPELFEEVGIDPPKGVLLYGPPGCGKTLMAKAIAHEVNATFI
RVVGSELVRKYIGEGARLVHELFELAKEKAPTIIFIDEIDAIGAKRLDETTGGEREVNRTLMQLLAEMDGFDPRGNVKVI
AATNRPDILDPALLRPGRFDRLIEVPLPDEFSRAQILQIHSRKMTTDDDINWQELARSTDEFNGAQLKAVTVEAGMIALR
NGQSSVKHEDFVEGISEVQARKSKSVSFYA
;
_entity_poly.pdbx_strand_id   A,B,C,D,E,F,G,H
#
# COMPACT_ATOMS: atom_id res chain seq x y z
N MET A 4 -31.47 12.87 -49.24
CA MET A 4 -30.92 11.87 -48.29
C MET A 4 -29.37 11.76 -48.42
N GLY A 5 -28.84 10.62 -48.88
CA GLY A 5 -27.41 10.48 -49.25
C GLY A 5 -26.52 9.71 -48.27
N PHE A 6 -26.83 9.83 -46.98
CA PHE A 6 -26.02 9.26 -45.92
C PHE A 6 -26.79 9.48 -44.63
N GLU A 7 -26.60 8.57 -43.68
CA GLU A 7 -27.39 8.52 -42.46
C GLU A 7 -26.97 9.66 -41.50
N VAL A 8 -27.94 10.41 -40.98
CA VAL A 8 -27.71 11.45 -39.98
C VAL A 8 -28.50 11.12 -38.72
N VAL A 9 -27.83 11.12 -37.57
CA VAL A 9 -28.45 10.76 -36.31
C VAL A 9 -28.15 11.84 -35.31
N GLU A 10 -29.14 12.68 -35.01
CA GLU A 10 -28.91 13.92 -34.24
C GLU A 10 -28.14 13.67 -32.94
N ARG A 11 -28.45 12.56 -32.28
CA ARG A 11 -27.68 12.15 -31.13
C ARG A 11 -27.99 10.69 -30.84
N PRO A 12 -27.01 9.80 -31.07
CA PRO A 12 -27.31 8.37 -31.06
C PRO A 12 -27.46 7.86 -29.64
N ASN A 13 -28.40 6.95 -29.44
CA ASN A 13 -28.69 6.43 -28.11
C ASN A 13 -27.99 5.08 -27.99
N VAL A 14 -26.67 5.16 -27.89
CA VAL A 14 -25.81 3.99 -27.71
C VAL A 14 -24.71 4.42 -26.75
N THR A 15 -24.45 3.60 -25.73
CA THR A 15 -23.41 3.91 -24.76
C THR A 15 -22.36 2.83 -24.70
N TYR A 16 -21.30 3.11 -23.95
CA TYR A 16 -20.24 2.15 -23.72
C TYR A 16 -20.73 0.88 -23.02
N ASN A 17 -21.83 0.97 -22.28
CA ASN A 17 -22.46 -0.20 -21.68
C ASN A 17 -23.16 -1.13 -22.67
N ASP A 18 -23.38 -0.68 -23.91
CA ASP A 18 -24.01 -1.50 -24.95
C ASP A 18 -22.98 -2.32 -25.75
N ILE A 19 -21.70 -2.13 -25.42
CA ILE A 19 -20.59 -2.74 -26.14
C ILE A 19 -19.99 -3.85 -25.30
N GLY A 20 -19.93 -5.05 -25.86
CA GLY A 20 -19.40 -6.21 -25.16
C GLY A 20 -17.96 -6.45 -25.51
N GLY A 21 -17.16 -6.65 -24.47
CA GLY A 21 -15.75 -6.89 -24.63
C GLY A 21 -15.24 -5.50 -25.16
N LEU A 22 -14.13 -5.51 -25.85
CA LEU A 22 -13.51 -4.34 -26.46
C LEU A 22 -12.93 -3.25 -25.56
N LYS A 23 -12.55 -3.62 -24.35
CA LYS A 23 -12.17 -2.61 -23.35
C LYS A 23 -10.93 -1.86 -23.78
N LYS A 24 -9.94 -2.62 -24.23
CA LYS A 24 -8.67 -2.05 -24.67
C LYS A 24 -8.83 -1.21 -25.92
N GLN A 25 -9.58 -1.70 -26.90
CA GLN A 25 -9.72 -0.96 -28.17
C GLN A 25 -10.65 0.23 -28.03
N LEU A 26 -11.68 0.08 -27.24
CA LEU A 26 -12.51 1.23 -26.87
C LEU A 26 -11.68 2.32 -26.16
N GLN A 27 -10.83 1.93 -25.22
CA GLN A 27 -9.96 2.89 -24.54
C GLN A 27 -9.05 3.66 -25.51
N GLU A 28 -8.48 2.98 -26.49
CA GLU A 28 -7.61 3.66 -27.45
C GLU A 28 -8.38 4.68 -28.27
N LEU A 29 -9.64 4.37 -28.57
CA LEU A 29 -10.45 5.24 -29.44
C LEU A 29 -10.90 6.45 -28.61
N ARG A 30 -11.26 6.20 -27.35
CA ARG A 30 -11.57 7.28 -26.43
C ARG A 30 -10.37 8.22 -26.26
N GLU A 31 -9.17 7.64 -26.06
CA GLU A 31 -7.93 8.44 -25.92
C GLU A 31 -7.61 9.24 -27.18
N ALA A 32 -8.15 8.80 -28.33
CA ALA A 32 -7.87 9.42 -29.65
C ALA A 32 -8.83 10.51 -30.05
N ILE A 33 -10.09 10.33 -29.68
CA ILE A 33 -11.16 11.23 -30.07
C ILE A 33 -11.86 11.93 -28.89
N GLU A 34 -12.23 11.19 -27.85
CA GLU A 34 -12.97 11.76 -26.72
C GLU A 34 -12.12 12.71 -25.90
N LEU A 35 -10.92 12.26 -25.51
CA LEU A 35 -9.97 13.10 -24.77
C LEU A 35 -9.72 14.46 -25.43
N PRO A 36 -9.36 14.47 -26.72
CA PRO A 36 -9.13 15.76 -27.36
C PRO A 36 -10.39 16.61 -27.63
N LEU A 37 -11.58 16.02 -27.48
CA LEU A 37 -12.83 16.77 -27.64
C LEU A 37 -13.24 17.42 -26.32
N LYS A 38 -13.08 16.68 -25.24
CA LYS A 38 -13.46 17.13 -23.91
C LYS A 38 -12.42 18.07 -23.31
N HIS A 39 -11.18 17.99 -23.80
CA HIS A 39 -10.07 18.73 -23.20
C HIS A 39 -9.02 19.07 -24.24
N PRO A 40 -9.40 19.79 -25.32
CA PRO A 40 -8.47 20.05 -26.44
C PRO A 40 -7.30 20.92 -26.03
N GLU A 41 -7.49 21.64 -24.91
CA GLU A 41 -6.51 22.59 -24.39
C GLU A 41 -5.27 21.88 -23.87
N LEU A 42 -5.47 20.68 -23.33
CA LEU A 42 -4.35 19.83 -22.93
C LEU A 42 -3.44 19.44 -24.09
N PHE A 43 -4.02 19.15 -25.23
CA PHE A 43 -3.24 18.74 -26.37
C PHE A 43 -2.47 19.92 -26.98
N GLU A 44 -2.90 21.14 -26.69
CA GLU A 44 -2.18 22.34 -27.15
C GLU A 44 -1.07 22.71 -26.18
N GLU A 45 -1.36 22.63 -24.88
CA GLU A 45 -0.37 22.86 -23.85
C GLU A 45 0.89 22.02 -24.12
N VAL A 46 0.68 20.74 -24.41
CA VAL A 46 1.76 19.79 -24.65
C VAL A 46 2.29 19.81 -26.10
N GLY A 47 1.56 20.45 -27.00
CA GLY A 47 2.01 20.63 -28.37
C GLY A 47 1.96 19.34 -29.16
N ILE A 48 0.84 18.62 -29.10
CA ILE A 48 0.60 17.47 -29.98
C ILE A 48 -0.76 17.55 -30.66
N ASP A 49 -0.75 17.45 -31.99
CA ASP A 49 -1.98 17.46 -32.76
C ASP A 49 -2.69 16.11 -32.59
N PRO A 50 -3.92 16.12 -32.07
CA PRO A 50 -4.62 14.84 -32.02
C PRO A 50 -4.98 14.38 -33.42
N PRO A 51 -5.32 13.09 -33.57
CA PRO A 51 -5.56 12.54 -34.91
C PRO A 51 -6.88 12.99 -35.50
N LYS A 52 -6.87 13.36 -36.78
CA LYS A 52 -8.09 13.77 -37.47
C LYS A 52 -8.93 12.56 -37.84
N GLY A 53 -8.24 11.46 -38.11
CA GLY A 53 -8.85 10.22 -38.58
C GLY A 53 -8.39 9.00 -37.80
N VAL A 54 -9.33 8.15 -37.42
CA VAL A 54 -9.02 6.89 -36.79
C VAL A 54 -9.60 5.80 -37.65
N LEU A 55 -8.77 4.84 -38.04
CA LEU A 55 -9.20 3.71 -38.84
C LEU A 55 -9.40 2.50 -37.93
N LEU A 56 -10.65 2.06 -37.85
CA LEU A 56 -11.00 0.77 -37.26
C LEU A 56 -10.98 -0.31 -38.34
N TYR A 57 -10.29 -1.43 -38.08
CA TYR A 57 -10.28 -2.56 -39.06
C TYR A 57 -10.46 -3.90 -38.38
N GLY A 58 -11.03 -4.83 -39.13
CA GLY A 58 -11.29 -6.17 -38.62
C GLY A 58 -12.52 -6.73 -39.30
N PRO A 59 -12.91 -7.95 -38.92
CA PRO A 59 -13.98 -8.59 -39.71
C PRO A 59 -15.35 -7.99 -39.40
N PRO A 60 -16.32 -8.22 -40.29
CA PRO A 60 -17.65 -7.66 -40.18
C PRO A 60 -18.36 -7.96 -38.87
N GLY A 61 -19.26 -7.05 -38.49
CA GLY A 61 -20.15 -7.21 -37.34
C GLY A 61 -19.44 -7.42 -36.01
N CYS A 62 -18.27 -6.84 -35.82
CA CYS A 62 -17.58 -6.96 -34.54
C CYS A 62 -17.64 -5.68 -33.69
N GLY A 63 -18.39 -4.69 -34.16
CA GLY A 63 -18.71 -3.52 -33.34
C GLY A 63 -18.03 -2.20 -33.69
N LYS A 64 -17.43 -2.08 -34.87
CA LYS A 64 -16.82 -0.83 -35.26
C LYS A 64 -17.85 0.25 -35.27
N THR A 65 -18.94 0.01 -35.99
CA THR A 65 -20.02 0.98 -36.02
C THR A 65 -20.49 1.31 -34.59
N LEU A 66 -20.68 0.30 -33.75
CA LEU A 66 -21.07 0.49 -32.35
C LEU A 66 -20.18 1.49 -31.61
N MET A 67 -18.89 1.24 -31.70
CA MET A 67 -17.92 2.05 -31.01
C MET A 67 -18.07 3.49 -31.47
N ALA A 68 -18.16 3.66 -32.78
CA ALA A 68 -18.27 4.99 -33.36
C ALA A 68 -19.52 5.74 -32.88
N LYS A 69 -20.67 5.05 -32.86
CA LYS A 69 -21.88 5.65 -32.34
C LYS A 69 -21.73 5.98 -30.86
N ALA A 70 -21.10 5.06 -30.10
CA ALA A 70 -20.93 5.24 -28.65
C ALA A 70 -20.05 6.42 -28.31
N ILE A 71 -18.96 6.58 -29.05
CA ILE A 71 -18.12 7.79 -28.89
C ILE A 71 -18.96 9.06 -29.06
N ALA A 72 -19.73 9.13 -30.14
CA ALA A 72 -20.51 10.31 -30.48
C ALA A 72 -21.48 10.66 -29.37
N HIS A 73 -22.11 9.63 -28.81
CA HIS A 73 -22.99 9.80 -27.67
C HIS A 73 -22.27 10.44 -26.48
N GLU A 74 -21.12 9.88 -26.08
CA GLU A 74 -20.43 10.36 -24.87
C GLU A 74 -20.03 11.82 -24.99
N VAL A 75 -19.71 12.22 -26.21
CA VAL A 75 -19.13 13.50 -26.48
C VAL A 75 -20.16 14.50 -27.06
N ASN A 76 -21.44 14.12 -27.02
CA ASN A 76 -22.59 14.97 -27.42
C ASN A 76 -22.51 15.48 -28.85
N ALA A 77 -22.09 14.58 -29.74
CA ALA A 77 -21.84 14.92 -31.12
C ALA A 77 -22.88 14.33 -32.05
N THR A 78 -23.02 14.92 -33.21
CA THR A 78 -23.80 14.32 -34.26
C THR A 78 -23.02 13.13 -34.86
N PHE A 79 -23.74 12.10 -35.27
CA PHE A 79 -23.13 10.95 -35.94
C PHE A 79 -23.60 10.89 -37.38
N ILE A 80 -22.66 11.02 -38.32
CA ILE A 80 -23.03 10.91 -39.73
C ILE A 80 -22.30 9.74 -40.35
N ARG A 81 -23.05 8.93 -41.08
CA ARG A 81 -22.55 7.67 -41.60
C ARG A 81 -22.68 7.69 -43.10
N VAL A 82 -21.58 7.38 -43.77
CA VAL A 82 -21.60 7.12 -45.21
C VAL A 82 -21.18 5.70 -45.40
N VAL A 83 -21.70 5.08 -46.46
CA VAL A 83 -21.27 3.73 -46.85
C VAL A 83 -20.39 3.81 -48.11
N GLY A 84 -19.19 3.27 -48.01
CA GLY A 84 -18.24 3.35 -49.11
C GLY A 84 -18.76 2.79 -50.42
N SER A 85 -19.43 1.65 -50.37
CA SER A 85 -19.87 1.01 -51.61
C SER A 85 -20.97 1.81 -52.27
N GLU A 86 -21.71 2.59 -51.48
CA GLU A 86 -22.73 3.48 -52.03
C GLU A 86 -22.13 4.71 -52.67
N LEU A 87 -20.92 5.11 -52.26
CA LEU A 87 -20.23 6.24 -52.90
C LEU A 87 -19.65 5.94 -54.29
N VAL A 88 -19.58 4.67 -54.68
CA VAL A 88 -19.16 4.29 -56.04
C VAL A 88 -20.34 4.31 -57.02
N ARG A 89 -20.25 5.14 -58.08
CA ARG A 89 -21.39 5.36 -59.03
C ARG A 89 -21.38 4.37 -60.23
N GLU A 94 -19.56 12.71 -59.82
CA GLU A 94 -20.58 12.66 -58.75
C GLU A 94 -20.12 11.80 -57.62
N GLY A 95 -20.28 12.28 -56.39
CA GLY A 95 -19.72 11.57 -55.26
C GLY A 95 -18.52 12.25 -54.65
N ALA A 96 -17.77 13.00 -55.44
CA ALA A 96 -16.88 14.01 -54.88
C ALA A 96 -17.74 15.14 -54.31
N ARG A 97 -18.81 15.47 -55.03
CA ARG A 97 -19.81 16.44 -54.55
C ARG A 97 -20.46 15.98 -53.26
N LEU A 98 -20.71 14.68 -53.17
CA LEU A 98 -21.36 14.11 -52.00
C LEU A 98 -20.45 14.09 -50.76
N VAL A 99 -19.15 13.83 -50.96
CA VAL A 99 -18.20 13.87 -49.86
C VAL A 99 -18.11 15.29 -49.34
N HIS A 100 -18.21 16.26 -50.24
CA HIS A 100 -18.16 17.64 -49.85
C HIS A 100 -19.37 18.04 -49.03
N GLU A 101 -20.56 17.77 -49.55
CA GLU A 101 -21.79 18.05 -48.81
C GLU A 101 -21.74 17.40 -47.42
N LEU A 102 -21.25 16.17 -47.35
CA LEU A 102 -21.06 15.48 -46.07
C LEU A 102 -20.26 16.28 -45.05
N PHE A 103 -19.09 16.78 -45.45
CA PHE A 103 -18.22 17.49 -44.52
C PHE A 103 -18.77 18.89 -44.20
N GLU A 104 -19.50 19.49 -45.14
CA GLU A 104 -20.13 20.80 -44.90
C GLU A 104 -21.19 20.67 -43.83
N LEU A 105 -22.06 19.69 -43.99
CA LEU A 105 -23.10 19.42 -43.01
C LEU A 105 -22.48 19.11 -41.65
N ALA A 106 -21.44 18.31 -41.65
CA ALA A 106 -20.81 17.91 -40.42
C ALA A 106 -20.29 19.11 -39.67
N LYS A 107 -19.80 20.11 -40.38
CA LYS A 107 -19.30 21.33 -39.73
C LYS A 107 -20.45 22.14 -39.15
N GLU A 108 -21.52 22.23 -39.92
CA GLU A 108 -22.72 22.94 -39.52
C GLU A 108 -23.24 22.36 -38.20
N LYS A 109 -23.34 21.03 -38.13
CA LYS A 109 -23.94 20.37 -36.97
C LYS A 109 -22.92 19.95 -35.94
N ALA A 110 -21.75 20.56 -35.98
CA ALA A 110 -20.65 20.25 -35.07
C ALA A 110 -21.03 20.56 -33.62
N PRO A 111 -20.49 19.80 -32.66
CA PRO A 111 -19.51 18.70 -32.79
C PRO A 111 -20.06 17.52 -33.55
N THR A 112 -19.25 16.94 -34.44
CA THR A 112 -19.70 15.83 -35.29
C THR A 112 -18.71 14.68 -35.38
N ILE A 113 -19.21 13.45 -35.41
CA ILE A 113 -18.38 12.25 -35.70
C ILE A 113 -18.80 11.70 -37.06
N ILE A 114 -17.93 11.79 -38.05
CA ILE A 114 -18.19 11.22 -39.38
C ILE A 114 -17.72 9.77 -39.40
N PHE A 115 -18.63 8.84 -39.68
CA PHE A 115 -18.24 7.45 -39.81
C PHE A 115 -18.30 7.02 -41.30
N ILE A 116 -17.14 6.63 -41.84
CA ILE A 116 -17.03 6.19 -43.24
C ILE A 116 -16.87 4.68 -43.31
N ASP A 117 -17.96 3.98 -43.60
CA ASP A 117 -17.90 2.49 -43.62
C ASP A 117 -17.36 2.03 -44.95
N GLU A 118 -16.79 0.85 -44.98
CA GLU A 118 -16.23 0.29 -46.22
C GLU A 118 -15.33 1.30 -46.95
N ILE A 119 -14.40 1.91 -46.23
CA ILE A 119 -13.55 2.92 -46.87
C ILE A 119 -12.72 2.33 -48.04
N ASP A 120 -12.38 1.04 -47.95
CA ASP A 120 -11.69 0.31 -49.05
C ASP A 120 -12.40 0.38 -50.42
N ALA A 121 -13.72 0.45 -50.44
CA ALA A 121 -14.48 0.62 -51.69
C ALA A 121 -14.09 1.87 -52.45
N ILE A 122 -13.66 2.87 -51.70
CA ILE A 122 -13.30 4.18 -52.23
C ILE A 122 -11.77 4.38 -52.31
N GLY A 123 -11.03 3.83 -51.35
CA GLY A 123 -9.59 4.06 -51.27
C GLY A 123 -8.67 2.88 -51.47
N ALA A 124 -8.98 2.00 -52.41
CA ALA A 124 -8.03 0.94 -52.79
C ALA A 124 -6.85 1.50 -53.59
N LYS A 125 -5.70 0.82 -53.56
CA LYS A 125 -4.44 1.40 -54.12
C LYS A 125 -4.16 1.18 -55.62
N GLU A 136 -2.99 12.81 -58.25
CA GLU A 136 -3.53 12.00 -59.34
C GLU A 136 -4.07 10.64 -58.89
N VAL A 137 -4.98 10.75 -57.92
CA VAL A 137 -5.73 9.66 -57.27
C VAL A 137 -7.21 9.80 -57.75
N ASN A 138 -8.08 8.81 -57.49
CA ASN A 138 -9.50 8.94 -57.92
C ASN A 138 -10.28 10.11 -57.26
N ARG A 139 -11.25 10.64 -58.02
CA ARG A 139 -11.83 11.95 -57.74
C ARG A 139 -12.60 12.01 -56.41
N THR A 140 -13.28 10.91 -56.04
CA THR A 140 -13.97 10.83 -54.75
C THR A 140 -12.96 10.70 -53.60
N LEU A 141 -12.01 9.77 -53.75
CA LEU A 141 -10.94 9.65 -52.75
C LEU A 141 -10.24 10.98 -52.51
N MET A 142 -10.00 11.72 -53.60
CA MET A 142 -9.27 12.97 -53.52
C MET A 142 -10.06 14.01 -52.73
N GLN A 143 -11.39 13.91 -52.74
CA GLN A 143 -12.20 14.83 -51.95
C GLN A 143 -12.03 14.54 -50.48
N LEU A 144 -12.02 13.26 -50.14
CA LEU A 144 -11.80 12.86 -48.75
C LEU A 144 -10.46 13.43 -48.24
N LEU A 145 -9.42 13.33 -49.07
CA LEU A 145 -8.10 13.84 -48.70
C LEU A 145 -8.12 15.35 -48.51
N ALA A 146 -8.76 16.04 -49.45
CA ALA A 146 -8.90 17.50 -49.40
C ALA A 146 -9.65 17.97 -48.15
N GLU A 147 -10.79 17.34 -47.87
CA GLU A 147 -11.61 17.68 -46.72
C GLU A 147 -10.90 17.44 -45.41
N MET A 148 -10.16 16.35 -45.31
CA MET A 148 -9.41 16.12 -44.09
C MET A 148 -8.21 17.05 -43.91
N ASP A 149 -7.53 17.43 -45.00
CA ASP A 149 -6.45 18.42 -44.90
C ASP A 149 -7.04 19.80 -44.60
N GLY A 150 -8.30 20.00 -45.00
CA GLY A 150 -8.99 21.26 -44.79
C GLY A 150 -9.26 21.61 -43.32
N PHE A 151 -9.91 20.71 -42.57
CA PHE A 151 -10.22 21.00 -41.17
C PHE A 151 -9.04 20.65 -40.26
N ASP A 152 -8.94 21.35 -39.12
CA ASP A 152 -7.73 21.25 -38.30
C ASP A 152 -7.96 20.38 -37.05
N PRO A 153 -6.89 19.79 -36.50
CA PRO A 153 -7.03 19.03 -35.27
C PRO A 153 -7.11 20.01 -34.13
N ARG A 154 -7.64 19.58 -32.99
CA ARG A 154 -8.12 20.53 -31.94
C ARG A 154 -9.50 21.07 -32.30
N GLY A 155 -9.90 20.90 -33.58
CA GLY A 155 -11.24 21.18 -34.02
C GLY A 155 -12.22 20.16 -33.47
N ASN A 156 -13.49 20.32 -33.85
CA ASN A 156 -14.55 19.49 -33.27
C ASN A 156 -15.32 18.61 -34.27
N VAL A 157 -14.73 18.40 -35.44
CA VAL A 157 -15.20 17.36 -36.36
C VAL A 157 -14.14 16.29 -36.43
N LYS A 158 -14.50 15.06 -36.09
CA LYS A 158 -13.57 13.93 -36.20
C LYS A 158 -14.09 12.89 -37.19
N VAL A 159 -13.18 12.22 -37.88
CA VAL A 159 -13.54 11.15 -38.81
C VAL A 159 -13.11 9.78 -38.27
N ILE A 160 -14.01 8.80 -38.36
CA ILE A 160 -13.69 7.39 -38.10
C ILE A 160 -14.02 6.55 -39.33
N ALA A 161 -13.12 5.65 -39.69
CA ALA A 161 -13.31 4.81 -40.88
C ALA A 161 -13.23 3.37 -40.53
N ALA A 162 -13.96 2.55 -41.28
CA ALA A 162 -13.92 1.10 -41.09
C ALA A 162 -13.58 0.34 -42.36
N THR A 163 -12.87 -0.78 -42.20
CA THR A 163 -12.54 -1.66 -43.32
C THR A 163 -12.12 -3.06 -42.86
N ASN A 164 -12.32 -4.06 -43.72
CA ASN A 164 -11.71 -5.40 -43.58
C ASN A 164 -10.22 -5.31 -43.70
N ARG A 165 -9.81 -4.71 -44.81
CA ARG A 165 -8.50 -4.87 -45.40
C ARG A 165 -7.70 -3.57 -45.27
N PRO A 166 -7.01 -3.37 -44.15
CA PRO A 166 -6.09 -2.20 -44.08
C PRO A 166 -4.91 -2.29 -45.05
N ASP A 167 -4.57 -3.51 -45.46
CA ASP A 167 -3.43 -3.77 -46.33
C ASP A 167 -3.71 -3.31 -47.76
N ILE A 168 -4.97 -3.33 -48.17
CA ILE A 168 -5.34 -2.93 -49.53
C ILE A 168 -5.56 -1.40 -49.67
N LEU A 169 -5.48 -0.62 -48.59
CA LEU A 169 -5.70 0.84 -48.65
C LEU A 169 -4.56 1.64 -49.28
N ASP A 170 -4.92 2.61 -50.12
CA ASP A 170 -3.96 3.53 -50.70
C ASP A 170 -3.20 4.20 -49.56
N PRO A 171 -1.86 4.09 -49.57
CA PRO A 171 -1.07 4.63 -48.47
C PRO A 171 -1.27 6.14 -48.24
N ALA A 172 -1.97 6.81 -49.14
CA ALA A 172 -2.29 8.23 -48.99
C ALA A 172 -3.27 8.49 -47.82
N LEU A 173 -4.16 7.54 -47.56
CA LEU A 173 -5.08 7.60 -46.43
C LEU A 173 -4.36 7.40 -45.11
N LEU A 174 -3.23 6.72 -45.13
CA LEU A 174 -2.53 6.39 -43.90
C LEU A 174 -1.47 7.42 -43.53
N ARG A 175 -1.27 8.44 -44.37
CA ARG A 175 -0.26 9.48 -44.13
C ARG A 175 -0.69 10.41 -42.99
N PRO A 176 0.27 11.12 -42.39
CA PRO A 176 -0.04 12.02 -41.26
C PRO A 176 -1.12 13.05 -41.57
N GLY A 177 -1.96 13.33 -40.57
CA GLY A 177 -3.08 14.25 -40.72
C GLY A 177 -4.31 13.59 -41.31
N ARG A 178 -4.21 12.29 -41.59
CA ARG A 178 -5.33 11.55 -42.16
C ARG A 178 -5.71 10.43 -41.20
N PHE A 179 -5.76 9.19 -41.64
CA PHE A 179 -6.04 8.10 -40.71
C PHE A 179 -4.73 7.49 -40.26
N ASP A 180 -4.06 8.22 -39.37
CA ASP A 180 -2.74 7.87 -38.88
C ASP A 180 -2.84 7.20 -37.51
N ARG A 181 -4.03 6.72 -37.18
CA ARG A 181 -4.27 6.00 -35.93
C ARG A 181 -5.15 4.81 -36.23
N LEU A 182 -4.63 3.64 -35.95
CA LEU A 182 -5.20 2.39 -36.42
C LEU A 182 -5.54 1.51 -35.26
N ILE A 183 -6.74 0.96 -35.25
CA ILE A 183 -7.17 0.07 -34.16
C ILE A 183 -7.82 -1.17 -34.74
N GLU A 184 -7.34 -2.34 -34.31
CA GLU A 184 -7.89 -3.61 -34.76
C GLU A 184 -9.08 -3.94 -33.89
N VAL A 185 -10.21 -4.27 -34.52
CA VAL A 185 -11.42 -4.62 -33.80
C VAL A 185 -11.75 -6.03 -34.16
N PRO A 186 -11.30 -6.99 -33.35
CA PRO A 186 -11.36 -8.42 -33.65
C PRO A 186 -12.61 -9.13 -33.14
N LEU A 187 -12.74 -10.39 -33.55
CA LEU A 187 -13.84 -11.25 -33.15
C LEU A 187 -13.83 -11.38 -31.63
N PRO A 188 -15.02 -11.50 -31.02
CA PRO A 188 -15.03 -11.50 -29.57
C PRO A 188 -14.41 -12.77 -29.07
N ASP A 189 -13.56 -12.69 -28.04
CA ASP A 189 -13.04 -13.92 -27.38
C ASP A 189 -14.16 -14.58 -26.58
N GLU A 190 -13.86 -15.74 -26.02
CA GLU A 190 -14.88 -16.51 -25.32
C GLU A 190 -15.60 -15.68 -24.23
N PHE A 191 -14.85 -14.92 -23.44
CA PHE A 191 -15.43 -14.08 -22.39
C PHE A 191 -16.31 -12.97 -22.98
N SER A 192 -15.86 -12.39 -24.08
CA SER A 192 -16.59 -11.30 -24.74
C SER A 192 -17.92 -11.79 -25.28
N ARG A 193 -17.92 -12.95 -25.92
CA ARG A 193 -19.14 -13.53 -26.47
C ARG A 193 -20.26 -13.66 -25.41
N ALA A 194 -19.89 -14.06 -24.21
CA ALA A 194 -20.84 -14.20 -23.12
C ALA A 194 -21.45 -12.86 -22.73
N GLN A 195 -20.63 -11.82 -22.74
CA GLN A 195 -21.10 -10.45 -22.48
C GLN A 195 -22.08 -10.02 -23.56
N ILE A 196 -21.75 -10.35 -24.81
CA ILE A 196 -22.53 -9.89 -25.94
C ILE A 196 -23.92 -10.49 -25.88
N LEU A 197 -23.99 -11.77 -25.56
CA LEU A 197 -25.28 -12.43 -25.41
C LEU A 197 -26.06 -11.83 -24.26
N GLN A 198 -25.38 -11.52 -23.17
CA GLN A 198 -26.09 -10.98 -22.01
C GLN A 198 -26.64 -9.62 -22.35
N ILE A 199 -25.80 -8.81 -22.98
CA ILE A 199 -26.19 -7.46 -23.35
C ILE A 199 -27.48 -7.46 -24.20
N HIS A 200 -27.53 -8.37 -25.20
CA HIS A 200 -28.67 -8.37 -26.11
C HIS A 200 -29.90 -9.14 -25.58
N SER A 201 -29.71 -9.80 -24.46
CA SER A 201 -30.79 -10.39 -23.70
C SER A 201 -31.33 -9.50 -22.55
N ARG A 202 -30.77 -8.31 -22.33
CA ARG A 202 -31.14 -7.54 -21.12
C ARG A 202 -32.61 -7.12 -21.05
N LYS A 203 -33.23 -6.87 -22.20
CA LYS A 203 -34.65 -6.45 -22.28
C LYS A 203 -35.61 -7.63 -22.25
N MET A 204 -35.12 -8.81 -21.93
CA MET A 204 -35.85 -10.04 -22.16
C MET A 204 -35.64 -10.94 -20.93
N THR A 205 -36.70 -11.42 -20.31
CA THR A 205 -36.60 -12.25 -19.12
C THR A 205 -36.01 -13.62 -19.46
N THR A 206 -34.95 -13.98 -18.75
CA THR A 206 -34.22 -15.23 -18.99
C THR A 206 -34.21 -16.02 -17.70
N ASP A 207 -34.13 -17.34 -17.81
CA ASP A 207 -34.10 -18.19 -16.63
C ASP A 207 -32.81 -17.94 -15.84
N ASP A 208 -32.87 -18.27 -14.56
CA ASP A 208 -31.71 -18.21 -13.71
C ASP A 208 -30.73 -19.30 -14.10
N ASP A 209 -31.22 -20.41 -14.66
CA ASP A 209 -30.38 -21.57 -14.97
C ASP A 209 -29.56 -21.50 -16.27
N ILE A 210 -29.47 -20.31 -16.88
CA ILE A 210 -28.79 -20.16 -18.18
C ILE A 210 -27.27 -20.16 -18.02
N ASN A 211 -26.62 -21.06 -18.73
CA ASN A 211 -25.17 -21.11 -18.78
C ASN A 211 -24.59 -20.32 -19.95
N TRP A 212 -24.34 -19.05 -19.68
CA TRP A 212 -23.74 -18.16 -20.65
C TRP A 212 -22.39 -18.63 -21.18
N GLN A 213 -21.60 -19.29 -20.35
CA GLN A 213 -20.25 -19.66 -20.76
C GLN A 213 -20.25 -20.88 -21.70
N GLU A 214 -21.17 -21.83 -21.50
CA GLU A 214 -21.31 -22.92 -22.45
C GLU A 214 -21.74 -22.35 -23.81
N LEU A 215 -22.67 -21.39 -23.79
CA LEU A 215 -23.17 -20.78 -25.01
C LEU A 215 -22.01 -20.09 -25.70
N ALA A 216 -21.20 -19.38 -24.92
CA ALA A 216 -20.01 -18.77 -25.46
C ALA A 216 -19.02 -19.80 -26.07
N ARG A 217 -18.80 -20.95 -25.41
CA ARG A 217 -17.97 -22.03 -26.00
C ARG A 217 -18.54 -22.54 -27.33
N SER A 218 -19.86 -22.56 -27.43
CA SER A 218 -20.53 -23.06 -28.60
C SER A 218 -20.65 -22.05 -29.75
N THR A 219 -20.02 -20.88 -29.60
CA THR A 219 -20.13 -19.84 -30.60
C THR A 219 -18.73 -19.39 -31.03
N ASP A 220 -17.78 -20.32 -30.99
CA ASP A 220 -16.46 -20.07 -31.52
C ASP A 220 -16.63 -19.48 -32.91
N GLU A 221 -15.90 -18.40 -33.19
CA GLU A 221 -15.89 -17.67 -34.48
C GLU A 221 -17.13 -16.85 -34.84
N PHE A 222 -18.07 -16.72 -33.93
CA PHE A 222 -19.21 -15.84 -34.15
C PHE A 222 -18.75 -14.38 -34.01
N ASN A 223 -19.40 -13.50 -34.77
CA ASN A 223 -19.28 -12.07 -34.55
C ASN A 223 -20.43 -11.54 -33.70
N GLY A 224 -20.30 -10.30 -33.28
CA GLY A 224 -21.33 -9.63 -32.47
C GLY A 224 -22.69 -9.62 -33.11
N ALA A 225 -22.77 -9.32 -34.39
CA ALA A 225 -24.08 -9.38 -35.07
C ALA A 225 -24.75 -10.76 -35.01
N GLN A 226 -23.98 -11.84 -35.15
CA GLN A 226 -24.59 -13.17 -35.05
C GLN A 226 -24.96 -13.53 -33.65
N LEU A 227 -24.17 -13.06 -32.69
CA LEU A 227 -24.57 -13.22 -31.28
C LEU A 227 -25.88 -12.47 -30.97
N LYS A 228 -26.05 -11.27 -31.52
CA LYS A 228 -27.32 -10.55 -31.32
C LYS A 228 -28.47 -11.32 -31.93
N ALA A 229 -28.22 -11.85 -33.13
CA ALA A 229 -29.21 -12.64 -33.86
C ALA A 229 -29.60 -13.88 -33.06
N VAL A 230 -28.64 -14.48 -32.36
CA VAL A 230 -28.95 -15.62 -31.50
C VAL A 230 -29.94 -15.17 -30.47
N THR A 231 -29.68 -14.06 -29.77
CA THR A 231 -30.64 -13.56 -28.75
C THR A 231 -32.01 -13.39 -29.37
N VAL A 232 -32.06 -12.80 -30.55
CA VAL A 232 -33.34 -12.61 -31.24
C VAL A 232 -34.09 -13.95 -31.55
N GLU A 233 -33.42 -14.97 -32.11
CA GLU A 233 -34.10 -16.25 -32.34
C GLU A 233 -34.52 -16.93 -31.04
N ALA A 234 -33.67 -16.88 -30.03
CA ALA A 234 -34.02 -17.48 -28.76
C ALA A 234 -35.33 -16.89 -28.28
N GLY A 235 -35.41 -15.57 -28.31
CA GLY A 235 -36.64 -14.87 -27.91
C GLY A 235 -37.84 -15.28 -28.74
N MET A 236 -37.63 -15.41 -30.06
CA MET A 236 -38.69 -15.83 -30.98
C MET A 236 -39.15 -17.28 -30.75
N ILE A 237 -38.24 -18.16 -30.38
CA ILE A 237 -38.63 -19.54 -30.05
C ILE A 237 -39.49 -19.61 -28.78
N ALA A 238 -39.08 -18.86 -27.76
CA ALA A 238 -39.87 -18.70 -26.54
C ALA A 238 -41.29 -18.19 -26.82
N LEU A 239 -41.39 -17.21 -27.72
CA LEU A 239 -42.68 -16.68 -28.12
C LEU A 239 -43.54 -17.73 -28.79
N ARG A 240 -43.00 -18.37 -29.83
CA ARG A 240 -43.75 -19.43 -30.54
C ARG A 240 -44.21 -20.55 -29.62
N ASN A 241 -43.44 -20.80 -28.54
CA ASN A 241 -43.83 -21.73 -27.46
C ASN A 241 -44.67 -21.12 -26.33
N GLY A 242 -45.10 -19.89 -26.46
CA GLY A 242 -45.91 -19.24 -25.41
C GLY A 242 -45.31 -19.20 -24.02
N GLN A 243 -43.98 -19.17 -23.96
CA GLN A 243 -43.26 -19.05 -22.70
C GLN A 243 -43.24 -17.58 -22.29
N SER A 244 -43.12 -17.29 -21.00
CA SER A 244 -42.93 -15.89 -20.52
C SER A 244 -41.48 -15.63 -20.10
N SER A 245 -40.58 -16.57 -20.42
CA SER A 245 -39.15 -16.32 -20.28
C SER A 245 -38.33 -17.24 -21.18
N VAL A 246 -37.07 -16.84 -21.42
CA VAL A 246 -36.21 -17.52 -22.37
C VAL A 246 -35.28 -18.51 -21.68
N LYS A 247 -35.30 -19.76 -22.16
CA LYS A 247 -34.62 -20.89 -21.51
C LYS A 247 -33.26 -21.06 -22.13
N HIS A 248 -32.42 -21.81 -21.44
CA HIS A 248 -31.09 -22.14 -21.96
C HIS A 248 -31.22 -22.89 -23.29
N GLU A 249 -32.17 -23.81 -23.38
CA GLU A 249 -32.31 -24.64 -24.58
C GLU A 249 -32.79 -23.81 -25.76
N ASP A 250 -33.43 -22.69 -25.47
CA ASP A 250 -33.81 -21.75 -26.50
C ASP A 250 -32.60 -21.07 -27.13
N PHE A 251 -31.59 -20.76 -26.32
CA PHE A 251 -30.36 -20.13 -26.82
C PHE A 251 -29.58 -21.14 -27.63
N VAL A 252 -29.61 -22.40 -27.21
CA VAL A 252 -28.88 -23.45 -27.88
C VAL A 252 -29.47 -23.73 -29.27
N GLU A 253 -30.79 -23.63 -29.38
CA GLU A 253 -31.48 -23.83 -30.66
C GLU A 253 -31.26 -22.63 -31.56
N GLY A 254 -31.22 -21.44 -30.96
CA GLY A 254 -30.92 -20.19 -31.68
C GLY A 254 -29.53 -20.15 -32.26
N ILE A 255 -28.55 -20.67 -31.52
CA ILE A 255 -27.18 -20.83 -32.03
C ILE A 255 -27.20 -21.75 -33.23
N SER A 256 -27.88 -22.88 -33.10
CA SER A 256 -27.99 -23.82 -34.20
C SER A 256 -28.64 -23.18 -35.45
N GLU A 257 -29.63 -22.30 -35.25
CA GLU A 257 -30.28 -21.62 -36.36
C GLU A 257 -29.34 -20.60 -37.04
N VAL A 258 -28.61 -19.81 -36.25
CA VAL A 258 -27.73 -18.80 -36.82
C VAL A 258 -26.59 -19.51 -37.57
N GLN A 259 -26.12 -20.64 -37.03
CA GLN A 259 -25.09 -21.43 -37.75
C GLN A 259 -25.58 -21.98 -39.09
N ALA A 260 -26.85 -22.37 -39.15
CA ALA A 260 -27.45 -22.76 -40.41
C ALA A 260 -27.49 -21.64 -41.46
N ARG A 261 -27.82 -20.42 -41.05
CA ARG A 261 -27.91 -19.28 -41.99
C ARG A 261 -26.56 -18.85 -42.55
N LYS A 262 -25.51 -18.93 -41.73
CA LYS A 262 -24.14 -18.68 -42.17
C LYS A 262 -23.81 -19.55 -43.38
N SER A 263 -24.06 -20.85 -43.25
CA SER A 263 -23.87 -21.87 -44.29
C SER A 263 -24.63 -21.56 -45.57
N LYS A 264 -25.76 -20.88 -45.46
CA LYS A 264 -26.51 -20.39 -46.62
C LYS A 264 -26.08 -18.98 -47.12
N SER A 265 -24.79 -18.74 -47.32
CA SER A 265 -24.24 -17.37 -47.49
C SER A 265 -25.27 -16.35 -48.01
N MET B 4 25.51 -3.15 -8.55
CA MET B 4 25.06 -2.72 -9.90
C MET B 4 23.70 -3.38 -10.30
N GLY B 5 23.65 -4.26 -11.32
CA GLY B 5 22.46 -5.10 -11.66
C GLY B 5 21.66 -4.64 -12.89
N PHE B 6 21.58 -3.33 -13.07
CA PHE B 6 20.77 -2.73 -14.11
C PHE B 6 21.10 -1.26 -14.09
N GLU B 7 20.99 -0.62 -15.25
CA GLU B 7 21.44 0.75 -15.44
C GLU B 7 20.44 1.73 -14.77
N VAL B 8 20.95 2.68 -13.99
CA VAL B 8 20.15 3.76 -13.38
C VAL B 8 20.69 5.10 -13.84
N VAL B 9 19.81 5.95 -14.36
CA VAL B 9 20.21 7.22 -14.92
C VAL B 9 19.33 8.27 -14.29
N GLU B 10 19.89 9.05 -13.37
CA GLU B 10 19.11 9.96 -12.53
C GLU B 10 18.18 10.83 -13.36
N ARG B 11 18.66 11.29 -14.50
CA ARG B 11 17.84 12.04 -15.43
C ARG B 11 18.54 12.10 -16.77
N PRO B 12 18.00 11.38 -17.77
CA PRO B 12 18.73 11.19 -19.01
C PRO B 12 18.71 12.43 -19.89
N ASN B 13 19.83 12.72 -20.53
CA ASN B 13 19.95 13.94 -21.33
C ASN B 13 19.72 13.56 -22.79
N VAL B 14 18.47 13.23 -23.07
CA VAL B 14 18.02 12.87 -24.40
C VAL B 14 16.64 13.52 -24.55
N THR B 15 16.43 14.21 -25.67
CA THR B 15 15.16 14.86 -25.93
C THR B 15 14.53 14.35 -27.22
N TYR B 16 13.31 14.79 -27.45
CA TYR B 16 12.61 14.48 -28.68
C TYR B 16 13.33 15.00 -29.93
N ASN B 17 14.13 16.05 -29.79
CA ASN B 17 14.96 16.55 -30.89
C ASN B 17 16.13 15.66 -31.27
N ASP B 18 16.47 14.69 -30.41
CA ASP B 18 17.54 13.73 -30.70
C ASP B 18 17.04 12.50 -31.48
N ILE B 19 15.74 12.43 -31.72
CA ILE B 19 15.09 11.30 -32.35
C ILE B 19 14.72 11.66 -33.79
N GLY B 20 15.20 10.87 -34.74
CA GLY B 20 14.90 11.08 -36.14
C GLY B 20 13.71 10.27 -36.62
N GLY B 21 12.78 10.94 -37.28
CA GLY B 21 11.65 10.29 -37.92
C GLY B 21 10.83 9.25 -37.21
N LEU B 22 10.18 9.58 -36.12
CA LEU B 22 9.24 8.59 -35.52
C LEU B 22 8.10 9.40 -34.93
N LYS B 23 7.58 10.33 -35.74
CA LYS B 23 6.67 11.35 -35.21
C LYS B 23 5.39 10.72 -34.71
N LYS B 24 4.82 9.85 -35.53
CA LYS B 24 3.57 9.17 -35.21
C LYS B 24 3.75 8.22 -34.02
N GLN B 25 4.84 7.45 -33.99
CA GLN B 25 5.01 6.47 -32.92
C GLN B 25 5.42 7.14 -31.63
N LEU B 26 6.21 8.19 -31.74
CA LEU B 26 6.53 8.98 -30.56
C LEU B 26 5.24 9.61 -29.96
N GLN B 27 4.37 10.14 -30.81
CA GLN B 27 3.12 10.69 -30.34
C GLN B 27 2.25 9.68 -29.59
N GLU B 28 2.17 8.45 -30.10
CA GLU B 28 1.40 7.42 -29.41
C GLU B 28 1.97 7.08 -28.03
N LEU B 29 3.29 7.14 -27.90
CA LEU B 29 3.94 6.81 -26.63
C LEU B 29 3.76 7.97 -25.64
N ARG B 30 3.87 9.19 -26.15
CA ARG B 30 3.59 10.38 -25.36
C ARG B 30 2.14 10.38 -24.86
N GLU B 31 1.19 10.07 -25.73
CA GLU B 31 -0.24 9.97 -25.35
C GLU B 31 -0.48 8.89 -24.31
N ALA B 32 0.40 7.91 -24.25
CA ALA B 32 0.25 6.72 -23.38
C ALA B 32 0.85 6.89 -22.01
N ILE B 33 1.99 7.57 -21.96
CA ILE B 33 2.77 7.70 -20.75
C ILE B 33 2.90 9.16 -20.27
N GLU B 34 3.22 10.09 -21.17
CA GLU B 34 3.47 11.49 -20.80
C GLU B 34 2.18 12.20 -20.38
N LEU B 35 1.14 12.11 -21.21
CA LEU B 35 -0.17 12.66 -20.88
C LEU B 35 -0.69 12.23 -19.50
N PRO B 36 -0.72 10.92 -19.20
CA PRO B 36 -1.21 10.53 -17.87
C PRO B 36 -0.25 10.85 -16.70
N LEU B 37 0.99 11.23 -16.99
CA LEU B 37 1.92 11.62 -15.95
C LEU B 37 1.76 13.11 -15.61
N LYS B 38 1.60 13.91 -16.67
CA LYS B 38 1.49 15.35 -16.55
C LYS B 38 0.12 15.77 -16.08
N HIS B 39 -0.88 14.92 -16.31
CA HIS B 39 -2.28 15.27 -16.08
C HIS B 39 -3.11 14.06 -15.73
N PRO B 40 -2.72 13.33 -14.69
CA PRO B 40 -3.40 12.06 -14.35
C PRO B 40 -4.85 12.26 -13.96
N GLU B 41 -5.17 13.50 -13.58
CA GLU B 41 -6.49 13.88 -13.08
C GLU B 41 -7.52 13.83 -14.20
N LEU B 42 -7.09 14.14 -15.40
CA LEU B 42 -7.93 14.01 -16.57
C LEU B 42 -8.37 12.59 -16.83
N PHE B 43 -7.47 11.63 -16.63
CA PHE B 43 -7.79 10.23 -16.88
C PHE B 43 -8.75 9.67 -15.83
N GLU B 44 -8.83 10.32 -14.67
CA GLU B 44 -9.75 9.93 -13.61
C GLU B 44 -11.12 10.55 -13.84
N GLU B 45 -11.12 11.82 -14.21
CA GLU B 45 -12.35 12.53 -14.54
C GLU B 45 -13.17 11.72 -15.55
N VAL B 46 -12.50 11.26 -16.60
CA VAL B 46 -13.13 10.52 -17.69
C VAL B 46 -13.27 9.01 -17.39
N GLY B 47 -12.60 8.53 -16.35
CA GLY B 47 -12.75 7.16 -15.90
C GLY B 47 -12.11 6.17 -16.86
N ILE B 48 -10.86 6.43 -17.26
CA ILE B 48 -10.07 5.44 -18.01
C ILE B 48 -8.69 5.24 -17.40
N ASP B 49 -8.35 3.99 -17.13
CA ASP B 49 -7.06 3.65 -16.59
C ASP B 49 -6.01 3.74 -17.68
N PRO B 50 -5.01 4.62 -17.52
CA PRO B 50 -3.95 4.58 -18.53
C PRO B 50 -3.15 3.30 -18.45
N PRO B 51 -2.38 2.99 -19.49
CA PRO B 51 -1.66 1.71 -19.54
C PRO B 51 -0.45 1.67 -18.62
N LYS B 52 -0.29 0.58 -17.90
CA LYS B 52 0.86 0.39 -17.02
C LYS B 52 2.13 0.07 -17.83
N GLY B 53 1.92 -0.62 -18.95
CA GLY B 53 3.01 -1.14 -19.79
C GLY B 53 2.79 -0.81 -21.25
N VAL B 54 3.84 -0.35 -21.90
CA VAL B 54 3.82 -0.11 -23.32
C VAL B 54 4.92 -0.96 -23.92
N LEU B 55 4.56 -1.78 -24.91
CA LEU B 55 5.51 -2.62 -25.61
C LEU B 55 5.88 -1.97 -26.95
N LEU B 56 7.15 -1.60 -27.07
CA LEU B 56 7.73 -1.21 -28.33
C LEU B 56 8.36 -2.44 -29.02
N TYR B 57 8.07 -2.65 -30.30
CA TYR B 57 8.65 -3.78 -31.02
C TYR B 57 9.06 -3.38 -32.41
N GLY B 58 10.04 -4.11 -32.92
CA GLY B 58 10.61 -3.85 -34.25
C GLY B 58 12.08 -4.23 -34.27
N PRO B 59 12.75 -4.04 -35.40
CA PRO B 59 14.11 -4.53 -35.48
C PRO B 59 15.10 -3.70 -34.66
N PRO B 60 16.25 -4.28 -34.35
CA PRO B 60 17.29 -3.63 -33.55
C PRO B 60 17.72 -2.26 -34.06
N GLY B 61 18.15 -1.44 -33.11
CA GLY B 61 18.75 -0.14 -33.38
C GLY B 61 17.88 0.82 -34.13
N CYS B 62 16.58 0.77 -33.93
CA CYS B 62 15.69 1.72 -34.61
C CYS B 62 15.13 2.81 -33.66
N GLY B 63 15.59 2.81 -32.41
CA GLY B 63 15.29 3.91 -31.48
C GLY B 63 14.30 3.65 -30.35
N LYS B 64 13.99 2.40 -30.06
CA LYS B 64 13.14 2.10 -28.93
C LYS B 64 13.74 2.67 -27.65
N THR B 65 14.99 2.31 -27.39
CA THR B 65 15.65 2.79 -26.18
C THR B 65 15.66 4.32 -26.18
N LEU B 66 15.97 4.93 -27.31
CA LEU B 66 15.90 6.38 -27.45
C LEU B 66 14.58 7.00 -26.99
N MET B 67 13.48 6.48 -27.53
CA MET B 67 12.19 6.99 -27.23
C MET B 67 11.96 6.91 -25.73
N ALA B 68 12.30 5.77 -25.15
CA ALA B 68 12.11 5.54 -23.73
C ALA B 68 12.89 6.54 -22.87
N LYS B 69 14.16 6.79 -23.22
CA LYS B 69 14.94 7.76 -22.51
C LYS B 69 14.35 9.14 -22.68
N ALA B 70 13.90 9.45 -23.89
CA ALA B 70 13.36 10.77 -24.19
C ALA B 70 12.10 11.05 -23.40
N ILE B 71 11.21 10.07 -23.32
CA ILE B 71 9.99 10.21 -22.50
C ILE B 71 10.37 10.58 -21.07
N ALA B 72 11.30 9.82 -20.50
CA ALA B 72 11.72 10.01 -19.11
C ALA B 72 12.24 11.43 -18.88
N HIS B 73 13.01 11.93 -19.84
CA HIS B 73 13.51 13.30 -19.80
C HIS B 73 12.37 14.32 -19.74
N GLU B 74 11.41 14.23 -20.66
CA GLU B 74 10.32 15.23 -20.74
C GLU B 74 9.51 15.29 -19.47
N VAL B 75 9.37 14.14 -18.83
CA VAL B 75 8.48 13.98 -17.71
C VAL B 75 9.24 13.98 -16.35
N ASN B 76 10.54 14.33 -16.39
CA ASN B 76 11.40 14.50 -15.20
C ASN B 76 11.51 13.28 -14.33
N ALA B 77 11.63 12.14 -14.99
CA ALA B 77 11.58 10.84 -14.34
C ALA B 77 12.94 10.18 -14.35
N THR B 78 13.13 9.27 -13.42
CA THR B 78 14.28 8.41 -13.45
C THR B 78 14.09 7.37 -14.57
N PHE B 79 15.20 7.00 -15.21
CA PHE B 79 15.18 5.95 -16.21
C PHE B 79 15.97 4.75 -15.70
N ILE B 80 15.30 3.61 -15.53
CA ILE B 80 15.99 2.39 -15.15
C ILE B 80 15.85 1.33 -16.23
N ARG B 81 16.98 0.73 -16.58
CA ARG B 81 17.06 -0.17 -17.70
C ARG B 81 17.53 -1.51 -17.20
N VAL B 82 16.79 -2.53 -17.56
CA VAL B 82 17.25 -3.92 -17.40
C VAL B 82 17.38 -4.52 -18.77
N VAL B 83 18.32 -5.46 -18.92
CA VAL B 83 18.48 -6.23 -20.15
C VAL B 83 17.96 -7.65 -19.95
N GLY B 84 17.02 -8.05 -20.77
CA GLY B 84 16.38 -9.35 -20.62
C GLY B 84 17.35 -10.52 -20.62
N SER B 85 18.33 -10.49 -21.52
CA SER B 85 19.24 -11.64 -21.63
C SER B 85 20.15 -11.74 -20.42
N GLU B 86 20.37 -10.61 -19.74
CA GLU B 86 21.13 -10.61 -18.51
C GLU B 86 20.34 -11.13 -17.33
N LEU B 87 19.02 -11.06 -17.40
CA LEU B 87 18.18 -11.64 -16.34
C LEU B 87 18.08 -13.16 -16.35
N VAL B 88 18.52 -13.81 -17.43
CA VAL B 88 18.59 -15.29 -17.50
C VAL B 88 19.90 -15.82 -16.90
N ARG B 89 19.79 -16.67 -15.88
CA ARG B 89 20.94 -17.19 -15.11
C ARG B 89 21.09 -18.71 -15.25
N GLU B 94 17.13 -16.87 -8.47
CA GLU B 94 17.79 -15.57 -8.54
C GLU B 94 17.38 -14.83 -9.80
N GLY B 95 17.05 -13.55 -9.69
CA GLY B 95 16.52 -12.83 -10.83
C GLY B 95 15.05 -12.50 -10.68
N ALA B 96 14.31 -13.34 -9.96
CA ALA B 96 13.02 -12.89 -9.44
C ALA B 96 13.29 -11.85 -8.33
N ARG B 97 14.33 -12.09 -7.54
CA ARG B 97 14.79 -11.14 -6.53
C ARG B 97 15.24 -9.83 -7.18
N LEU B 98 15.89 -9.94 -8.33
CA LEU B 98 16.39 -8.79 -9.05
C LEU B 98 15.26 -7.94 -9.69
N VAL B 99 14.21 -8.60 -10.18
CA VAL B 99 13.05 -7.88 -10.69
C VAL B 99 12.38 -7.12 -9.57
N HIS B 100 12.36 -7.73 -8.38
CA HIS B 100 11.74 -7.09 -7.23
C HIS B 100 12.53 -5.86 -6.78
N GLU B 101 13.84 -6.02 -6.58
CA GLU B 101 14.72 -4.87 -6.27
C GLU B 101 14.49 -3.74 -7.26
N LEU B 102 14.45 -4.09 -8.54
CA LEU B 102 14.21 -3.11 -9.62
C LEU B 102 12.96 -2.27 -9.39
N PHE B 103 11.83 -2.92 -9.10
CA PHE B 103 10.59 -2.17 -8.93
C PHE B 103 10.54 -1.40 -7.61
N GLU B 104 11.23 -1.91 -6.59
CA GLU B 104 11.30 -1.22 -5.30
C GLU B 104 12.06 0.08 -5.47
N LEU B 105 13.21 0.00 -6.10
CA LEU B 105 14.02 1.17 -6.36
C LEU B 105 13.25 2.17 -7.19
N ALA B 106 12.56 1.65 -8.20
CA ALA B 106 11.83 2.53 -9.10
C ALA B 106 10.78 3.32 -8.33
N LYS B 107 10.15 2.71 -7.33
CA LYS B 107 9.15 3.41 -6.54
C LYS B 107 9.78 4.48 -5.66
N GLU B 108 10.92 4.12 -5.07
CA GLU B 108 11.68 5.02 -4.24
C GLU B 108 12.05 6.28 -5.01
N LYS B 109 12.57 6.09 -6.22
CA LYS B 109 13.05 7.23 -7.03
C LYS B 109 12.01 7.78 -8.00
N ALA B 110 10.75 7.49 -7.72
CA ALA B 110 9.63 7.93 -8.54
C ALA B 110 9.51 9.44 -8.58
N PRO B 111 9.03 10.01 -9.71
CA PRO B 111 8.57 9.34 -10.94
C PRO B 111 9.65 8.56 -11.65
N THR B 112 9.31 7.35 -12.12
CA THR B 112 10.28 6.48 -12.80
C THR B 112 9.77 5.86 -14.08
N ILE B 113 10.64 5.76 -15.09
CA ILE B 113 10.35 4.96 -16.30
C ILE B 113 11.25 3.73 -16.27
N ILE B 114 10.65 2.55 -16.13
CA ILE B 114 11.40 1.28 -16.21
C ILE B 114 11.46 0.81 -17.66
N PHE B 115 12.66 0.59 -18.18
CA PHE B 115 12.78 0.07 -19.55
C PHE B 115 13.32 -1.36 -19.48
N ILE B 116 12.53 -2.31 -20.00
CA ILE B 116 12.91 -3.71 -20.03
C ILE B 116 13.28 -4.12 -21.46
N ASP B 117 14.56 -4.18 -21.75
CA ASP B 117 15.00 -4.55 -23.09
C ASP B 117 14.97 -6.05 -23.26
N GLU B 118 14.86 -6.51 -24.49
CA GLU B 118 14.85 -7.94 -24.77
C GLU B 118 13.87 -8.67 -23.84
N ILE B 119 12.65 -8.19 -23.74
CA ILE B 119 11.69 -8.85 -22.86
C ILE B 119 11.41 -10.31 -23.27
N ASP B 120 11.48 -10.61 -24.56
CA ASP B 120 11.35 -12.00 -25.08
C ASP B 120 12.29 -13.02 -24.42
N ALA B 121 13.49 -12.60 -24.03
CA ALA B 121 14.43 -13.50 -23.36
C ALA B 121 13.85 -14.08 -22.07
N ILE B 122 12.95 -13.30 -21.47
CA ILE B 122 12.33 -13.62 -20.19
C ILE B 122 10.89 -14.13 -20.36
N GLY B 123 10.16 -13.60 -21.35
CA GLY B 123 8.75 -13.93 -21.53
C GLY B 123 8.34 -14.68 -22.79
N ALA B 124 9.13 -15.65 -23.23
CA ALA B 124 8.70 -16.51 -24.36
C ALA B 124 7.63 -17.54 -23.91
N LYS B 125 6.79 -17.98 -24.83
CA LYS B 125 5.58 -18.76 -24.47
C LYS B 125 5.74 -20.29 -24.47
N GLU B 136 2.46 -21.21 -12.19
CA GLU B 136 2.03 -21.51 -13.54
C GLU B 136 3.17 -21.29 -14.62
N VAL B 137 3.86 -20.14 -14.53
CA VAL B 137 4.81 -19.56 -15.52
C VAL B 137 6.25 -19.50 -14.92
N ASN B 138 7.30 -19.22 -15.69
CA ASN B 138 8.68 -19.11 -15.10
C ASN B 138 8.85 -17.99 -14.02
N ARG B 139 9.74 -18.27 -13.06
CA ARG B 139 9.78 -17.57 -11.78
C ARG B 139 10.15 -16.08 -11.91
N THR B 140 11.04 -15.75 -12.85
CA THR B 140 11.38 -14.36 -13.14
C THR B 140 10.22 -13.65 -13.86
N LEU B 141 9.68 -14.27 -14.92
CA LEU B 141 8.53 -13.71 -15.60
C LEU B 141 7.38 -13.45 -14.60
N MET B 142 7.17 -14.37 -13.67
CA MET B 142 6.08 -14.28 -12.75
C MET B 142 6.27 -13.08 -11.81
N GLN B 143 7.51 -12.69 -11.56
CA GLN B 143 7.75 -11.51 -10.72
C GLN B 143 7.33 -10.27 -11.47
N LEU B 144 7.65 -10.22 -12.76
CA LEU B 144 7.25 -9.09 -13.58
C LEU B 144 5.72 -8.93 -13.54
N LEU B 145 5.00 -10.04 -13.63
CA LEU B 145 3.56 -10.00 -13.64
C LEU B 145 3.04 -9.52 -12.31
N ALA B 146 3.61 -10.04 -11.24
CA ALA B 146 3.24 -9.65 -9.89
C ALA B 146 3.46 -8.15 -9.64
N GLU B 147 4.64 -7.66 -10.01
CA GLU B 147 5.00 -6.27 -9.80
C GLU B 147 4.11 -5.32 -10.59
N MET B 148 3.78 -5.69 -11.81
CA MET B 148 2.88 -4.84 -12.56
C MET B 148 1.43 -4.85 -12.08
N ASP B 149 0.95 -5.99 -11.60
CA ASP B 149 -0.39 -6.05 -10.97
C ASP B 149 -0.37 -5.31 -9.64
N GLY B 150 0.80 -5.24 -9.02
CA GLY B 150 0.98 -4.56 -7.74
C GLY B 150 0.74 -3.05 -7.80
N PHE B 151 1.46 -2.33 -8.67
CA PHE B 151 1.30 -0.87 -8.74
C PHE B 151 0.12 -0.47 -9.61
N ASP B 152 -0.48 0.69 -9.34
CA ASP B 152 -1.73 1.06 -9.98
C ASP B 152 -1.53 2.11 -11.10
N PRO B 153 -2.46 2.15 -12.08
CA PRO B 153 -2.36 3.18 -13.11
C PRO B 153 -2.88 4.49 -12.52
N ARG B 154 -2.51 5.61 -13.11
CA ARG B 154 -2.61 6.93 -12.42
C ARG B 154 -1.44 7.13 -11.47
N GLY B 155 -0.73 6.05 -11.16
CA GLY B 155 0.51 6.12 -10.42
C GLY B 155 1.60 6.74 -11.27
N ASN B 156 2.79 6.84 -10.70
CA ASN B 156 3.90 7.53 -11.35
C ASN B 156 5.11 6.65 -11.72
N VAL B 157 4.93 5.34 -11.74
CA VAL B 157 5.94 4.42 -12.25
C VAL B 157 5.34 3.77 -13.48
N LYS B 158 5.99 3.94 -14.64
CA LYS B 158 5.53 3.32 -15.88
C LYS B 158 6.58 2.35 -16.41
N VAL B 159 6.13 1.28 -17.05
CA VAL B 159 7.03 0.31 -17.66
C VAL B 159 6.97 0.39 -19.18
N ILE B 160 8.14 0.39 -19.82
CA ILE B 160 8.25 0.23 -21.26
C ILE B 160 9.11 -0.99 -21.61
N ALA B 161 8.68 -1.78 -22.57
CA ALA B 161 9.40 -2.99 -22.91
C ALA B 161 9.73 -3.01 -24.38
N ALA B 162 10.82 -3.66 -24.73
CA ALA B 162 11.24 -3.78 -26.14
C ALA B 162 11.48 -5.22 -26.56
N THR B 163 11.17 -5.52 -27.82
CA THR B 163 11.40 -6.84 -28.39
C THR B 163 11.36 -6.83 -29.91
N ASN B 164 12.05 -7.78 -30.53
CA ASN B 164 11.89 -8.10 -31.96
C ASN B 164 10.52 -8.65 -32.22
N ARG B 165 10.22 -9.70 -31.44
CA ARG B 165 9.21 -10.70 -31.78
C ARG B 165 8.02 -10.57 -30.81
N PRO B 166 7.04 -9.72 -31.13
CA PRO B 166 5.83 -9.67 -30.30
C PRO B 166 5.01 -10.97 -30.37
N ASP B 167 5.18 -11.70 -31.47
CA ASP B 167 4.43 -12.93 -31.72
C ASP B 167 4.89 -14.07 -30.80
N ILE B 168 6.16 -14.06 -30.41
CA ILE B 168 6.70 -15.11 -29.57
C ILE B 168 6.45 -14.87 -28.06
N LEU B 169 5.85 -13.74 -27.69
CA LEU B 169 5.60 -13.42 -26.24
C LEU B 169 4.46 -14.19 -25.62
N ASP B 170 4.69 -14.65 -24.40
CA ASP B 170 3.65 -15.30 -23.62
C ASP B 170 2.46 -14.34 -23.55
N PRO B 171 1.28 -14.78 -24.01
CA PRO B 171 0.12 -13.90 -24.01
C PRO B 171 -0.23 -13.31 -22.66
N ALA B 172 0.41 -13.79 -21.59
CA ALA B 172 0.18 -13.26 -20.23
C ALA B 172 0.68 -11.81 -20.09
N LEU B 173 1.75 -11.50 -20.82
CA LEU B 173 2.29 -10.15 -20.85
C LEU B 173 1.38 -9.19 -21.59
N LEU B 174 0.58 -9.71 -22.50
CA LEU B 174 -0.24 -8.84 -23.34
C LEU B 174 -1.63 -8.64 -22.76
N ARG B 175 -1.93 -9.28 -21.64
CA ARG B 175 -3.26 -9.16 -20.99
C ARG B 175 -3.45 -7.79 -20.35
N PRO B 176 -4.70 -7.40 -20.09
CA PRO B 176 -4.98 -6.06 -19.55
C PRO B 176 -4.23 -5.80 -18.25
N GLY B 177 -3.82 -4.55 -18.07
CA GLY B 177 -3.07 -4.15 -16.88
C GLY B 177 -1.58 -4.45 -17.00
N ARG B 178 -1.18 -4.98 -18.15
CA ARG B 178 0.21 -5.30 -18.41
C ARG B 178 0.70 -4.52 -19.61
N PHE B 179 1.27 -5.16 -20.61
CA PHE B 179 1.65 -4.45 -21.82
C PHE B 179 0.53 -4.57 -22.83
N ASP B 180 -0.53 -3.81 -22.60
CA ASP B 180 -1.75 -3.83 -23.41
C ASP B 180 -1.76 -2.67 -24.40
N ARG B 181 -0.60 -2.08 -24.63
CA ARG B 181 -0.44 -0.98 -25.58
C ARG B 181 0.83 -1.21 -26.38
N LEU B 182 0.67 -1.38 -27.69
CA LEU B 182 1.72 -1.91 -28.54
C LEU B 182 2.05 -0.90 -29.60
N ILE B 183 3.34 -0.61 -29.79
CA ILE B 183 3.76 0.34 -30.84
C ILE B 183 4.90 -0.25 -31.65
N GLU B 184 4.74 -0.28 -32.97
CA GLU B 184 5.76 -0.78 -33.86
C GLU B 184 6.74 0.34 -34.10
N VAL B 185 8.03 0.04 -33.93
CA VAL B 185 9.08 1.02 -34.19
C VAL B 185 9.93 0.47 -35.32
N PRO B 186 9.63 0.88 -36.56
CA PRO B 186 10.22 0.32 -37.77
C PRO B 186 11.48 1.02 -38.26
N LEU B 187 12.11 0.40 -39.25
CA LEU B 187 13.30 0.94 -39.91
C LEU B 187 12.99 2.34 -40.46
N PRO B 188 13.98 3.24 -40.44
CA PRO B 188 13.66 4.58 -40.90
C PRO B 188 13.39 4.61 -42.38
N ASP B 189 12.35 5.31 -42.82
CA ASP B 189 12.11 5.51 -44.27
C ASP B 189 13.16 6.47 -44.83
N GLU B 190 13.14 6.69 -46.12
CA GLU B 190 14.16 7.50 -46.78
C GLU B 190 14.30 8.89 -46.13
N PHE B 191 13.17 9.53 -45.85
CA PHE B 191 13.18 10.87 -45.22
C PHE B 191 13.78 10.81 -43.81
N SER B 192 13.43 9.76 -43.07
CA SER B 192 13.91 9.58 -41.70
C SER B 192 15.41 9.41 -41.66
N ARG B 193 15.94 8.57 -42.55
CA ARG B 193 17.38 8.30 -42.62
C ARG B 193 18.20 9.59 -42.75
N ALA B 194 17.71 10.52 -43.56
CA ALA B 194 18.39 11.80 -43.76
C ALA B 194 18.41 12.62 -42.47
N GLN B 195 17.32 12.56 -41.70
CA GLN B 195 17.26 13.22 -40.39
C GLN B 195 18.25 12.61 -39.42
N ILE B 196 18.34 11.28 -39.47
CA ILE B 196 19.17 10.58 -38.52
C ILE B 196 20.63 10.95 -38.75
N LEU B 197 21.04 10.99 -40.02
CA LEU B 197 22.41 11.39 -40.35
C LEU B 197 22.67 12.82 -39.94
N GLN B 198 21.69 13.68 -40.14
CA GLN B 198 21.88 15.07 -39.76
C GLN B 198 22.04 15.17 -38.26
N ILE B 199 21.16 14.49 -37.53
CA ILE B 199 21.15 14.53 -36.07
C ILE B 199 22.50 14.11 -35.48
N HIS B 200 23.06 13.03 -36.01
CA HIS B 200 24.33 12.54 -35.49
C HIS B 200 25.59 13.27 -36.03
N SER B 201 25.37 14.17 -37.01
CA SER B 201 26.40 15.07 -37.50
C SER B 201 26.35 16.45 -36.87
N ARG B 202 25.38 16.73 -35.99
CA ARG B 202 25.20 18.12 -35.56
C ARG B 202 26.38 18.74 -34.83
N LYS B 203 27.13 17.93 -34.08
CA LYS B 203 28.30 18.38 -33.29
C LYS B 203 29.58 18.46 -34.13
N MET B 204 29.44 18.36 -35.43
CA MET B 204 30.55 18.12 -36.32
C MET B 204 30.36 18.99 -37.57
N THR B 205 31.34 19.82 -37.91
CA THR B 205 31.21 20.75 -39.02
C THR B 205 31.21 19.98 -40.33
N THR B 206 30.19 20.23 -41.14
CA THR B 206 30.00 19.54 -42.42
C THR B 206 29.95 20.59 -43.52
N ASP B 207 30.33 20.19 -44.72
CA ASP B 207 30.30 21.12 -45.83
C ASP B 207 28.86 21.52 -46.15
N ASP B 208 28.73 22.67 -46.81
CA ASP B 208 27.44 23.11 -47.33
C ASP B 208 27.00 22.22 -48.49
N ASP B 209 27.94 21.64 -49.22
CA ASP B 209 27.62 20.85 -50.42
C ASP B 209 27.14 19.40 -50.19
N ILE B 210 26.82 19.04 -48.94
CA ILE B 210 26.45 17.66 -48.61
C ILE B 210 25.02 17.34 -49.05
N ASN B 211 24.89 16.29 -49.86
CA ASN B 211 23.60 15.78 -50.25
C ASN B 211 23.09 14.68 -49.33
N TRP B 212 22.38 15.11 -48.29
CA TRP B 212 21.76 14.19 -47.36
C TRP B 212 20.80 13.18 -48.00
N GLN B 213 20.08 13.59 -49.04
CA GLN B 213 19.06 12.72 -49.61
C GLN B 213 19.67 11.61 -50.47
N GLU B 214 20.79 11.89 -51.14
CA GLU B 214 21.49 10.82 -51.87
C GLU B 214 22.01 9.80 -50.85
N LEU B 215 22.55 10.30 -49.74
CA LEU B 215 23.09 9.43 -48.69
C LEU B 215 21.95 8.58 -48.17
N ALA B 216 20.80 9.20 -47.95
CA ALA B 216 19.63 8.46 -47.53
C ALA B 216 19.20 7.38 -48.55
N ARG B 217 19.21 7.71 -49.86
CA ARG B 217 18.94 6.68 -50.89
C ARG B 217 19.93 5.52 -50.85
N SER B 218 21.18 5.82 -50.51
CA SER B 218 22.24 4.83 -50.47
C SER B 218 22.28 4.01 -49.17
N THR B 219 21.31 4.18 -48.29
CA THR B 219 21.28 3.48 -47.02
C THR B 219 19.95 2.73 -46.84
N ASP B 220 19.38 2.32 -47.96
CA ASP B 220 18.19 1.48 -47.92
C ASP B 220 18.46 0.33 -46.94
N GLU B 221 17.49 0.08 -46.05
CA GLU B 221 17.54 -0.98 -45.00
C GLU B 221 18.53 -0.78 -43.84
N PHE B 222 19.14 0.38 -43.74
CA PHE B 222 19.95 0.70 -42.56
C PHE B 222 19.02 0.97 -41.37
N ASN B 223 19.50 0.63 -40.17
CA ASN B 223 18.88 1.12 -38.93
C ASN B 223 19.59 2.35 -38.39
N GLY B 224 18.98 2.96 -37.37
CA GLY B 224 19.52 4.16 -36.76
C GLY B 224 20.95 3.95 -36.29
N ALA B 225 21.22 2.84 -35.64
CA ALA B 225 22.58 2.61 -35.12
C ALA B 225 23.64 2.59 -36.23
N GLN B 226 23.32 2.00 -37.37
CA GLN B 226 24.25 2.01 -38.48
C GLN B 226 24.37 3.38 -39.12
N LEU B 227 23.28 4.14 -39.16
CA LEU B 227 23.37 5.54 -39.58
C LEU B 227 24.28 6.37 -38.63
N LYS B 228 24.18 6.13 -37.33
CA LYS B 228 25.04 6.85 -36.40
C LYS B 228 26.47 6.49 -36.64
N ALA B 229 26.68 5.19 -36.88
CA ALA B 229 28.03 4.66 -37.14
C ALA B 229 28.63 5.24 -38.41
N VAL B 230 27.78 5.48 -39.41
CA VAL B 230 28.22 6.18 -40.61
C VAL B 230 28.74 7.53 -40.23
N THR B 231 27.97 8.33 -39.46
CA THR B 231 28.45 9.67 -39.05
C THR B 231 29.80 9.54 -38.36
N VAL B 232 29.92 8.58 -37.46
CA VAL B 232 31.19 8.36 -36.77
C VAL B 232 32.39 8.05 -37.71
N GLU B 233 32.26 7.13 -38.67
CA GLU B 233 33.37 6.87 -39.61
C GLU B 233 33.66 8.08 -40.49
N ALA B 234 32.62 8.78 -40.94
CA ALA B 234 32.84 9.96 -41.77
C ALA B 234 33.72 10.93 -41.02
N GLY B 235 33.38 11.18 -39.77
CA GLY B 235 34.19 12.06 -38.92
C GLY B 235 35.61 11.57 -38.75
N MET B 236 35.77 10.26 -38.56
CA MET B 236 37.10 9.64 -38.41
C MET B 236 37.94 9.73 -39.71
N ILE B 237 37.29 9.62 -40.86
CA ILE B 237 38.02 9.77 -42.13
C ILE B 237 38.53 11.21 -42.32
N ALA B 238 37.68 12.18 -42.01
CA ALA B 238 38.06 13.60 -42.01
C ALA B 238 39.23 13.88 -41.08
N LEU B 239 39.21 13.27 -39.90
CA LEU B 239 40.33 13.38 -38.96
C LEU B 239 41.63 12.83 -39.53
N ARG B 240 41.59 11.57 -39.98
CA ARG B 240 42.78 10.92 -40.55
C ARG B 240 43.36 11.71 -41.73
N ASN B 241 42.50 12.43 -42.46
CA ASN B 241 42.90 13.37 -43.51
C ASN B 241 43.19 14.81 -43.04
N GLY B 242 43.22 15.05 -41.75
CA GLY B 242 43.50 16.40 -41.25
C GLY B 242 42.59 17.51 -41.75
N GLN B 243 41.36 17.16 -42.11
CA GLN B 243 40.36 18.14 -42.55
C GLN B 243 39.75 18.78 -41.31
N SER B 244 39.26 20.02 -41.44
CA SER B 244 38.52 20.70 -40.33
C SER B 244 37.00 20.70 -40.60
N SER B 245 36.56 19.93 -41.60
CA SER B 245 35.15 19.67 -41.78
C SER B 245 34.93 18.38 -42.57
N VAL B 246 33.71 17.83 -42.45
CA VAL B 246 33.36 16.55 -43.05
C VAL B 246 32.68 16.74 -44.41
N LYS B 247 33.22 16.04 -45.41
CA LYS B 247 32.81 16.19 -46.80
C LYS B 247 31.77 15.16 -47.14
N HIS B 248 31.09 15.39 -48.26
CA HIS B 248 30.11 14.44 -48.75
C HIS B 248 30.77 13.10 -49.01
N GLU B 249 31.96 13.12 -49.60
CA GLU B 249 32.63 11.89 -50.02
C GLU B 249 33.06 11.09 -48.78
N ASP B 250 33.21 11.80 -47.66
CA ASP B 250 33.50 11.13 -46.39
C ASP B 250 32.32 10.31 -45.91
N PHE B 251 31.10 10.82 -46.11
CA PHE B 251 29.90 10.09 -45.71
C PHE B 251 29.70 8.89 -46.62
N VAL B 252 30.04 9.05 -47.89
CA VAL B 252 29.87 7.97 -48.85
C VAL B 252 30.82 6.81 -48.56
N GLU B 253 32.03 7.13 -48.10
CA GLU B 253 33.03 6.12 -47.77
C GLU B 253 32.66 5.45 -46.45
N GLY B 254 32.10 6.24 -45.53
CA GLY B 254 31.59 5.72 -44.27
C GLY B 254 30.43 4.76 -44.44
N ILE B 255 29.53 5.06 -45.39
CA ILE B 255 28.43 4.14 -45.74
C ILE B 255 29.02 2.84 -46.22
N SER B 256 29.98 2.94 -47.12
CA SER B 256 30.65 1.76 -47.66
C SER B 256 31.32 0.93 -46.55
N GLU B 257 31.89 1.58 -45.55
CA GLU B 257 32.53 0.88 -44.42
C GLU B 257 31.49 0.17 -43.53
N VAL B 258 30.39 0.85 -43.21
CA VAL B 258 29.37 0.23 -42.37
C VAL B 258 28.76 -0.96 -43.11
N GLN B 259 28.58 -0.84 -44.43
CA GLN B 259 28.05 -1.97 -45.21
C GLN B 259 28.98 -3.16 -45.21
N ALA B 260 30.28 -2.92 -45.22
CA ALA B 260 31.26 -3.98 -45.07
C ALA B 260 31.15 -4.71 -43.72
N ARG B 261 30.88 -4.01 -42.61
CA ARG B 261 30.84 -4.66 -41.28
C ARG B 261 29.66 -5.65 -41.07
N MET C 4 30.60 18.68 8.82
CA MET C 4 29.41 19.17 8.07
C MET C 4 29.81 20.39 7.18
N GLY C 5 29.34 21.60 7.49
CA GLY C 5 29.93 22.85 6.99
C GLY C 5 29.10 23.65 5.97
N PHE C 6 28.41 22.92 5.09
CA PHE C 6 27.63 23.52 4.01
C PHE C 6 26.84 22.39 3.36
N GLU C 7 25.68 22.73 2.82
CA GLU C 7 24.72 21.75 2.32
C GLU C 7 25.20 21.17 0.97
N VAL C 8 25.21 19.84 0.86
CA VAL C 8 25.51 19.16 -0.39
C VAL C 8 24.32 18.33 -0.82
N VAL C 9 23.90 18.49 -2.05
CA VAL C 9 22.73 17.81 -2.57
C VAL C 9 23.12 17.15 -3.86
N GLU C 10 23.28 15.83 -3.84
CA GLU C 10 23.86 15.08 -4.98
C GLU C 10 23.18 15.43 -6.29
N ARG C 11 21.87 15.58 -6.25
CA ARG C 11 21.14 16.04 -7.42
C ARG C 11 19.77 16.50 -6.96
N PRO C 12 19.53 17.82 -7.01
CA PRO C 12 18.32 18.34 -6.42
C PRO C 12 17.08 18.05 -7.26
N ASN C 13 15.97 17.75 -6.60
CA ASN C 13 14.74 17.41 -7.29
C ASN C 13 13.85 18.66 -7.30
N VAL C 14 14.28 19.62 -8.12
CA VAL C 14 13.56 20.86 -8.34
C VAL C 14 13.68 21.17 -9.82
N THR C 15 12.58 21.51 -10.46
CA THR C 15 12.61 21.86 -11.89
C THR C 15 12.09 23.24 -12.15
N TYR C 16 12.21 23.67 -13.40
CA TYR C 16 11.65 24.93 -13.83
C TYR C 16 10.12 25.02 -13.67
N ASN C 17 9.44 23.88 -13.69
CA ASN C 17 8.00 23.84 -13.40
C ASN C 17 7.62 24.10 -11.96
N ASP C 18 8.59 24.08 -11.04
CA ASP C 18 8.34 24.35 -9.61
C ASP C 18 8.46 25.84 -9.28
N ILE C 19 8.84 26.64 -10.27
CA ILE C 19 9.12 28.06 -10.12
C ILE C 19 7.99 28.87 -10.73
N GLY C 20 7.40 29.73 -9.93
CA GLY C 20 6.28 30.54 -10.38
C GLY C 20 6.75 31.91 -10.83
N GLY C 21 6.31 32.32 -12.01
CA GLY C 21 6.55 33.66 -12.53
C GLY C 21 7.92 34.29 -12.48
N LEU C 22 8.93 33.72 -13.13
CA LEU C 22 10.22 34.46 -13.24
C LEU C 22 10.79 34.14 -14.60
N LYS C 23 9.94 34.26 -15.62
CA LYS C 23 10.27 33.69 -16.94
C LYS C 23 11.47 34.38 -17.54
N LYS C 24 11.45 35.70 -17.48
CA LYS C 24 12.52 36.53 -18.02
C LYS C 24 13.82 36.35 -17.22
N GLN C 25 13.74 36.34 -15.90
CA GLN C 25 14.97 36.23 -15.09
C GLN C 25 15.53 34.81 -15.11
N LEU C 26 14.65 33.82 -15.15
CA LEU C 26 15.08 32.45 -15.33
C LEU C 26 15.80 32.26 -16.68
N GLN C 27 15.23 32.85 -17.72
CA GLN C 27 15.89 32.81 -19.03
C GLN C 27 17.30 33.40 -19.02
N GLU C 28 17.49 34.54 -18.36
CA GLU C 28 18.81 35.16 -18.30
C GLU C 28 19.82 34.29 -17.57
N LEU C 29 19.36 33.56 -16.56
CA LEU C 29 20.24 32.69 -15.78
C LEU C 29 20.58 31.43 -16.58
N ARG C 30 19.58 30.89 -17.28
CA ARG C 30 19.79 29.78 -18.18
C ARG C 30 20.78 30.15 -19.29
N GLU C 31 20.61 31.32 -19.91
CA GLU C 31 21.54 31.81 -20.93
C GLU C 31 22.97 31.99 -20.40
N ALA C 32 23.09 32.19 -19.09
CA ALA C 32 24.35 32.51 -18.43
C ALA C 32 25.13 31.29 -17.97
N ILE C 33 24.40 30.30 -17.50
CA ILE C 33 24.99 29.10 -16.93
C ILE C 33 24.66 27.82 -17.72
N GLU C 34 23.40 27.62 -18.08
CA GLU C 34 22.96 26.35 -18.72
C GLU C 34 23.49 26.23 -20.14
N LEU C 35 23.30 27.28 -20.93
CA LEU C 35 23.85 27.35 -22.28
C LEU C 35 25.34 27.01 -22.33
N PRO C 36 26.18 27.68 -21.53
CA PRO C 36 27.61 27.37 -21.62
C PRO C 36 28.01 26.02 -21.03
N LEU C 37 27.12 25.36 -20.29
CA LEU C 37 27.39 24.04 -19.75
C LEU C 37 27.04 22.96 -20.77
N LYS C 38 25.91 23.16 -21.45
CA LYS C 38 25.40 22.19 -22.41
C LYS C 38 26.13 22.30 -23.74
N HIS C 39 26.72 23.46 -24.00
CA HIS C 39 27.31 23.74 -25.31
C HIS C 39 28.48 24.71 -25.19
N PRO C 40 29.51 24.36 -24.39
CA PRO C 40 30.61 25.29 -24.13
C PRO C 40 31.42 25.60 -25.38
N GLU C 41 31.29 24.73 -26.37
CA GLU C 41 32.04 24.81 -27.62
C GLU C 41 31.59 26.01 -28.45
N LEU C 42 30.31 26.34 -28.36
CA LEU C 42 29.78 27.53 -29.00
C LEU C 42 30.39 28.81 -28.48
N PHE C 43 30.62 28.87 -27.18
CA PHE C 43 31.19 30.06 -26.60
C PHE C 43 32.68 30.23 -26.93
N GLU C 44 33.34 29.14 -27.33
CA GLU C 44 34.74 29.18 -27.76
C GLU C 44 34.83 29.55 -29.25
N GLU C 45 33.96 28.96 -30.06
CA GLU C 45 33.86 29.29 -31.48
C GLU C 45 33.76 30.80 -31.68
N VAL C 46 32.87 31.41 -30.90
CA VAL C 46 32.61 32.86 -30.99
C VAL C 46 33.60 33.71 -30.17
N GLY C 47 34.36 33.07 -29.30
CA GLY C 47 35.39 33.76 -28.54
C GLY C 47 34.81 34.68 -27.48
N ILE C 48 33.88 34.17 -26.67
CA ILE C 48 33.41 34.89 -25.48
C ILE C 48 33.43 34.00 -24.25
N ASP C 49 34.09 34.47 -23.20
CA ASP C 49 34.14 33.76 -21.94
C ASP C 49 32.78 33.88 -21.22
N PRO C 50 32.09 32.75 -21.00
CA PRO C 50 30.89 32.89 -20.19
C PRO C 50 31.22 33.31 -18.74
N PRO C 51 30.20 33.78 -18.00
CA PRO C 51 30.44 34.30 -16.67
C PRO C 51 30.71 33.19 -15.65
N LYS C 52 31.69 33.40 -14.78
CA LYS C 52 32.00 32.45 -13.72
C LYS C 52 31.00 32.55 -12.59
N GLY C 53 30.51 33.77 -12.38
CA GLY C 53 29.63 34.11 -11.26
C GLY C 53 28.42 34.88 -11.72
N VAL C 54 27.26 34.48 -11.21
CA VAL C 54 26.02 35.22 -11.44
C VAL C 54 25.49 35.63 -10.09
N LEU C 55 25.22 36.92 -9.93
CA LEU C 55 24.65 37.45 -8.70
C LEU C 55 23.14 37.66 -8.88
N LEU C 56 22.36 36.91 -8.12
CA LEU C 56 20.94 37.15 -7.96
C LEU C 56 20.70 38.08 -6.75
N TYR C 57 19.89 39.12 -6.93
CA TYR C 57 19.58 40.04 -5.83
C TYR C 57 18.13 40.42 -5.82
N GLY C 58 17.63 40.74 -4.62
CA GLY C 58 16.24 41.12 -4.43
C GLY C 58 15.81 40.70 -3.05
N PRO C 59 14.55 40.97 -2.70
CA PRO C 59 14.12 40.69 -1.32
C PRO C 59 13.99 39.20 -1.02
N PRO C 60 13.98 38.84 0.26
CA PRO C 60 13.94 37.45 0.71
C PRO C 60 12.76 36.66 0.20
N GLY C 61 12.99 35.35 0.07
CA GLY C 61 11.95 34.39 -0.27
C GLY C 61 11.28 34.65 -1.60
N CYS C 62 12.00 35.18 -2.58
CA CYS C 62 11.41 35.38 -3.91
C CYS C 62 11.91 34.35 -4.94
N GLY C 63 12.70 33.39 -4.51
CA GLY C 63 13.07 32.22 -5.37
C GLY C 63 14.49 32.15 -5.92
N LYS C 64 15.41 32.93 -5.38
CA LYS C 64 16.80 32.85 -5.81
C LYS C 64 17.31 31.45 -5.60
N THR C 65 17.20 30.95 -4.38
CA THR C 65 17.64 29.59 -4.09
C THR C 65 16.95 28.60 -5.03
N LEU C 66 15.64 28.74 -5.22
CA LEU C 66 14.89 27.90 -6.16
C LEU C 66 15.54 27.84 -7.55
N MET C 67 15.78 29.02 -8.12
CA MET C 67 16.32 29.10 -9.45
C MET C 67 17.65 28.35 -9.50
N ALA C 68 18.49 28.59 -8.51
CA ALA C 68 19.80 27.96 -8.44
C ALA C 68 19.69 26.43 -8.39
N LYS C 69 18.79 25.90 -7.56
CA LYS C 69 18.59 24.46 -7.49
C LYS C 69 18.08 23.95 -8.82
N ALA C 70 17.16 24.69 -9.43
CA ALA C 70 16.56 24.28 -10.68
C ALA C 70 17.58 24.21 -11.83
N ILE C 71 18.43 25.21 -11.92
CA ILE C 71 19.54 25.17 -12.90
C ILE C 71 20.34 23.88 -12.74
N ALA C 72 20.74 23.59 -11.50
CA ALA C 72 21.59 22.45 -11.20
C ALA C 72 20.93 21.14 -11.66
N HIS C 73 19.65 21.02 -11.41
CA HIS C 73 18.87 19.89 -11.86
C HIS C 73 18.92 19.73 -13.37
N GLU C 74 18.62 20.79 -14.12
CA GLU C 74 18.55 20.70 -15.60
C GLU C 74 19.87 20.27 -16.22
N VAL C 75 20.95 20.68 -15.58
CA VAL C 75 22.28 20.55 -16.12
C VAL C 75 23.04 19.39 -15.43
N ASN C 76 22.32 18.58 -14.63
CA ASN C 76 22.84 17.34 -13.99
C ASN C 76 24.03 17.57 -13.12
N ALA C 77 23.97 18.66 -12.38
CA ALA C 77 25.08 19.12 -11.56
C ALA C 77 24.81 18.92 -10.09
N THR C 78 25.89 18.84 -9.33
CA THR C 78 25.78 18.89 -7.87
C THR C 78 25.43 20.32 -7.44
N PHE C 79 24.63 20.43 -6.39
CA PHE C 79 24.32 21.72 -5.83
C PHE C 79 24.94 21.84 -4.45
N ILE C 80 25.86 22.79 -4.27
CA ILE C 80 26.42 23.02 -2.94
C ILE C 80 26.09 24.41 -2.47
N ARG C 81 25.65 24.49 -1.24
CA ARG C 81 25.14 25.73 -0.68
C ARG C 81 25.95 26.07 0.53
N VAL C 82 26.42 27.30 0.56
CA VAL C 82 26.99 27.90 1.76
C VAL C 82 26.12 29.08 2.17
N VAL C 83 26.05 29.35 3.47
CA VAL C 83 25.34 30.51 4.00
C VAL C 83 26.35 31.54 4.47
N GLY C 84 26.27 32.74 3.92
CA GLY C 84 27.23 33.79 4.24
C GLY C 84 27.35 34.10 5.72
N SER C 85 26.23 34.18 6.43
CA SER C 85 26.29 34.56 7.84
C SER C 85 26.93 33.47 8.68
N GLU C 86 26.88 32.23 8.20
CA GLU C 86 27.54 31.10 8.88
C GLU C 86 29.04 31.11 8.63
N LEU C 87 29.49 31.71 7.53
CA LEU C 87 30.94 31.83 7.29
C LEU C 87 31.65 32.89 8.16
N VAL C 88 30.90 33.75 8.85
CA VAL C 88 31.48 34.71 9.79
C VAL C 88 31.65 34.09 11.20
N ARG C 89 32.89 34.06 11.68
CA ARG C 89 33.26 33.40 12.95
C ARG C 89 33.76 34.41 14.01
N GLU C 94 39.97 30.94 10.13
CA GLU C 94 39.05 29.84 9.86
C GLU C 94 37.88 30.33 9.02
N GLY C 95 37.53 29.57 7.98
CA GLY C 95 36.52 30.05 7.05
C GLY C 95 37.10 30.40 5.70
N ALA C 96 38.36 30.84 5.66
CA ALA C 96 39.10 30.85 4.41
C ALA C 96 39.40 29.40 4.03
N ARG C 97 39.71 28.59 5.06
CA ARG C 97 39.87 27.15 4.89
C ARG C 97 38.57 26.49 4.40
N LEU C 98 37.46 26.96 4.92
CA LEU C 98 36.17 26.42 4.57
C LEU C 98 35.73 26.77 3.12
N VAL C 99 36.07 27.97 2.65
CA VAL C 99 35.81 28.34 1.27
C VAL C 99 36.63 27.48 0.35
N HIS C 100 37.84 27.15 0.78
CA HIS C 100 38.72 26.33 -0.04
C HIS C 100 38.22 24.90 -0.14
N GLU C 101 37.92 24.28 0.99
CA GLU C 101 37.29 22.94 1.00
C GLU C 101 36.07 22.91 0.08
N LEU C 102 35.22 23.92 0.20
CA LEU C 102 34.04 24.05 -0.66
C LEU C 102 34.36 23.94 -2.15
N PHE C 103 35.34 24.70 -2.63
CA PHE C 103 35.63 24.70 -4.05
C PHE C 103 36.37 23.43 -4.49
N GLU C 104 37.12 22.83 -3.58
CA GLU C 104 37.81 21.57 -3.87
C GLU C 104 36.76 20.48 -4.09
N LEU C 105 35.82 20.38 -3.16
CA LEU C 105 34.77 19.40 -3.24
C LEU C 105 33.97 19.62 -4.51
N ALA C 106 33.70 20.88 -4.81
CA ALA C 106 32.89 21.20 -5.97
C ALA C 106 33.56 20.73 -7.23
N LYS C 107 34.88 20.79 -7.29
CA LYS C 107 35.62 20.31 -8.46
C LYS C 107 35.56 18.79 -8.56
N GLU C 108 35.72 18.15 -7.41
CA GLU C 108 35.68 16.70 -7.32
C GLU C 108 34.34 16.17 -7.82
N LYS C 109 33.24 16.78 -7.39
CA LYS C 109 31.90 16.32 -7.75
C LYS C 109 31.31 17.04 -8.95
N ALA C 110 32.18 17.66 -9.76
CA ALA C 110 31.78 18.39 -10.95
C ALA C 110 31.09 17.46 -11.96
N PRO C 111 30.13 17.99 -12.75
CA PRO C 111 29.67 19.38 -12.80
C PRO C 111 29.03 19.82 -11.51
N THR C 112 29.33 21.04 -11.06
CA THR C 112 28.78 21.56 -9.81
C THR C 112 28.25 23.00 -9.90
N ILE C 113 27.15 23.27 -9.19
CA ILE C 113 26.65 24.65 -9.00
C ILE C 113 26.84 25.05 -7.54
N ILE C 114 27.73 26.01 -7.28
CA ILE C 114 27.95 26.52 -5.91
C ILE C 114 27.00 27.67 -5.66
N PHE C 115 26.17 27.57 -4.65
CA PHE C 115 25.29 28.67 -4.30
C PHE C 115 25.76 29.31 -2.99
N ILE C 116 26.11 30.59 -3.05
CA ILE C 116 26.57 31.36 -1.88
C ILE C 116 25.48 32.32 -1.43
N ASP C 117 24.73 31.92 -0.40
CA ASP C 117 23.63 32.79 0.09
C ASP C 117 24.19 33.89 0.98
N GLU C 118 23.47 34.99 1.11
CA GLU C 118 23.89 36.10 1.96
C GLU C 118 25.35 36.49 1.69
N ILE C 119 25.72 36.66 0.43
CA ILE C 119 27.12 37.00 0.13
C ILE C 119 27.57 38.31 0.78
N ASP C 120 26.64 39.25 0.97
CA ASP C 120 26.91 40.51 1.68
C ASP C 120 27.49 40.35 3.09
N ALA C 121 27.13 39.29 3.79
CA ALA C 121 27.70 39.01 5.11
C ALA C 121 29.22 38.88 5.06
N ILE C 122 29.71 38.45 3.92
CA ILE C 122 31.13 38.22 3.69
C ILE C 122 31.81 39.29 2.87
N GLY C 123 31.09 39.87 1.91
CA GLY C 123 31.68 40.83 1.00
C GLY C 123 31.17 42.26 1.07
N ALA C 124 30.91 42.79 2.27
CA ALA C 124 30.58 44.22 2.40
C ALA C 124 31.84 45.09 2.21
N LYS C 125 31.65 46.35 1.78
CA LYS C 125 32.78 47.21 1.33
C LYS C 125 33.35 48.12 2.41
N ASN C 138 37.58 39.42 5.73
CA ASN C 138 38.23 39.82 4.49
C ASN C 138 39.14 38.72 4.01
N ARG C 139 39.85 38.04 4.93
CA ARG C 139 40.63 36.82 4.59
C ARG C 139 39.71 35.76 3.96
N THR C 140 38.46 35.71 4.41
CA THR C 140 37.45 34.81 3.80
C THR C 140 37.04 35.32 2.41
N LEU C 141 36.72 36.61 2.31
CA LEU C 141 36.38 37.20 1.02
C LEU C 141 37.50 36.95 0.01
N MET C 142 38.74 37.06 0.48
CA MET C 142 39.89 36.96 -0.40
C MET C 142 40.00 35.54 -0.94
N GLN C 143 39.52 34.55 -0.18
CA GLN C 143 39.57 33.18 -0.66
C GLN C 143 38.57 33.00 -1.79
N LEU C 144 37.40 33.59 -1.63
CA LEU C 144 36.41 33.56 -2.68
C LEU C 144 36.98 34.15 -3.99
N LEU C 145 37.69 35.27 -3.88
CA LEU C 145 38.28 35.92 -5.04
C LEU C 145 39.34 35.03 -5.68
N ALA C 146 40.18 34.44 -4.85
CA ALA C 146 41.24 33.53 -5.31
C ALA C 146 40.67 32.31 -6.04
N GLU C 147 39.67 31.68 -5.43
CA GLU C 147 39.06 30.47 -6.00
C GLU C 147 38.35 30.73 -7.31
N MET C 148 37.69 31.87 -7.42
CA MET C 148 37.08 32.20 -8.69
C MET C 148 38.06 32.59 -9.79
N ASP C 149 39.17 33.28 -9.44
CA ASP C 149 40.24 33.54 -10.41
C ASP C 149 40.96 32.25 -10.79
N GLY C 150 40.93 31.27 -9.88
CA GLY C 150 41.56 29.97 -10.09
C GLY C 150 40.94 29.13 -11.19
N PHE C 151 39.64 28.87 -11.12
CA PHE C 151 38.99 28.04 -12.15
C PHE C 151 38.59 28.87 -13.38
N ASP C 152 38.54 28.24 -14.55
CA ASP C 152 38.37 28.96 -15.80
C ASP C 152 36.92 28.86 -16.36
N PRO C 153 36.50 29.85 -17.16
CA PRO C 153 35.18 29.77 -17.77
C PRO C 153 35.28 28.80 -18.94
N ARG C 154 34.15 28.26 -19.38
CA ARG C 154 34.13 27.06 -20.23
C ARG C 154 34.30 25.80 -19.39
N GLY C 155 34.76 25.98 -18.14
CA GLY C 155 34.82 24.91 -17.17
C GLY C 155 33.43 24.52 -16.74
N ASN C 156 33.36 23.56 -15.80
CA ASN C 156 32.08 23.00 -15.39
C ASN C 156 31.70 23.20 -13.93
N VAL C 157 32.37 24.14 -13.28
CA VAL C 157 31.94 24.60 -11.94
C VAL C 157 31.49 26.04 -12.08
N LYS C 158 30.24 26.32 -11.73
CA LYS C 158 29.72 27.68 -11.78
C LYS C 158 29.32 28.15 -10.38
N VAL C 159 29.47 29.44 -10.12
CA VAL C 159 29.04 30.02 -8.84
C VAL C 159 27.83 30.93 -9.04
N ILE C 160 26.85 30.78 -8.15
CA ILE C 160 25.72 31.71 -8.05
C ILE C 160 25.66 32.31 -6.65
N ALA C 161 25.42 33.61 -6.55
CA ALA C 161 25.36 34.28 -5.26
C ALA C 161 24.07 35.00 -5.09
N ALA C 162 23.64 35.13 -3.86
CA ALA C 162 22.41 35.88 -3.54
C ALA C 162 22.63 36.95 -2.48
N THR C 163 21.89 38.04 -2.61
CA THR C 163 21.94 39.13 -1.63
C THR C 163 20.72 40.06 -1.75
N ASN C 164 20.37 40.72 -0.64
CA ASN C 164 19.46 41.88 -0.64
C ASN C 164 20.06 43.02 -1.40
N ARG C 165 21.26 43.37 -0.95
CA ARG C 165 21.88 44.69 -1.15
C ARG C 165 23.06 44.59 -2.11
N PRO C 166 22.82 44.70 -3.43
CA PRO C 166 23.96 44.74 -4.38
C PRO C 166 24.80 46.01 -4.25
N ASP C 167 24.19 47.07 -3.72
CA ASP C 167 24.84 48.37 -3.50
C ASP C 167 25.94 48.27 -2.46
N ILE C 168 25.72 47.45 -1.43
CA ILE C 168 26.65 47.40 -0.32
C ILE C 168 27.83 46.45 -0.58
N LEU C 169 27.87 45.77 -1.73
CA LEU C 169 28.95 44.81 -2.03
C LEU C 169 30.28 45.46 -2.42
N ASP C 170 31.37 44.90 -1.90
CA ASP C 170 32.70 45.33 -2.29
C ASP C 170 32.81 45.22 -3.79
N PRO C 171 33.12 46.34 -4.46
CA PRO C 171 33.21 46.31 -5.93
C PRO C 171 34.18 45.26 -6.49
N ALA C 172 34.98 44.63 -5.64
CA ALA C 172 35.90 43.56 -6.06
C ALA C 172 35.16 42.29 -6.54
N LEU C 173 34.00 42.04 -5.95
CA LEU C 173 33.14 40.93 -6.35
C LEU C 173 32.47 41.19 -7.70
N LEU C 174 32.31 42.46 -8.05
CA LEU C 174 31.60 42.80 -9.27
C LEU C 174 32.54 42.96 -10.46
N ARG C 175 33.84 42.82 -10.24
CA ARG C 175 34.83 42.96 -11.33
C ARG C 175 34.78 41.77 -12.29
N PRO C 176 35.31 41.94 -13.52
CA PRO C 176 35.27 40.87 -14.52
C PRO C 176 35.88 39.57 -14.02
N GLY C 177 35.30 38.45 -14.46
CA GLY C 177 35.75 37.12 -14.05
C GLY C 177 35.18 36.70 -12.72
N ARG C 178 34.37 37.58 -12.10
CA ARG C 178 33.75 37.29 -10.83
C ARG C 178 32.24 37.31 -11.01
N PHE C 179 31.50 38.05 -10.22
CA PHE C 179 30.05 38.13 -10.41
C PHE C 179 29.75 39.34 -11.27
N ASP C 180 30.04 39.20 -12.55
CA ASP C 180 29.90 40.27 -13.54
C ASP C 180 28.59 40.13 -14.31
N ARG C 181 27.67 39.36 -13.77
CA ARG C 181 26.36 39.17 -14.36
C ARG C 181 25.34 39.22 -13.25
N LEU C 182 24.44 40.19 -13.35
CA LEU C 182 23.55 40.54 -12.27
C LEU C 182 22.10 40.39 -12.67
N ILE C 183 21.31 39.72 -11.85
CA ILE C 183 19.88 39.51 -12.17
C ILE C 183 19.03 39.85 -10.97
N GLU C 184 18.06 40.72 -11.18
CA GLU C 184 17.15 41.13 -10.11
C GLU C 184 16.04 40.09 -10.02
N VAL C 185 15.80 39.57 -8.82
CA VAL C 185 14.73 38.61 -8.60
C VAL C 185 13.74 39.25 -7.66
N PRO C 186 12.70 39.89 -8.23
CA PRO C 186 11.73 40.70 -7.49
C PRO C 186 10.51 39.95 -6.97
N LEU C 187 9.72 40.66 -6.16
CA LEU C 187 8.47 40.15 -5.59
C LEU C 187 7.53 39.72 -6.73
N PRO C 188 6.76 38.64 -6.52
CA PRO C 188 5.92 38.18 -7.63
C PRO C 188 4.82 39.18 -7.94
N ASP C 189 4.58 39.47 -9.23
CA ASP C 189 3.43 40.33 -9.61
C ASP C 189 2.13 39.56 -9.39
N GLU C 190 1.00 40.22 -9.61
CA GLU C 190 -0.29 39.61 -9.34
C GLU C 190 -0.46 38.24 -10.05
N PHE C 191 -0.07 38.17 -11.32
CA PHE C 191 -0.16 36.93 -12.09
C PHE C 191 0.74 35.84 -11.51
N SER C 192 1.95 36.24 -11.11
CA SER C 192 2.92 35.30 -10.56
C SER C 192 2.43 34.70 -9.26
N ARG C 193 1.90 35.53 -8.36
CA ARG C 193 1.38 35.06 -7.09
C ARG C 193 0.35 33.90 -7.25
N ALA C 194 -0.53 34.02 -8.23
CA ALA C 194 -1.54 33.01 -8.49
C ALA C 194 -0.88 31.68 -8.91
N GLN C 195 0.19 31.76 -9.71
CA GLN C 195 0.97 30.59 -10.10
C GLN C 195 1.61 29.96 -8.88
N ILE C 196 2.15 30.79 -8.00
CA ILE C 196 2.87 30.29 -6.85
C ILE C 196 1.93 29.51 -5.95
N LEU C 197 0.73 30.05 -5.71
CA LEU C 197 -0.26 29.36 -4.88
C LEU C 197 -0.68 28.07 -5.54
N GLN C 198 -0.84 28.08 -6.85
CA GLN C 198 -1.24 26.86 -7.53
C GLN C 198 -0.15 25.83 -7.40
N ILE C 199 1.09 26.24 -7.63
CA ILE C 199 2.22 25.32 -7.61
C ILE C 199 2.32 24.60 -6.26
N HIS C 200 2.16 25.35 -5.17
CA HIS C 200 2.29 24.75 -3.84
C HIS C 200 1.05 24.02 -3.34
N SER C 201 -0.04 24.16 -4.09
CA SER C 201 -1.26 23.41 -3.85
C SER C 201 -1.38 22.15 -4.73
N ARG C 202 -0.43 21.89 -5.62
CA ARG C 202 -0.63 20.81 -6.59
C ARG C 202 -0.80 19.42 -6.00
N LYS C 203 -0.13 19.14 -4.87
CA LYS C 203 -0.19 17.83 -4.19
C LYS C 203 -1.41 17.70 -3.26
N MET C 204 -2.34 18.63 -3.35
CA MET C 204 -3.37 18.79 -2.34
C MET C 204 -4.69 19.07 -3.07
N THR C 205 -5.74 18.28 -2.79
CA THR C 205 -7.00 18.40 -3.53
C THR C 205 -7.69 19.69 -3.13
N THR C 206 -8.05 20.48 -4.14
CA THR C 206 -8.68 21.79 -3.96
C THR C 206 -10.00 21.79 -4.69
N ASP C 207 -10.93 22.60 -4.22
CA ASP C 207 -12.22 22.69 -4.86
C ASP C 207 -12.08 23.30 -6.24
N ASP C 208 -13.06 23.00 -7.09
CA ASP C 208 -13.15 23.60 -8.41
C ASP C 208 -13.49 25.07 -8.29
N ASP C 209 -14.18 25.46 -7.22
CA ASP C 209 -14.64 26.85 -7.06
C ASP C 209 -13.62 27.88 -6.53
N ILE C 210 -12.34 27.51 -6.50
CA ILE C 210 -11.31 28.40 -5.94
C ILE C 210 -10.94 29.52 -6.91
N ASN C 211 -11.04 30.75 -6.41
CA ASN C 211 -10.60 31.91 -7.15
C ASN C 211 -9.17 32.32 -6.84
N TRP C 212 -8.26 31.75 -7.61
CA TRP C 212 -6.84 32.06 -7.50
C TRP C 212 -6.51 33.54 -7.67
N GLN C 213 -7.23 34.23 -8.54
CA GLN C 213 -6.89 35.63 -8.85
C GLN C 213 -7.32 36.59 -7.72
N GLU C 214 -8.44 36.31 -7.05
CA GLU C 214 -8.81 37.10 -5.88
C GLU C 214 -7.76 36.91 -4.79
N LEU C 215 -7.32 35.66 -4.60
CA LEU C 215 -6.30 35.34 -3.60
C LEU C 215 -5.03 36.11 -3.94
N ALA C 216 -4.68 36.11 -5.21
CA ALA C 216 -3.53 36.88 -5.67
C ALA C 216 -3.70 38.40 -5.42
N ARG C 217 -4.87 38.98 -5.67
CA ARG C 217 -5.14 40.39 -5.31
C ARG C 217 -4.98 40.65 -3.82
N SER C 218 -5.36 39.68 -3.00
CA SER C 218 -5.29 39.81 -1.55
C SER C 218 -3.91 39.56 -0.95
N THR C 219 -2.90 39.35 -1.78
CA THR C 219 -1.55 39.03 -1.30
C THR C 219 -0.55 40.02 -1.89
N ASP C 220 -1.01 41.25 -2.11
CA ASP C 220 -0.13 42.33 -2.53
C ASP C 220 1.05 42.36 -1.56
N GLU C 221 2.26 42.44 -2.12
CA GLU C 221 3.55 42.46 -1.38
C GLU C 221 3.98 41.17 -0.65
N PHE C 222 3.30 40.06 -0.89
CA PHE C 222 3.77 38.77 -0.40
C PHE C 222 4.99 38.32 -1.21
N ASN C 223 5.90 37.60 -0.56
CA ASN C 223 6.91 36.83 -1.29
C ASN C 223 6.49 35.35 -1.48
N GLY C 224 7.27 34.65 -2.30
CA GLY C 224 7.04 33.24 -2.56
C GLY C 224 6.94 32.40 -1.30
N ALA C 225 7.84 32.60 -0.35
CA ALA C 225 7.80 31.81 0.87
C ALA C 225 6.50 32.00 1.65
N GLN C 226 5.99 33.22 1.68
CA GLN C 226 4.72 33.44 2.37
C GLN C 226 3.55 32.88 1.60
N LEU C 227 3.62 32.92 0.28
CA LEU C 227 2.60 32.24 -0.53
C LEU C 227 2.62 30.71 -0.29
N LYS C 228 3.80 30.13 -0.15
CA LYS C 228 3.86 28.70 0.15
C LYS C 228 3.23 28.45 1.49
N ALA C 229 3.57 29.30 2.45
CA ALA C 229 3.07 29.18 3.81
C ALA C 229 1.53 29.28 3.85
N VAL C 230 0.97 30.13 2.99
CA VAL C 230 -0.47 30.22 2.85
C VAL C 230 -0.99 28.85 2.47
N THR C 231 -0.43 28.23 1.41
CA THR C 231 -0.89 26.89 1.00
C THR C 231 -0.83 25.94 2.19
N VAL C 232 0.27 25.98 2.94
CA VAL C 232 0.40 25.10 4.08
C VAL C 232 -0.68 25.32 5.15
N GLU C 233 -0.98 26.56 5.55
CA GLU C 233 -2.05 26.79 6.55
C GLU C 233 -3.43 26.42 6.00
N ALA C 234 -3.67 26.71 4.73
CA ALA C 234 -4.95 26.35 4.15
C ALA C 234 -5.16 24.85 4.29
N GLY C 235 -4.13 24.09 3.93
CA GLY C 235 -4.19 22.64 4.09
C GLY C 235 -4.43 22.22 5.54
N MET C 236 -3.73 22.88 6.47
CA MET C 236 -3.86 22.57 7.91
C MET C 236 -5.24 22.91 8.46
N ILE C 237 -5.86 23.97 7.96
CA ILE C 237 -7.23 24.30 8.38
C ILE C 237 -8.25 23.26 7.90
N ALA C 238 -8.08 22.83 6.64
CA ALA C 238 -8.88 21.73 6.08
C ALA C 238 -8.75 20.44 6.91
N LEU C 239 -7.52 20.14 7.32
CA LEU C 239 -7.28 18.99 8.18
C LEU C 239 -8.00 19.11 9.51
N ARG C 240 -7.76 20.21 10.23
CA ARG C 240 -8.41 20.43 11.54
C ARG C 240 -9.94 20.38 11.46
N ASN C 241 -10.50 20.74 10.31
CA ASN C 241 -11.94 20.58 10.00
C ASN C 241 -12.33 19.22 9.42
N GLY C 242 -11.42 18.27 9.34
CA GLY C 242 -11.74 16.95 8.75
C GLY C 242 -12.26 16.93 7.32
N GLN C 243 -11.88 17.92 6.53
CA GLN C 243 -12.28 18.00 5.13
C GLN C 243 -11.34 17.12 4.33
N SER C 244 -11.79 16.63 3.18
CA SER C 244 -10.92 15.88 2.26
C SER C 244 -10.53 16.73 1.04
N SER C 245 -10.81 18.02 1.09
CA SER C 245 -10.27 18.95 0.10
C SER C 245 -10.24 20.37 0.66
N VAL C 246 -9.42 21.22 0.02
CA VAL C 246 -9.17 22.56 0.50
C VAL C 246 -10.06 23.58 -0.23
N LYS C 247 -10.76 24.39 0.56
CA LYS C 247 -11.78 25.32 0.06
C LYS C 247 -11.15 26.68 -0.16
N HIS C 248 -11.87 27.52 -0.89
CA HIS C 248 -11.44 28.89 -1.12
C HIS C 248 -11.33 29.64 0.20
N GLU C 249 -12.28 29.41 1.10
CA GLU C 249 -12.31 30.13 2.38
C GLU C 249 -11.15 29.71 3.27
N ASP C 250 -10.63 28.51 3.03
CA ASP C 250 -9.45 28.06 3.73
C ASP C 250 -8.20 28.84 3.31
N PHE C 251 -8.12 29.20 2.03
CA PHE C 251 -6.98 29.98 1.54
C PHE C 251 -7.07 31.39 2.03
N VAL C 252 -8.30 31.91 2.14
CA VAL C 252 -8.50 33.27 2.62
C VAL C 252 -8.12 33.39 4.11
N GLU C 253 -8.39 32.34 4.88
CA GLU C 253 -8.07 32.35 6.31
C GLU C 253 -6.56 32.16 6.49
N GLY C 254 -5.96 31.36 5.62
CA GLY C 254 -4.52 31.18 5.59
C GLY C 254 -3.73 32.43 5.25
N ILE C 255 -4.27 33.22 4.31
CA ILE C 255 -3.70 34.53 3.99
C ILE C 255 -3.74 35.39 5.24
N SER C 256 -4.89 35.43 5.89
CA SER C 256 -5.05 36.21 7.10
C SER C 256 -4.05 35.78 8.19
N GLU C 257 -3.78 34.47 8.28
CA GLU C 257 -2.83 33.96 9.28
C GLU C 257 -1.38 34.37 8.95
N VAL C 258 -1.00 34.27 7.68
CA VAL C 258 0.37 34.61 7.30
C VAL C 258 0.58 36.13 7.46
N GLN C 259 -0.45 36.92 7.18
CA GLN C 259 -0.34 38.36 7.44
C GLN C 259 -0.16 38.70 8.92
N ALA C 260 -0.80 37.93 9.80
CA ALA C 260 -0.60 38.09 11.24
C ALA C 260 0.83 37.80 11.70
N ARG C 261 1.45 36.76 11.14
CA ARG C 261 2.83 36.41 11.51
C ARG C 261 3.88 37.41 11.04
N LYS C 262 3.66 38.01 9.87
CA LYS C 262 4.51 39.10 9.36
C LYS C 262 4.62 40.23 10.38
N SER C 263 3.45 40.69 10.85
CA SER C 263 3.31 41.71 11.89
C SER C 263 4.10 41.36 13.15
N LYS C 264 4.28 40.07 13.42
CA LYS C 264 5.32 39.62 14.33
C LYS C 264 6.65 39.66 13.56
N MET D 4 13.74 58.39 -48.52
CA MET D 4 14.77 58.33 -47.43
C MET D 4 14.11 57.89 -46.09
N GLY D 5 14.06 58.77 -45.07
CA GLY D 5 13.27 58.54 -43.83
C GLY D 5 14.05 58.09 -42.59
N PHE D 6 15.15 57.37 -42.81
CA PHE D 6 15.92 56.75 -41.75
C PHE D 6 17.17 56.20 -42.42
N GLU D 7 18.25 56.13 -41.66
CA GLU D 7 19.57 55.78 -42.20
C GLU D 7 19.64 54.27 -42.51
N VAL D 8 20.11 53.93 -43.72
CA VAL D 8 20.34 52.54 -44.12
C VAL D 8 21.81 52.37 -44.49
N VAL D 9 22.45 51.37 -43.90
CA VAL D 9 23.86 51.14 -44.11
C VAL D 9 24.03 49.68 -44.49
N GLU D 10 24.32 49.42 -45.76
CA GLU D 10 24.29 48.06 -46.30
C GLU D 10 25.12 47.10 -45.47
N ARG D 11 26.27 47.57 -44.99
CA ARG D 11 27.07 46.77 -44.07
C ARG D 11 28.09 47.68 -43.42
N PRO D 12 27.94 47.92 -42.11
CA PRO D 12 28.71 48.99 -41.48
C PRO D 12 30.12 48.55 -41.20
N ASN D 13 31.08 49.45 -41.38
CA ASN D 13 32.48 49.12 -41.22
C ASN D 13 32.91 49.59 -39.84
N VAL D 14 32.42 48.86 -38.84
CA VAL D 14 32.72 49.12 -37.44
C VAL D 14 32.86 47.75 -36.80
N THR D 15 33.93 47.54 -36.03
CA THR D 15 34.15 46.27 -35.35
C THR D 15 34.26 46.45 -33.85
N TYR D 16 34.31 45.32 -33.16
CA TYR D 16 34.52 45.31 -31.72
C TYR D 16 35.86 45.93 -31.29
N ASN D 17 36.85 45.93 -32.18
CA ASN D 17 38.11 46.65 -31.94
C ASN D 17 38.02 48.17 -31.98
N ASP D 18 36.92 48.71 -32.48
CA ASP D 18 36.70 50.17 -32.50
C ASP D 18 36.04 50.70 -31.23
N ILE D 19 35.68 49.78 -30.32
CA ILE D 19 34.93 50.09 -29.11
C ILE D 19 35.84 50.01 -27.90
N GLY D 20 35.92 51.11 -27.15
CA GLY D 20 36.77 51.18 -25.98
C GLY D 20 36.02 50.85 -24.72
N GLY D 21 36.59 49.95 -23.92
CA GLY D 21 36.06 49.62 -22.62
C GLY D 21 34.59 49.36 -22.41
N LEU D 22 34.01 48.36 -23.05
CA LEU D 22 32.63 47.97 -22.68
C LEU D 22 32.57 46.45 -22.79
N LYS D 23 33.54 45.78 -22.18
CA LYS D 23 33.72 44.34 -22.43
C LYS D 23 32.55 43.53 -21.92
N LYS D 24 32.14 43.83 -20.69
CA LYS D 24 30.99 43.17 -20.05
C LYS D 24 29.69 43.46 -20.78
N GLN D 25 29.43 44.73 -21.11
CA GLN D 25 28.15 45.07 -21.74
C GLN D 25 28.11 44.65 -23.20
N LEU D 26 29.23 44.72 -23.89
CA LEU D 26 29.32 44.17 -25.23
C LEU D 26 29.03 42.64 -25.22
N GLN D 27 29.62 41.93 -24.25
CA GLN D 27 29.39 40.52 -24.13
C GLN D 27 27.91 40.17 -23.94
N GLU D 28 27.21 40.93 -23.10
CA GLU D 28 25.79 40.68 -22.87
C GLU D 28 24.98 40.89 -24.14
N LEU D 29 25.37 41.87 -24.95
CA LEU D 29 24.65 42.18 -26.18
C LEU D 29 24.93 41.10 -27.25
N ARG D 30 26.19 40.65 -27.30
CA ARG D 30 26.57 39.56 -28.18
C ARG D 30 25.81 38.27 -27.80
N GLU D 31 25.74 37.96 -26.50
CA GLU D 31 24.98 36.80 -26.01
C GLU D 31 23.49 36.89 -26.29
N ALA D 32 23.00 38.12 -26.48
CA ALA D 32 21.57 38.39 -26.70
C ALA D 32 21.15 38.35 -28.17
N ILE D 33 22.03 38.84 -29.04
CA ILE D 33 21.72 39.02 -30.45
C ILE D 33 22.62 38.19 -31.38
N GLU D 34 23.93 38.20 -31.16
CA GLU D 34 24.87 37.49 -32.05
C GLU D 34 24.76 35.98 -31.91
N LEU D 35 24.79 35.48 -30.69
CA LEU D 35 24.62 34.05 -30.42
C LEU D 35 23.36 33.45 -31.10
N PRO D 36 22.18 34.06 -30.88
CA PRO D 36 20.99 33.49 -31.51
C PRO D 36 20.90 33.69 -33.04
N LEU D 37 21.75 34.56 -33.60
CA LEU D 37 21.80 34.76 -35.05
C LEU D 37 22.71 33.72 -35.71
N LYS D 38 23.86 33.48 -35.08
CA LYS D 38 24.85 32.55 -35.60
C LYS D 38 24.46 31.10 -35.36
N HIS D 39 23.61 30.87 -34.36
CA HIS D 39 23.30 29.50 -33.91
C HIS D 39 21.90 29.41 -33.33
N PRO D 40 20.88 29.80 -34.10
CA PRO D 40 19.50 29.87 -33.58
C PRO D 40 18.95 28.51 -33.19
N GLU D 41 19.59 27.47 -33.72
CA GLU D 41 19.19 26.07 -33.51
C GLU D 41 19.43 25.64 -32.07
N LEU D 42 20.48 26.17 -31.47
CA LEU D 42 20.75 25.96 -30.05
C LEU D 42 19.65 26.47 -29.14
N PHE D 43 19.11 27.63 -29.47
CA PHE D 43 18.07 28.22 -28.65
C PHE D 43 16.73 27.48 -28.77
N GLU D 44 16.56 26.72 -29.86
CA GLU D 44 15.38 25.88 -30.05
C GLU D 44 15.54 24.54 -29.35
N GLU D 45 16.72 23.93 -29.48
CA GLU D 45 17.06 22.69 -28.79
C GLU D 45 16.73 22.81 -27.31
N VAL D 46 17.16 23.91 -26.70
CA VAL D 46 16.98 24.15 -25.27
C VAL D 46 15.61 24.76 -24.93
N GLY D 47 14.89 25.24 -25.94
CA GLY D 47 13.54 25.75 -25.75
C GLY D 47 13.52 27.08 -25.02
N ILE D 48 14.34 28.02 -25.47
CA ILE D 48 14.26 29.41 -24.98
C ILE D 48 14.21 30.41 -26.14
N ASP D 49 13.21 31.28 -26.11
CA ASP D 49 13.08 32.33 -27.11
C ASP D 49 14.09 33.44 -26.86
N PRO D 50 14.99 33.70 -27.82
CA PRO D 50 15.90 34.82 -27.56
C PRO D 50 15.13 36.12 -27.61
N PRO D 51 15.71 37.19 -27.10
CA PRO D 51 15.00 38.46 -27.03
C PRO D 51 14.87 39.16 -28.39
N LYS D 52 13.68 39.71 -28.66
CA LYS D 52 13.44 40.43 -29.91
C LYS D 52 14.06 41.81 -29.85
N GLY D 53 14.08 42.36 -28.64
CA GLY D 53 14.48 43.74 -28.40
C GLY D 53 15.45 43.83 -27.25
N VAL D 54 16.52 44.61 -27.46
CA VAL D 54 17.48 44.90 -26.41
C VAL D 54 17.51 46.39 -26.25
N LEU D 55 17.31 46.85 -25.01
CA LEU D 55 17.35 48.28 -24.70
C LEU D 55 18.70 48.61 -24.07
N LEU D 56 19.46 49.43 -24.78
CA LEU D 56 20.65 50.06 -24.23
C LEU D 56 20.28 51.42 -23.62
N TYR D 57 20.71 51.67 -22.39
CA TYR D 57 20.44 52.98 -21.75
C TYR D 57 21.65 53.50 -21.02
N GLY D 58 21.70 54.82 -20.90
CA GLY D 58 22.81 55.50 -20.26
C GLY D 58 23.01 56.86 -20.90
N PRO D 59 23.99 57.61 -20.41
CA PRO D 59 24.13 58.97 -20.93
C PRO D 59 24.65 59.04 -22.36
N PRO D 60 24.44 60.18 -23.03
CA PRO D 60 24.83 60.38 -24.42
C PRO D 60 26.30 60.10 -24.72
N GLY D 61 26.55 59.68 -25.95
CA GLY D 61 27.90 59.53 -26.50
C GLY D 61 28.75 58.54 -25.77
N CYS D 62 28.17 57.49 -25.22
CA CYS D 62 28.97 56.47 -24.54
C CYS D 62 29.10 55.18 -25.34
N GLY D 63 28.58 55.17 -26.57
CA GLY D 63 28.82 54.06 -27.50
C GLY D 63 27.67 53.10 -27.78
N LYS D 64 26.44 53.48 -27.44
CA LYS D 64 25.30 52.61 -27.75
C LYS D 64 25.22 52.39 -29.24
N THR D 65 25.20 53.49 -30.00
CA THR D 65 25.16 53.39 -31.45
C THR D 65 26.34 52.54 -31.97
N LEU D 66 27.54 52.78 -31.46
CA LEU D 66 28.72 51.98 -31.79
C LEU D 66 28.50 50.47 -31.66
N MET D 67 28.02 50.08 -30.48
CA MET D 67 27.83 48.68 -30.19
C MET D 67 26.86 48.09 -31.20
N ALA D 68 25.78 48.82 -31.45
CA ALA D 68 24.76 48.37 -32.38
C ALA D 68 25.33 48.19 -33.80
N LYS D 69 26.13 49.14 -34.27
CA LYS D 69 26.76 49.02 -35.59
C LYS D 69 27.73 47.85 -35.60
N ALA D 70 28.49 47.69 -34.52
CA ALA D 70 29.47 46.62 -34.42
C ALA D 70 28.84 45.22 -34.43
N ILE D 71 27.73 45.05 -33.71
CA ILE D 71 26.97 43.79 -33.76
C ILE D 71 26.59 43.45 -35.19
N ALA D 72 26.01 44.42 -35.89
CA ALA D 72 25.55 44.23 -37.25
C ALA D 72 26.68 43.77 -38.17
N HIS D 73 27.84 44.39 -38.02
CA HIS D 73 29.03 44.02 -38.77
C HIS D 73 29.42 42.57 -38.55
N GLU D 74 29.54 42.15 -37.30
CA GLU D 74 29.98 40.77 -36.99
C GLU D 74 29.06 39.72 -37.58
N VAL D 75 27.78 40.05 -37.63
CA VAL D 75 26.74 39.09 -37.95
C VAL D 75 26.25 39.29 -39.40
N ASN D 76 26.97 40.13 -40.17
CA ASN D 76 26.74 40.35 -41.62
C ASN D 76 25.35 40.85 -41.96
N ALA D 77 24.87 41.76 -41.11
CA ALA D 77 23.50 42.24 -41.18
C ALA D 77 23.46 43.66 -41.67
N THR D 78 22.31 44.03 -42.20
CA THR D 78 22.05 45.43 -42.50
C THR D 78 21.81 46.17 -41.18
N PHE D 79 22.24 47.42 -41.15
CA PHE D 79 21.96 48.28 -40.00
C PHE D 79 21.02 49.41 -40.41
N ILE D 80 19.83 49.46 -39.81
CA ILE D 80 18.91 50.55 -40.08
C ILE D 80 18.65 51.35 -38.82
N ARG D 81 18.72 52.67 -38.96
CA ARG D 81 18.66 53.55 -37.84
C ARG D 81 17.51 54.48 -38.03
N VAL D 82 16.67 54.58 -37.00
CA VAL D 82 15.68 55.65 -36.92
C VAL D 82 16.01 56.51 -35.72
N VAL D 83 15.66 57.79 -35.79
CA VAL D 83 15.81 58.71 -34.67
C VAL D 83 14.43 59.02 -34.08
N GLY D 84 14.26 58.75 -32.80
CA GLY D 84 12.98 58.93 -32.17
C GLY D 84 12.41 60.33 -32.32
N SER D 85 13.22 61.36 -32.14
CA SER D 85 12.71 62.72 -32.14
C SER D 85 12.28 63.12 -33.54
N GLU D 86 12.84 62.48 -34.55
CA GLU D 86 12.40 62.70 -35.93
C GLU D 86 11.07 62.00 -36.24
N LEU D 87 10.74 60.94 -35.51
CA LEU D 87 9.44 60.27 -35.70
C LEU D 87 8.24 61.02 -35.12
N VAL D 88 8.48 62.06 -34.30
CA VAL D 88 7.39 62.94 -33.80
C VAL D 88 7.09 64.08 -34.79
N ARG D 89 5.83 64.13 -35.25
CA ARG D 89 5.37 65.08 -36.29
C ARG D 89 4.33 66.06 -35.75
N GLU D 94 0.72 59.84 -39.53
CA GLU D 94 1.98 59.71 -40.26
C GLU D 94 3.09 59.38 -39.28
N GLY D 95 3.91 58.40 -39.62
CA GLY D 95 4.94 57.96 -38.68
C GLY D 95 4.64 56.58 -38.13
N ALA D 96 3.37 56.22 -38.03
CA ALA D 96 2.98 54.82 -37.90
C ALA D 96 3.27 54.13 -39.24
N ARG D 97 2.98 54.83 -40.34
CA ARG D 97 3.33 54.38 -41.68
C ARG D 97 4.84 54.21 -41.85
N LEU D 98 5.59 55.12 -41.25
CA LEU D 98 7.05 55.11 -41.34
C LEU D 98 7.69 53.97 -40.52
N VAL D 99 7.12 53.65 -39.36
CA VAL D 99 7.58 52.50 -38.59
C VAL D 99 7.32 51.21 -39.35
N HIS D 100 6.20 51.16 -40.06
CA HIS D 100 5.85 50.00 -40.85
C HIS D 100 6.80 49.82 -42.03
N GLU D 101 7.00 50.86 -42.83
CA GLU D 101 7.98 50.84 -43.90
C GLU D 101 9.35 50.33 -43.39
N LEU D 102 9.77 50.88 -42.27
CA LEU D 102 11.01 50.49 -41.64
C LEU D 102 11.14 48.98 -41.44
N PHE D 103 10.13 48.37 -40.82
CA PHE D 103 10.21 46.94 -40.55
C PHE D 103 10.06 46.10 -41.82
N GLU D 104 9.32 46.61 -42.80
CA GLU D 104 9.17 45.88 -44.07
C GLU D 104 10.52 45.82 -44.77
N LEU D 105 11.18 46.97 -44.86
CA LEU D 105 12.48 47.03 -45.49
C LEU D 105 13.44 46.12 -44.75
N ALA D 106 13.39 46.17 -43.43
CA ALA D 106 14.31 45.40 -42.63
C ALA D 106 14.16 43.91 -42.91
N LYS D 107 12.94 43.46 -43.18
CA LYS D 107 12.71 42.06 -43.50
C LYS D 107 13.25 41.71 -44.88
N GLU D 108 13.02 42.61 -45.82
CA GLU D 108 13.51 42.46 -47.18
C GLU D 108 15.03 42.31 -47.19
N LYS D 109 15.73 43.17 -46.46
CA LYS D 109 17.20 43.19 -46.46
C LYS D 109 17.81 42.36 -45.34
N ALA D 110 17.01 41.45 -44.78
CA ALA D 110 17.44 40.59 -43.69
C ALA D 110 18.61 39.70 -44.11
N PRO D 111 19.53 39.37 -43.16
CA PRO D 111 19.52 39.71 -41.74
C PRO D 111 19.66 41.19 -41.49
N THR D 112 18.89 41.72 -40.54
CA THR D 112 18.92 43.16 -40.25
C THR D 112 18.97 43.48 -38.77
N ILE D 113 19.71 44.52 -38.41
CA ILE D 113 19.66 45.11 -37.06
C ILE D 113 18.99 46.49 -37.13
N ILE D 114 17.81 46.62 -36.52
CA ILE D 114 17.12 47.92 -36.44
C ILE D 114 17.55 48.66 -35.20
N PHE D 115 18.08 49.86 -35.34
CA PHE D 115 18.48 50.65 -34.19
C PHE D 115 17.53 51.84 -34.04
N ILE D 116 16.82 51.90 -32.92
CA ILE D 116 15.86 52.98 -32.63
C ILE D 116 16.43 53.93 -31.59
N ASP D 117 16.98 55.05 -32.02
CA ASP D 117 17.60 55.98 -31.08
C ASP D 117 16.53 56.82 -30.43
N GLU D 118 16.83 57.37 -29.26
CA GLU D 118 15.87 58.23 -28.57
C GLU D 118 14.47 57.59 -28.52
N ILE D 119 14.39 56.33 -28.12
CA ILE D 119 13.07 55.69 -28.08
C ILE D 119 12.08 56.41 -27.12
N ASP D 120 12.59 57.03 -26.06
CA ASP D 120 11.77 57.83 -25.14
C ASP D 120 10.94 58.95 -25.80
N ALA D 121 11.44 59.54 -26.88
CA ALA D 121 10.66 60.52 -27.63
C ALA D 121 9.33 59.98 -28.14
N ILE D 122 9.30 58.67 -28.38
CA ILE D 122 8.14 57.95 -28.89
C ILE D 122 7.37 57.18 -27.83
N GLY D 123 8.08 56.62 -26.86
CA GLY D 123 7.46 55.77 -25.86
C GLY D 123 7.43 56.23 -24.42
N ALA D 124 7.20 57.52 -24.17
CA ALA D 124 7.03 58.00 -22.79
C ALA D 124 5.66 57.58 -22.25
N LYS D 125 5.53 57.47 -20.92
CA LYS D 125 4.34 56.84 -20.29
C LYS D 125 3.22 57.80 -19.88
N VAL D 137 -2.58 53.30 -26.56
CA VAL D 137 -1.34 54.06 -26.54
C VAL D 137 -1.23 54.93 -27.79
N ASN D 138 -0.22 55.80 -27.88
CA ASN D 138 -0.04 56.62 -29.13
C ASN D 138 0.26 55.81 -30.41
N ARG D 139 -0.20 56.36 -31.54
CA ARG D 139 -0.34 55.59 -32.78
C ARG D 139 0.99 55.10 -33.37
N THR D 140 2.04 55.89 -33.23
CA THR D 140 3.39 55.48 -33.64
C THR D 140 3.96 54.41 -32.70
N LEU D 141 3.88 54.66 -31.39
CA LEU D 141 4.30 53.66 -30.42
C LEU D 141 3.60 52.32 -30.65
N MET D 142 2.31 52.38 -30.97
CA MET D 142 1.52 51.19 -31.15
C MET D 142 1.98 50.41 -32.36
N GLN D 143 2.55 51.09 -33.34
CA GLN D 143 3.06 50.38 -34.50
C GLN D 143 4.30 49.60 -34.10
N LEU D 144 5.14 50.21 -33.31
CA LEU D 144 6.33 49.53 -32.84
C LEU D 144 5.94 48.25 -32.11
N LEU D 145 4.93 48.33 -31.27
CA LEU D 145 4.47 47.17 -30.50
C LEU D 145 3.95 46.08 -31.42
N ALA D 146 3.14 46.49 -32.40
CA ALA D 146 2.58 45.57 -33.37
C ALA D 146 3.67 44.86 -34.18
N GLU D 147 4.63 45.63 -34.69
CA GLU D 147 5.71 45.08 -35.52
C GLU D 147 6.61 44.12 -34.75
N MET D 148 6.88 44.43 -33.50
CA MET D 148 7.65 43.50 -32.72
C MET D 148 6.88 42.23 -32.32
N ASP D 149 5.58 42.33 -32.06
CA ASP D 149 4.76 41.13 -31.80
C ASP D 149 4.63 40.32 -33.10
N GLY D 150 4.73 41.00 -34.23
CA GLY D 150 4.59 40.39 -35.54
C GLY D 150 5.69 39.40 -35.88
N PHE D 151 6.95 39.84 -35.82
CA PHE D 151 8.06 38.93 -36.19
C PHE D 151 8.46 38.07 -35.00
N ASP D 152 9.00 36.88 -35.29
CA ASP D 152 9.24 35.89 -34.24
C ASP D 152 10.73 35.80 -33.83
N PRO D 153 11.01 35.35 -32.60
CA PRO D 153 12.38 35.18 -32.18
C PRO D 153 12.88 33.89 -32.80
N ARG D 154 14.19 33.74 -32.91
CA ARG D 154 14.79 32.72 -33.81
C ARG D 154 14.81 33.24 -35.24
N GLY D 155 14.03 34.30 -35.52
CA GLY D 155 14.09 35.01 -36.78
C GLY D 155 15.39 35.77 -36.89
N ASN D 156 15.54 36.47 -38.01
CA ASN D 156 16.79 37.16 -38.32
C ASN D 156 16.73 38.70 -38.40
N VAL D 157 15.66 39.28 -37.87
CA VAL D 157 15.57 40.73 -37.67
C VAL D 157 15.56 40.97 -36.17
N LYS D 158 16.55 41.72 -35.68
CA LYS D 158 16.60 42.09 -34.27
C LYS D 158 16.52 43.60 -34.09
N VAL D 159 15.91 44.03 -32.99
CA VAL D 159 15.77 45.46 -32.69
C VAL D 159 16.63 45.83 -31.49
N ILE D 160 17.34 46.95 -31.59
CA ILE D 160 18.05 47.56 -30.48
C ILE D 160 17.59 48.98 -30.28
N ALA D 161 17.36 49.36 -29.04
CA ALA D 161 16.86 50.72 -28.75
C ALA D 161 17.77 51.40 -27.77
N ALA D 162 17.83 52.73 -27.86
CA ALA D 162 18.64 53.53 -26.96
C ALA D 162 17.85 54.64 -26.28
N THR D 163 18.21 54.95 -25.03
CA THR D 163 17.59 56.04 -24.30
C THR D 163 18.43 56.46 -23.09
N ASN D 164 18.27 57.72 -22.67
CA ASN D 164 18.73 58.19 -21.36
C ASN D 164 17.99 57.50 -20.26
N ARG D 165 16.66 57.61 -20.35
CA ARG D 165 15.73 57.46 -19.22
C ARG D 165 14.91 56.19 -19.37
N PRO D 166 15.44 55.05 -18.88
CA PRO D 166 14.60 53.84 -18.89
C PRO D 166 13.39 53.94 -17.97
N ASP D 167 13.49 54.82 -16.97
CA ASP D 167 12.46 54.98 -15.97
C ASP D 167 11.23 55.69 -16.54
N ILE D 168 11.42 56.55 -17.53
CA ILE D 168 10.32 57.28 -18.14
C ILE D 168 9.60 56.49 -19.26
N LEU D 169 10.07 55.29 -19.61
CA LEU D 169 9.45 54.49 -20.69
C LEU D 169 8.12 53.84 -20.30
N ASP D 170 7.17 53.89 -21.22
CA ASP D 170 5.91 53.18 -21.06
C ASP D 170 6.22 51.71 -20.79
N PRO D 171 5.70 51.16 -19.68
CA PRO D 171 6.03 49.76 -19.32
C PRO D 171 5.62 48.76 -20.38
N ALA D 172 4.87 49.19 -21.40
CA ALA D 172 4.47 48.32 -22.51
C ALA D 172 5.67 47.88 -23.37
N LEU D 173 6.66 48.76 -23.47
CA LEU D 173 7.90 48.45 -24.18
C LEU D 173 8.76 47.44 -23.44
N LEU D 174 8.60 47.37 -22.13
CA LEU D 174 9.44 46.52 -21.32
C LEU D 174 8.83 45.14 -21.10
N ARG D 175 7.63 44.90 -21.60
CA ARG D 175 6.94 43.62 -21.44
C ARG D 175 7.60 42.54 -22.28
N PRO D 176 7.36 41.26 -21.93
CA PRO D 176 7.98 40.15 -22.68
C PRO D 176 7.71 40.20 -24.17
N GLY D 177 8.70 39.77 -24.95
CA GLY D 177 8.61 39.78 -26.40
C GLY D 177 8.94 41.14 -27.01
N ARG D 178 9.25 42.11 -26.15
CA ARG D 178 9.61 43.44 -26.59
C ARG D 178 11.03 43.73 -26.17
N PHE D 179 11.27 44.83 -25.48
CA PHE D 179 12.61 45.11 -25.00
C PHE D 179 12.71 44.61 -23.56
N ASP D 180 12.80 43.30 -23.43
CA ASP D 180 12.83 42.61 -22.15
C ASP D 180 14.27 42.27 -21.75
N ARG D 181 15.23 42.94 -22.38
CA ARG D 181 16.65 42.75 -22.08
C ARG D 181 17.30 44.11 -22.07
N LEU D 182 17.84 44.47 -20.90
CA LEU D 182 18.25 45.82 -20.63
C LEU D 182 19.72 45.86 -20.31
N ILE D 183 20.46 46.74 -20.95
CA ILE D 183 21.90 46.85 -20.69
C ILE D 183 22.28 48.30 -20.45
N GLU D 184 22.92 48.56 -19.33
CA GLU D 184 23.38 49.90 -19.01
C GLU D 184 24.69 50.13 -19.74
N VAL D 185 24.79 51.24 -20.47
CA VAL D 185 26.04 51.61 -21.14
C VAL D 185 26.50 52.92 -20.52
N PRO D 186 27.37 52.82 -19.49
CA PRO D 186 27.82 53.95 -18.69
C PRO D 186 29.04 54.69 -19.23
N LEU D 187 29.33 55.81 -18.58
CA LEU D 187 30.50 56.62 -18.87
C LEU D 187 31.76 55.74 -18.76
N PRO D 188 32.76 55.97 -19.62
CA PRO D 188 33.96 55.15 -19.51
C PRO D 188 34.70 55.38 -18.20
N ASP D 189 35.16 54.30 -17.55
CA ASP D 189 36.02 54.45 -16.34
C ASP D 189 37.41 54.92 -16.77
N GLU D 190 38.28 55.18 -15.81
CA GLU D 190 39.60 55.74 -16.11
C GLU D 190 40.36 54.90 -17.13
N PHE D 191 40.34 53.58 -16.97
CA PHE D 191 41.02 52.67 -17.91
C PHE D 191 40.40 52.74 -19.30
N SER D 192 39.08 52.81 -19.35
CA SER D 192 38.35 52.86 -20.62
C SER D 192 38.70 54.14 -21.39
N ARG D 193 38.69 55.29 -20.71
CA ARG D 193 38.99 56.56 -21.33
C ARG D 193 40.34 56.55 -22.09
N ALA D 194 41.33 55.89 -21.50
CA ALA D 194 42.65 55.77 -22.13
C ALA D 194 42.58 54.95 -23.41
N GLN D 195 41.77 53.90 -23.40
CA GLN D 195 41.53 53.09 -24.61
C GLN D 195 40.85 53.93 -25.69
N ILE D 196 39.89 54.75 -25.28
CA ILE D 196 39.10 55.50 -26.23
C ILE D 196 40.00 56.49 -26.94
N LEU D 197 40.86 57.18 -26.19
CA LEU D 197 41.78 58.12 -26.78
C LEU D 197 42.74 57.43 -27.71
N GLN D 198 43.20 56.26 -27.30
CA GLN D 198 44.13 55.53 -28.16
C GLN D 198 43.44 55.13 -29.46
N ILE D 199 42.24 54.61 -29.34
CA ILE D 199 41.48 54.14 -30.49
C ILE D 199 41.30 55.25 -31.52
N HIS D 200 40.93 56.43 -31.06
CA HIS D 200 40.68 57.54 -31.99
C HIS D 200 41.94 58.27 -32.47
N SER D 201 43.08 57.91 -31.88
CA SER D 201 44.39 58.38 -32.31
C SER D 201 45.10 57.39 -33.21
N ARG D 202 44.52 56.22 -33.49
CA ARG D 202 45.28 55.20 -34.21
C ARG D 202 45.71 55.59 -35.63
N LYS D 203 44.91 56.40 -36.31
CA LYS D 203 45.21 56.89 -37.67
C LYS D 203 46.08 58.17 -37.68
N MET D 204 46.67 58.50 -36.55
CA MET D 204 47.53 59.70 -36.44
C MET D 204 48.80 59.30 -35.69
N THR D 205 49.94 59.73 -36.20
CA THR D 205 51.21 59.49 -35.56
C THR D 205 51.31 60.33 -34.27
N THR D 206 51.63 59.64 -33.17
CA THR D 206 51.72 60.24 -31.86
C THR D 206 53.11 59.97 -31.30
N ASP D 207 53.59 60.85 -30.44
CA ASP D 207 54.89 60.66 -29.85
C ASP D 207 54.91 59.41 -28.97
N ASP D 208 56.11 58.87 -28.77
CA ASP D 208 56.31 57.77 -27.82
C ASP D 208 56.11 58.26 -26.39
N ASP D 209 56.37 59.54 -26.13
CA ASP D 209 56.30 60.09 -24.77
C ASP D 209 54.90 60.44 -24.23
N ILE D 210 53.84 60.01 -24.92
CA ILE D 210 52.48 60.37 -24.52
C ILE D 210 52.02 59.54 -23.33
N ASN D 211 51.59 60.26 -22.28
CA ASN D 211 50.98 59.64 -21.12
C ASN D 211 49.46 59.54 -21.19
N TRP D 212 49.00 58.44 -21.76
CA TRP D 212 47.57 58.17 -21.87
C TRP D 212 46.83 58.17 -20.54
N GLN D 213 47.48 57.70 -19.48
CA GLN D 213 46.78 57.56 -18.20
C GLN D 213 46.60 58.90 -17.48
N GLU D 214 47.55 59.83 -17.64
CA GLU D 214 47.35 61.18 -17.11
C GLU D 214 46.19 61.84 -17.83
N LEU D 215 46.15 61.66 -19.17
CA LEU D 215 45.08 62.22 -19.98
C LEU D 215 43.75 61.65 -19.52
N ALA D 216 43.73 60.35 -19.27
CA ALA D 216 42.55 59.70 -18.73
C ALA D 216 42.14 60.26 -17.34
N ARG D 217 43.10 60.49 -16.43
CA ARG D 217 42.78 61.15 -15.14
C ARG D 217 42.19 62.54 -15.35
N SER D 218 42.64 63.25 -16.37
CA SER D 218 42.21 64.61 -16.63
C SER D 218 40.88 64.71 -17.37
N THR D 219 40.22 63.58 -17.61
CA THR D 219 38.98 63.57 -18.37
C THR D 219 37.88 62.88 -17.57
N ASP D 220 37.96 63.02 -16.25
CA ASP D 220 36.89 62.54 -15.38
C ASP D 220 35.58 63.07 -15.92
N GLU D 221 34.58 62.19 -16.03
CA GLU D 221 33.21 62.49 -16.51
C GLU D 221 33.05 62.79 -18.02
N PHE D 222 34.09 62.62 -18.80
CA PHE D 222 33.97 62.73 -20.24
C PHE D 222 33.21 61.49 -20.77
N ASN D 223 32.44 61.70 -21.85
CA ASN D 223 31.94 60.58 -22.66
C ASN D 223 32.84 60.27 -23.86
N GLY D 224 32.55 59.16 -24.51
CA GLY D 224 33.30 58.73 -25.70
C GLY D 224 33.37 59.80 -26.77
N ALA D 225 32.24 60.45 -27.04
CA ALA D 225 32.23 61.47 -28.09
C ALA D 225 33.18 62.63 -27.78
N GLN D 226 33.25 63.03 -26.52
CA GLN D 226 34.16 64.10 -26.15
C GLN D 226 35.60 63.64 -26.17
N LEU D 227 35.84 62.39 -25.83
CA LEU D 227 37.19 61.83 -25.99
C LEU D 227 37.61 61.79 -27.46
N LYS D 228 36.69 61.44 -28.35
CA LYS D 228 37.01 61.46 -29.79
C LYS D 228 37.32 62.87 -30.22
N ALA D 229 36.52 63.81 -29.75
CA ALA D 229 36.70 65.23 -30.06
C ALA D 229 38.05 65.79 -29.55
N VAL D 230 38.49 65.30 -28.39
CA VAL D 230 39.82 65.60 -27.93
C VAL D 230 40.83 65.15 -28.95
N THR D 231 40.78 63.88 -29.39
CA THR D 231 41.74 63.42 -30.41
C THR D 231 41.70 64.35 -31.61
N VAL D 232 40.50 64.71 -32.06
CA VAL D 232 40.38 65.59 -33.22
C VAL D 232 41.05 66.97 -33.02
N GLU D 233 40.81 67.65 -31.91
CA GLU D 233 41.49 68.93 -31.66
C GLU D 233 43.02 68.78 -31.51
N ALA D 234 43.45 67.73 -30.84
CA ALA D 234 44.87 67.50 -30.71
C ALA D 234 45.51 67.43 -32.08
N GLY D 235 44.91 66.63 -32.97
CA GLY D 235 45.40 66.53 -34.33
C GLY D 235 45.41 67.88 -35.04
N MET D 236 44.34 68.65 -34.85
CA MET D 236 44.22 69.96 -35.51
C MET D 236 45.27 70.94 -34.98
N ILE D 237 45.60 70.87 -33.70
CA ILE D 237 46.63 71.75 -33.15
C ILE D 237 48.01 71.43 -33.73
N ALA D 238 48.30 70.13 -33.84
CA ALA D 238 49.52 69.66 -34.51
C ALA D 238 49.62 70.15 -35.95
N LEU D 239 48.49 70.10 -36.67
CA LEU D 239 48.42 70.61 -38.05
C LEU D 239 48.70 72.11 -38.11
N ARG D 240 47.96 72.90 -37.35
CA ARG D 240 48.17 74.35 -37.32
C ARG D 240 49.61 74.73 -36.95
N ASN D 241 50.29 73.89 -36.16
CA ASN D 241 51.72 74.01 -35.86
C ASN D 241 52.67 73.32 -36.85
N GLY D 242 52.16 72.79 -37.94
CA GLY D 242 53.01 72.13 -38.94
C GLY D 242 53.86 70.98 -38.43
N GLN D 243 53.38 70.31 -37.39
CA GLN D 243 54.06 69.14 -36.82
C GLN D 243 53.70 67.94 -37.67
N SER D 244 54.57 66.92 -37.70
CA SER D 244 54.26 65.64 -38.38
C SER D 244 53.92 64.54 -37.37
N SER D 245 53.70 64.91 -36.10
CA SER D 245 53.14 64.00 -35.13
C SER D 245 52.51 64.77 -33.96
N VAL D 246 51.64 64.08 -33.21
CA VAL D 246 50.85 64.69 -32.16
C VAL D 246 51.51 64.46 -30.80
N LYS D 247 51.70 65.56 -30.08
CA LYS D 247 52.45 65.58 -28.83
C LYS D 247 51.49 65.42 -27.67
N HIS D 248 52.05 65.11 -26.51
CA HIS D 248 51.27 65.01 -25.30
C HIS D 248 50.59 66.34 -25.00
N GLU D 249 51.33 67.44 -25.18
CA GLU D 249 50.80 68.77 -24.83
C GLU D 249 49.66 69.16 -25.75
N ASP D 250 49.63 68.56 -26.93
CA ASP D 250 48.53 68.76 -27.86
C ASP D 250 47.25 68.13 -27.35
N PHE D 251 47.37 66.96 -26.72
CA PHE D 251 46.18 66.30 -26.14
C PHE D 251 45.69 67.08 -24.92
N VAL D 252 46.61 67.64 -24.16
CA VAL D 252 46.26 68.39 -22.95
C VAL D 252 45.51 69.67 -23.32
N GLU D 253 45.91 70.29 -24.42
CA GLU D 253 45.26 71.53 -24.88
C GLU D 253 43.89 71.20 -25.47
N GLY D 254 43.82 70.06 -26.15
CA GLY D 254 42.57 69.55 -26.71
C GLY D 254 41.54 69.18 -25.66
N ILE D 255 41.99 68.61 -24.54
CA ILE D 255 41.12 68.40 -23.38
C ILE D 255 40.58 69.72 -22.88
N SER D 256 41.47 70.68 -22.71
CA SER D 256 41.05 72.01 -22.27
C SER D 256 40.02 72.65 -23.21
N GLU D 257 40.17 72.43 -24.51
CA GLU D 257 39.23 72.98 -25.50
C GLU D 257 37.85 72.30 -25.42
N VAL D 258 37.85 70.98 -25.28
CA VAL D 258 36.58 70.25 -25.20
C VAL D 258 35.85 70.60 -23.90
N GLN D 259 36.59 70.80 -22.81
CA GLN D 259 35.98 71.25 -21.57
C GLN D 259 35.37 72.64 -21.67
N ALA D 260 35.98 73.53 -22.45
CA ALA D 260 35.39 74.84 -22.72
C ALA D 260 34.07 74.77 -23.49
N ARG D 261 33.96 73.88 -24.47
CA ARG D 261 32.73 73.74 -25.27
C ARG D 261 31.56 73.17 -24.48
N LYS D 262 31.84 72.23 -23.57
CA LYS D 262 30.83 71.66 -22.66
C LYS D 262 30.09 72.77 -21.94
N SER D 263 30.84 73.68 -21.34
CA SER D 263 30.21 74.83 -20.70
C SER D 263 30.22 76.09 -21.60
N MET E 4 29.29 -5.21 55.25
CA MET E 4 28.91 -4.68 53.91
C MET E 4 27.56 -5.32 53.43
N GLY E 5 27.59 -6.12 52.36
CA GLY E 5 26.44 -6.98 51.96
C GLY E 5 25.65 -6.51 50.73
N PHE E 6 25.56 -5.19 50.56
CA PHE E 6 24.74 -4.59 49.52
C PHE E 6 25.03 -3.09 49.55
N GLU E 7 24.90 -2.44 48.40
CA GLU E 7 25.32 -1.06 48.22
C GLU E 7 24.31 -0.11 48.90
N VAL E 8 24.81 0.84 49.69
CA VAL E 8 23.99 1.89 50.31
C VAL E 8 24.50 3.25 49.85
N VAL E 9 23.59 4.08 49.35
CA VAL E 9 23.95 5.39 48.81
C VAL E 9 23.05 6.41 49.46
N GLU E 10 23.60 7.19 50.40
CA GLU E 10 22.78 8.06 51.27
C GLU E 10 21.83 8.94 50.47
N ARG E 11 22.29 9.44 49.34
CA ARG E 11 21.45 10.17 48.43
C ARG E 11 22.13 10.29 47.08
N PRO E 12 21.59 9.61 46.07
CA PRO E 12 22.36 9.44 44.85
C PRO E 12 22.30 10.70 44.01
N ASN E 13 23.40 11.03 43.37
CA ASN E 13 23.48 12.24 42.57
C ASN E 13 23.26 11.87 41.11
N VAL E 14 22.01 11.53 40.81
CA VAL E 14 21.59 11.17 39.47
C VAL E 14 20.21 11.79 39.30
N THR E 15 19.97 12.48 38.20
CA THR E 15 18.68 13.08 37.93
C THR E 15 18.07 12.58 36.63
N TYR E 16 16.83 12.98 36.41
CA TYR E 16 16.13 12.64 35.18
C TYR E 16 16.83 13.22 33.94
N ASN E 17 17.59 14.28 34.10
CA ASN E 17 18.40 14.83 33.01
C ASN E 17 19.60 13.98 32.62
N ASP E 18 19.96 13.00 33.45
CA ASP E 18 21.08 12.07 33.16
C ASP E 18 20.63 10.84 32.36
N ILE E 19 19.32 10.75 32.11
CA ILE E 19 18.70 9.61 31.46
C ILE E 19 18.30 9.97 30.03
N GLY E 20 18.80 9.21 29.06
CA GLY E 20 18.52 9.46 27.67
C GLY E 20 17.40 8.61 27.16
N GLY E 21 16.47 9.26 26.47
CA GLY E 21 15.31 8.60 25.94
C GLY E 21 14.51 8.22 27.22
N LEU E 22 13.69 7.20 27.11
CA LEU E 22 12.90 6.65 28.20
C LEU E 22 11.81 7.48 28.82
N LYS E 23 11.26 8.40 28.05
CA LYS E 23 10.30 9.40 28.59
C LYS E 23 9.04 8.73 29.08
N LYS E 24 8.52 7.84 28.26
CA LYS E 24 7.29 7.12 28.57
C LYS E 24 7.48 6.17 29.74
N GLN E 25 8.58 5.43 29.75
CA GLN E 25 8.77 4.43 30.83
C GLN E 25 9.19 5.09 32.13
N LEU E 26 9.95 6.16 32.03
CA LEU E 26 10.23 6.98 33.22
C LEU E 26 8.94 7.56 33.82
N GLN E 27 8.05 8.08 32.96
CA GLN E 27 6.78 8.59 33.42
C GLN E 27 5.95 7.54 34.17
N GLU E 28 5.91 6.32 33.68
CA GLU E 28 5.15 5.26 34.34
C GLU E 28 5.72 4.93 35.70
N LEU E 29 7.04 5.02 35.83
CA LEU E 29 7.69 4.68 37.11
C LEU E 29 7.47 5.82 38.11
N ARG E 30 7.55 7.06 37.61
CA ARG E 30 7.26 8.23 38.42
C ARG E 30 5.80 8.17 38.92
N GLU E 31 4.86 7.85 38.02
CA GLU E 31 3.44 7.68 38.40
C GLU E 31 3.20 6.58 39.40
N ALA E 32 4.13 5.62 39.47
CA ALA E 32 4.02 4.42 40.34
C ALA E 32 4.62 4.59 41.72
N ILE E 33 5.73 5.30 41.77
CA ILE E 33 6.51 5.46 43.00
C ILE E 33 6.61 6.93 43.49
N GLU E 34 6.91 7.88 42.62
CA GLU E 34 7.10 9.28 43.00
C GLU E 34 5.79 9.93 43.42
N LEU E 35 4.76 9.81 42.59
CA LEU E 35 3.43 10.32 42.90
C LEU E 35 2.93 9.89 44.28
N PRO E 36 2.95 8.58 44.58
CA PRO E 36 2.45 8.16 45.89
C PRO E 36 3.37 8.50 47.07
N LEU E 37 4.60 8.92 46.80
CA LEU E 37 5.53 9.33 47.86
C LEU E 37 5.34 10.82 48.19
N LYS E 38 5.17 11.62 47.16
CA LYS E 38 5.01 13.05 47.29
C LYS E 38 3.60 13.43 47.73
N HIS E 39 2.64 12.56 47.47
CA HIS E 39 1.22 12.87 47.70
C HIS E 39 0.42 11.62 48.03
N PRO E 40 0.83 10.90 49.08
CA PRO E 40 0.18 9.61 49.41
C PRO E 40 -1.29 9.76 49.79
N GLU E 41 -1.64 10.98 50.17
CA GLU E 41 -2.98 11.33 50.65
C GLU E 41 -4.01 11.26 49.53
N LEU E 42 -3.56 11.59 48.32
CA LEU E 42 -4.39 11.42 47.14
C LEU E 42 -4.80 9.98 46.87
N PHE E 43 -3.87 9.06 47.09
CA PHE E 43 -4.15 7.66 46.82
C PHE E 43 -5.08 7.05 47.87
N GLU E 44 -5.18 7.70 49.04
CA GLU E 44 -6.10 7.28 50.09
C GLU E 44 -7.49 7.87 49.85
N GLU E 45 -7.54 9.14 49.49
CA GLU E 45 -8.79 9.82 49.14
C GLU E 45 -9.57 9.00 48.13
N VAL E 46 -8.89 8.56 47.08
CA VAL E 46 -9.49 7.78 45.98
C VAL E 46 -9.60 6.27 46.29
N GLY E 47 -8.92 5.81 47.33
CA GLY E 47 -9.01 4.43 47.78
C GLY E 47 -8.34 3.47 46.82
N ILE E 48 -7.09 3.77 46.44
CA ILE E 48 -6.26 2.81 45.67
C ILE E 48 -4.89 2.65 46.28
N ASP E 49 -4.52 1.41 46.55
CA ASP E 49 -3.21 1.11 47.11
C ASP E 49 -2.16 1.24 46.01
N PRO E 50 -1.18 2.15 46.18
CA PRO E 50 -0.13 2.18 45.18
C PRO E 50 0.71 0.92 45.25
N PRO E 51 1.49 0.65 44.20
CA PRO E 51 2.23 -0.62 44.14
C PRO E 51 3.43 -0.63 45.06
N LYS E 52 3.63 -1.74 45.76
CA LYS E 52 4.78 -1.91 46.64
C LYS E 52 6.05 -2.19 45.84
N GLY E 53 5.87 -2.88 44.72
CA GLY E 53 6.96 -3.37 43.88
C GLY E 53 6.74 -3.06 42.41
N VAL E 54 7.78 -2.55 41.75
CA VAL E 54 7.75 -2.28 40.33
C VAL E 54 8.88 -3.07 39.72
N LEU E 55 8.54 -3.90 38.73
CA LEU E 55 9.52 -4.73 38.03
C LEU E 55 9.87 -4.07 36.70
N LEU E 56 11.13 -3.65 36.60
CA LEU E 56 11.71 -3.22 35.35
C LEU E 56 12.36 -4.43 34.64
N TYR E 57 12.04 -4.64 33.36
CA TYR E 57 12.65 -5.75 32.61
C TYR E 57 13.08 -5.32 31.23
N GLY E 58 14.10 -6.00 30.72
CA GLY E 58 14.65 -5.71 29.40
C GLY E 58 16.13 -6.03 29.41
N PRO E 59 16.79 -5.82 28.27
CA PRO E 59 18.18 -6.26 28.19
C PRO E 59 19.13 -5.40 29.02
N PRO E 60 20.33 -5.94 29.31
CA PRO E 60 21.32 -5.27 30.14
C PRO E 60 21.71 -3.88 29.66
N GLY E 61 22.12 -3.05 30.63
CA GLY E 61 22.69 -1.72 30.40
C GLY E 61 21.78 -0.75 29.67
N CYS E 62 20.47 -0.87 29.84
CA CYS E 62 19.54 0.05 29.16
C CYS E 62 18.96 1.12 30.11
N GLY E 63 19.44 1.12 31.36
CA GLY E 63 19.12 2.18 32.29
C GLY E 63 18.15 1.89 33.40
N LYS E 64 17.87 0.62 33.68
CA LYS E 64 17.00 0.27 34.81
C LYS E 64 17.58 0.83 36.06
N THR E 65 18.83 0.49 36.33
CA THR E 65 19.49 0.99 37.53
C THR E 65 19.44 2.53 37.55
N LEU E 66 19.75 3.18 36.42
CA LEU E 66 19.67 4.64 36.31
C LEU E 66 18.33 5.21 36.78
N MET E 67 17.27 4.64 36.24
CA MET E 67 15.95 5.12 36.54
C MET E 67 15.72 5.02 38.04
N ALA E 68 16.07 3.88 38.60
CA ALA E 68 15.88 3.63 40.03
C ALA E 68 16.65 4.63 40.89
N LYS E 69 17.90 4.90 40.56
CA LYS E 69 18.66 5.90 41.28
C LYS E 69 18.04 7.27 41.12
N ALA E 70 17.59 7.59 39.89
CA ALA E 70 17.00 8.91 39.62
C ALA E 70 15.72 9.15 40.41
N ILE E 71 14.86 8.14 40.46
CA ILE E 71 13.65 8.22 41.30
C ILE E 71 14.03 8.60 42.74
N ALA E 72 14.98 7.87 43.30
CA ALA E 72 15.39 8.04 44.69
C ALA E 72 15.86 9.46 44.95
N HIS E 73 16.62 10.01 44.02
CA HIS E 73 17.06 11.37 44.08
C HIS E 73 15.89 12.36 44.14
N GLU E 74 14.94 12.25 43.22
CA GLU E 74 13.84 13.22 43.13
C GLU E 74 13.02 13.24 44.40
N VAL E 75 12.92 12.07 45.03
CA VAL E 75 12.04 11.87 46.14
C VAL E 75 12.79 11.88 47.50
N ASN E 76 14.08 12.27 47.47
CA ASN E 76 14.94 12.44 48.67
C ASN E 76 15.08 11.21 49.52
N ALA E 77 15.22 10.08 48.85
CA ALA E 77 15.23 8.76 49.48
C ALA E 77 16.60 8.14 49.44
N THR E 78 16.83 7.24 50.37
CA THR E 78 18.02 6.42 50.32
C THR E 78 17.85 5.38 49.19
N PHE E 79 18.95 5.05 48.54
CA PHE E 79 18.96 4.02 47.52
C PHE E 79 19.77 2.82 48.01
N ILE E 80 19.13 1.66 48.15
CA ILE E 80 19.86 0.45 48.53
C ILE E 80 19.74 -0.61 47.45
N ARG E 81 20.88 -1.17 47.11
CA ARG E 81 20.99 -2.07 45.97
C ARG E 81 21.49 -3.39 46.44
N VAL E 82 20.79 -4.45 46.04
CA VAL E 82 21.26 -5.82 46.22
C VAL E 82 21.40 -6.41 44.84
N VAL E 83 22.34 -7.34 44.70
CA VAL E 83 22.51 -8.10 43.46
C VAL E 83 22.04 -9.54 43.64
N GLY E 84 21.10 -9.95 42.82
CA GLY E 84 20.50 -11.25 42.97
C GLY E 84 21.49 -12.41 42.95
N SER E 85 22.46 -12.37 42.05
CA SER E 85 23.38 -13.47 41.94
C SER E 85 24.29 -13.56 43.15
N GLU E 86 24.49 -12.44 43.84
CA GLU E 86 25.27 -12.43 45.08
C GLU E 86 24.48 -13.00 46.24
N LEU E 87 23.16 -12.95 46.18
CA LEU E 87 22.33 -13.55 47.24
C LEU E 87 22.27 -15.08 47.22
N VAL E 88 22.71 -15.71 46.12
CA VAL E 88 22.80 -17.18 46.06
C VAL E 88 24.13 -17.72 46.64
N GLU E 94 21.24 -18.87 55.05
CA GLU E 94 21.95 -17.59 54.94
C GLU E 94 21.54 -16.87 53.69
N GLY E 95 21.22 -15.58 53.82
CA GLY E 95 20.67 -14.86 52.69
C GLY E 95 19.20 -14.56 52.85
N ALA E 96 18.47 -15.40 53.58
CA ALA E 96 17.19 -15.00 54.12
C ALA E 96 17.44 -13.95 55.22
N ARG E 97 18.49 -14.20 56.01
CA ARG E 97 18.94 -13.26 57.02
C ARG E 97 19.37 -11.92 56.39
N LEU E 98 20.00 -12.01 55.22
CA LEU E 98 20.47 -10.82 54.53
C LEU E 98 19.33 -9.98 53.91
N VAL E 99 18.29 -10.65 53.41
CA VAL E 99 17.12 -9.94 52.88
C VAL E 99 16.43 -9.23 54.02
N HIS E 100 16.43 -9.85 55.19
CA HIS E 100 15.82 -9.23 56.35
C HIS E 100 16.59 -7.99 56.79
N GLU E 101 17.89 -8.12 56.98
CA GLU E 101 18.72 -6.98 57.37
C GLU E 101 18.53 -5.84 56.36
N LEU E 102 18.48 -6.18 55.08
CA LEU E 102 18.21 -5.19 54.03
C LEU E 102 16.94 -4.37 54.26
N PHE E 103 15.82 -5.03 54.55
CA PHE E 103 14.55 -4.31 54.72
C PHE E 103 14.50 -3.57 56.05
N GLU E 104 15.19 -4.09 57.07
CA GLU E 104 15.27 -3.40 58.37
C GLU E 104 16.00 -2.08 58.22
N LEU E 105 17.16 -2.14 57.57
CA LEU E 105 17.93 -0.93 57.33
C LEU E 105 17.12 0.06 56.49
N ALA E 106 16.44 -0.45 55.48
CA ALA E 106 15.70 0.40 54.60
C ALA E 106 14.62 1.16 55.36
N LYS E 107 14.02 0.51 56.35
CA LYS E 107 13.00 1.18 57.17
C LYS E 107 13.63 2.26 58.05
N GLU E 108 14.77 1.92 58.62
CA GLU E 108 15.52 2.83 59.47
C GLU E 108 15.84 4.10 58.72
N LYS E 109 16.36 3.95 57.49
CA LYS E 109 16.82 5.11 56.71
C LYS E 109 15.77 5.63 55.76
N ALA E 110 14.51 5.32 56.04
CA ALA E 110 13.39 5.73 55.22
C ALA E 110 13.26 7.25 55.19
N PRO E 111 12.78 7.82 54.06
CA PRO E 111 12.28 7.16 52.84
C PRO E 111 13.38 6.42 52.11
N THR E 112 13.07 5.22 51.62
CA THR E 112 14.06 4.37 50.94
C THR E 112 13.55 3.76 49.66
N ILE E 113 14.43 3.68 48.66
CA ILE E 113 14.16 2.89 47.42
C ILE E 113 15.07 1.67 47.40
N ILE E 114 14.50 0.48 47.54
CA ILE E 114 15.29 -0.76 47.46
C ILE E 114 15.35 -1.21 46.02
N PHE E 115 16.55 -1.36 45.48
CA PHE E 115 16.71 -1.88 44.12
C PHE E 115 17.28 -3.30 44.15
N ILE E 116 16.52 -4.27 43.64
CA ILE E 116 16.92 -5.70 43.60
C ILE E 116 17.30 -6.10 42.19
N ASP E 117 18.59 -6.12 41.90
CA ASP E 117 19.04 -6.44 40.53
C ASP E 117 19.05 -7.95 40.35
N GLU E 118 18.94 -8.40 39.11
CA GLU E 118 18.95 -9.83 38.81
C GLU E 118 17.98 -10.61 39.71
N ILE E 119 16.75 -10.13 39.85
CA ILE E 119 15.80 -10.82 40.73
C ILE E 119 15.54 -12.29 40.30
N ASP E 120 15.62 -12.57 39.00
CA ASP E 120 15.54 -13.96 38.46
C ASP E 120 16.51 -14.98 39.10
N ALA E 121 17.70 -14.54 39.51
CA ALA E 121 18.65 -15.41 40.21
C ALA E 121 18.08 -16.01 41.49
N ILE E 122 17.15 -15.28 42.08
CA ILE E 122 16.53 -15.63 43.35
C ILE E 122 15.11 -16.18 43.17
N GLY E 123 14.37 -15.64 42.19
CA GLY E 123 12.96 -16.00 42.01
C GLY E 123 12.57 -16.74 40.75
N ALA E 124 13.39 -17.67 40.29
CA ALA E 124 12.98 -18.53 39.16
C ALA E 124 11.93 -19.56 39.60
N LYS E 125 11.11 -20.03 38.66
CA LYS E 125 9.92 -20.86 39.02
C LYS E 125 10.12 -22.38 39.06
N GLU E 136 5.88 -22.71 50.50
CA GLU E 136 6.85 -23.79 50.25
C GLU E 136 7.66 -23.57 48.94
N VAL E 137 8.24 -22.37 48.94
CA VAL E 137 9.13 -21.76 47.92
C VAL E 137 10.55 -21.68 48.54
N ASN E 138 11.61 -21.34 47.78
CA ASN E 138 12.98 -21.24 48.39
C ASN E 138 13.12 -20.15 49.49
N ARG E 139 14.02 -20.43 50.44
CA ARG E 139 14.04 -19.71 51.72
C ARG E 139 14.37 -18.22 51.60
N THR E 140 15.25 -17.86 50.66
CA THR E 140 15.58 -16.47 50.38
C THR E 140 14.40 -15.77 49.67
N LEU E 141 13.88 -16.39 48.62
CA LEU E 141 12.71 -15.85 47.95
C LEU E 141 11.57 -15.60 48.93
N MET E 142 11.39 -16.55 49.85
CA MET E 142 10.28 -16.48 50.78
C MET E 142 10.44 -15.29 51.71
N GLN E 143 11.68 -14.88 51.96
CA GLN E 143 11.89 -13.71 52.81
C GLN E 143 11.44 -12.48 52.07
N LEU E 144 11.77 -12.40 50.79
CA LEU E 144 11.36 -11.26 49.99
C LEU E 144 9.83 -11.14 50.02
N LEU E 145 9.14 -12.26 49.89
CA LEU E 145 7.68 -12.26 49.91
C LEU E 145 7.14 -11.80 51.25
N ALA E 146 7.74 -12.31 52.32
CA ALA E 146 7.37 -11.93 53.69
C ALA E 146 7.55 -10.44 53.95
N GLU E 147 8.73 -9.91 53.58
CA GLU E 147 9.06 -8.52 53.81
C GLU E 147 8.16 -7.59 53.02
N MET E 148 7.83 -7.97 51.80
CA MET E 148 6.91 -7.13 51.05
C MET E 148 5.46 -7.18 51.54
N ASP E 149 5.00 -8.33 52.03
CA ASP E 149 3.67 -8.41 52.64
C ASP E 149 3.66 -7.69 53.98
N GLY E 150 4.84 -7.60 54.60
CA GLY E 150 5.00 -6.92 55.88
C GLY E 150 4.74 -5.43 55.85
N PHE E 151 5.44 -4.68 54.99
CA PHE E 151 5.26 -3.23 54.94
C PHE E 151 4.06 -2.84 54.05
N ASP E 152 3.43 -1.70 54.34
CA ASP E 152 2.17 -1.36 53.69
C ASP E 152 2.35 -0.29 52.59
N PRO E 153 1.42 -0.26 51.61
CA PRO E 153 1.50 0.77 50.59
C PRO E 153 0.94 2.05 51.20
N ARG E 154 1.28 3.19 50.62
CA ARG E 154 1.13 4.50 51.30
C ARG E 154 2.30 4.73 52.26
N GLY E 155 3.03 3.66 52.57
CA GLY E 155 4.27 3.75 53.33
C GLY E 155 5.35 4.41 52.48
N ASN E 156 6.54 4.53 53.07
CA ASN E 156 7.64 5.23 52.42
C ASN E 156 8.89 4.40 52.10
N VAL E 157 8.74 3.09 52.09
CA VAL E 157 9.76 2.19 51.51
C VAL E 157 9.16 1.57 50.25
N LYS E 158 9.81 1.76 49.11
CA LYS E 158 9.37 1.13 47.84
C LYS E 158 10.44 0.21 47.29
N VAL E 159 10.02 -0.86 46.63
CA VAL E 159 10.94 -1.82 46.02
C VAL E 159 10.88 -1.72 44.49
N ILE E 160 12.05 -1.70 43.85
CA ILE E 160 12.16 -1.84 42.40
C ILE E 160 13.05 -3.02 42.06
N ALA E 161 12.63 -3.83 41.09
CA ALA E 161 13.39 -5.04 40.72
C ALA E 161 13.71 -5.01 39.26
N ALA E 162 14.84 -5.61 38.90
CA ALA E 162 15.25 -5.70 37.51
C ALA E 162 15.53 -7.16 37.07
N THR E 163 15.21 -7.46 35.80
CA THR E 163 15.49 -8.76 35.23
C THR E 163 15.46 -8.74 33.70
N ASN E 164 16.20 -9.65 33.07
CA ASN E 164 16.06 -9.98 31.64
C ASN E 164 14.72 -10.58 31.37
N ARG E 165 14.45 -11.64 32.14
CA ARG E 165 13.45 -12.65 31.82
C ARG E 165 12.26 -12.53 32.79
N PRO E 166 11.27 -11.69 32.46
CA PRO E 166 10.04 -11.73 33.27
C PRO E 166 9.25 -13.04 33.17
N ASP E 167 9.43 -13.75 32.07
CA ASP E 167 8.72 -14.99 31.79
C ASP E 167 9.20 -16.14 32.69
N ILE E 168 10.46 -16.09 33.10
CA ILE E 168 11.00 -17.14 33.96
C ILE E 168 10.74 -16.91 35.47
N LEU E 169 10.11 -15.80 35.84
CA LEU E 169 9.84 -15.50 37.28
C LEU E 169 8.70 -16.29 37.92
N ASP E 170 8.92 -16.75 39.14
CA ASP E 170 7.90 -17.44 39.91
C ASP E 170 6.70 -16.53 39.99
N PRO E 171 5.53 -17.01 39.53
CA PRO E 171 4.34 -16.15 39.53
C PRO E 171 3.96 -15.57 40.90
N ALA E 172 4.60 -16.04 41.96
CA ALA E 172 4.37 -15.54 43.31
C ALA E 172 4.86 -14.08 43.47
N LEU E 173 5.92 -13.73 42.75
CA LEU E 173 6.44 -12.37 42.72
C LEU E 173 5.51 -11.42 41.98
N LEU E 174 4.71 -11.96 41.06
CA LEU E 174 3.88 -11.12 40.23
C LEU E 174 2.47 -10.95 40.80
N ARG E 175 2.18 -11.59 41.93
CA ARG E 175 0.86 -11.49 42.57
C ARG E 175 0.65 -10.13 43.21
N PRO E 176 -0.62 -9.77 43.47
CA PRO E 176 -0.94 -8.44 44.04
C PRO E 176 -0.22 -8.16 45.36
N GLY E 177 0.15 -6.90 45.55
CA GLY E 177 0.93 -6.49 46.72
C GLY E 177 2.42 -6.76 46.60
N ARG E 178 2.85 -7.30 45.45
CA ARG E 178 4.25 -7.59 45.20
C ARG E 178 4.72 -6.79 44.02
N PHE E 179 5.31 -7.41 43.01
CA PHE E 179 5.67 -6.69 41.81
C PHE E 179 4.56 -6.84 40.78
N ASP E 180 3.49 -6.11 41.02
CA ASP E 180 2.27 -6.14 40.21
C ASP E 180 2.24 -4.98 39.25
N ARG E 181 3.41 -4.38 39.00
CA ARG E 181 3.53 -3.27 38.06
C ARG E 181 4.81 -3.47 37.27
N LEU E 182 4.65 -3.60 35.96
CA LEU E 182 5.70 -4.08 35.10
C LEU E 182 6.01 -3.06 34.03
N ILE E 183 7.28 -2.75 33.84
CA ILE E 183 7.68 -1.77 32.82
C ILE E 183 8.84 -2.32 32.01
N GLU E 184 8.68 -2.30 30.70
CA GLU E 184 9.72 -2.76 29.80
C GLU E 184 10.69 -1.63 29.56
N VAL E 185 11.98 -1.90 29.71
CA VAL E 185 13.00 -0.90 29.49
C VAL E 185 13.87 -1.39 28.39
N PRO E 186 13.57 -0.96 27.17
CA PRO E 186 14.17 -1.50 25.95
C PRO E 186 15.41 -0.74 25.46
N LEU E 187 16.05 -1.32 24.46
CA LEU E 187 17.23 -0.75 23.85
C LEU E 187 16.87 0.66 23.32
N PRO E 188 17.81 1.61 23.39
CA PRO E 188 17.48 2.93 22.91
C PRO E 188 17.21 2.94 21.43
N ASP E 189 16.15 3.63 20.99
CA ASP E 189 15.92 3.83 19.53
C ASP E 189 16.94 4.81 18.98
N GLU E 190 16.92 5.03 17.67
CA GLU E 190 17.92 5.86 17.04
C GLU E 190 18.03 7.26 17.70
N PHE E 191 16.88 7.89 17.97
CA PHE E 191 16.86 9.21 18.59
C PHE E 191 17.45 9.16 19.99
N SER E 192 17.12 8.11 20.73
CA SER E 192 17.58 7.94 22.11
C SER E 192 19.09 7.81 22.17
N ARG E 193 19.65 6.98 21.27
CA ARG E 193 21.09 6.77 21.22
C ARG E 193 21.88 8.09 21.09
N ALA E 194 21.37 9.01 20.27
CA ALA E 194 22.00 10.31 20.09
C ALA E 194 21.99 11.14 21.38
N GLN E 195 20.90 11.05 22.13
CA GLN E 195 20.81 11.70 23.44
C GLN E 195 21.81 11.10 24.41
N ILE E 196 21.95 9.78 24.37
CA ILE E 196 22.80 9.08 25.31
C ILE E 196 24.25 9.51 25.09
N LEU E 197 24.66 9.59 23.83
CA LEU E 197 26.01 10.01 23.53
C LEU E 197 26.22 11.45 23.94
N GLN E 198 25.24 12.29 23.74
CA GLN E 198 25.38 13.69 24.10
C GLN E 198 25.52 13.81 25.60
N ILE E 199 24.65 13.11 26.32
CA ILE E 199 24.66 13.13 27.76
C ILE E 199 26.04 12.77 28.33
N HIS E 200 26.65 11.71 27.81
CA HIS E 200 27.93 11.24 28.35
C HIS E 200 29.15 11.98 27.80
N SER E 201 28.91 12.84 26.82
CA SER E 201 29.90 13.79 26.35
C SER E 201 29.80 15.20 26.99
N ARG E 202 28.83 15.45 27.87
CA ARG E 202 28.60 16.83 28.34
C ARG E 202 29.77 17.48 29.07
N LYS E 203 30.54 16.67 29.80
CA LYS E 203 31.71 17.14 30.57
C LYS E 203 32.98 17.27 29.73
N MET E 204 32.84 17.17 28.42
CA MET E 204 33.97 16.96 27.55
C MET E 204 33.76 17.85 26.31
N THR E 205 34.75 18.69 25.96
CA THR E 205 34.60 19.61 24.84
C THR E 205 34.61 18.83 23.53
N THR E 206 33.59 19.05 22.71
CA THR E 206 33.41 18.38 21.44
C THR E 206 33.33 19.40 20.34
N ASP E 207 33.72 19.03 19.13
CA ASP E 207 33.66 19.94 18.01
C ASP E 207 32.22 20.30 17.69
N ASP E 208 32.06 21.45 17.05
CA ASP E 208 30.76 21.86 16.56
C ASP E 208 30.33 20.98 15.39
N ASP E 209 31.29 20.41 14.66
CA ASP E 209 30.98 19.63 13.46
C ASP E 209 30.56 18.15 13.68
N ILE E 210 30.23 17.79 14.92
CA ILE E 210 29.91 16.38 15.24
C ILE E 210 28.48 16.01 14.81
N ASN E 211 28.38 14.96 14.01
CA ASN E 211 27.10 14.43 13.60
C ASN E 211 26.59 13.32 14.50
N TRP E 212 25.88 13.73 15.53
CA TRP E 212 25.30 12.79 16.48
C TRP E 212 24.38 11.75 15.84
N GLN E 213 23.66 12.13 14.78
CA GLN E 213 22.66 11.25 14.22
C GLN E 213 23.29 10.16 13.33
N GLU E 214 24.39 10.46 12.65
CA GLU E 214 25.14 9.43 11.97
C GLU E 214 25.68 8.41 12.99
N LEU E 215 26.22 8.92 14.10
CA LEU E 215 26.77 8.07 15.15
C LEU E 215 25.68 7.18 15.67
N ALA E 216 24.51 7.77 15.89
CA ALA E 216 23.36 6.99 16.30
C ALA E 216 22.98 5.91 15.28
N ARG E 217 22.99 6.23 13.99
CA ARG E 217 22.73 5.19 12.94
C ARG E 217 23.75 4.07 13.01
N SER E 218 24.99 4.41 13.33
CA SER E 218 26.08 3.45 13.37
C SER E 218 26.14 2.62 14.67
N THR E 219 25.15 2.76 15.54
CA THR E 219 25.16 2.07 16.82
C THR E 219 23.85 1.30 16.99
N ASP E 220 23.30 0.85 15.87
CA ASP E 220 22.13 -0.03 15.90
C ASP E 220 22.46 -1.15 16.89
N GLU E 221 21.50 -1.45 17.78
CA GLU E 221 21.58 -2.51 18.80
C GLU E 221 22.55 -2.27 19.98
N PHE E 222 23.11 -1.09 20.09
CA PHE E 222 23.90 -0.75 21.27
C PHE E 222 22.96 -0.51 22.45
N ASN E 223 23.45 -0.81 23.65
CA ASN E 223 22.79 -0.37 24.87
C ASN E 223 23.45 0.89 25.42
N GLY E 224 22.81 1.48 26.43
CA GLY E 224 23.32 2.68 27.08
C GLY E 224 24.74 2.54 27.59
N ALA E 225 25.05 1.42 28.23
CA ALA E 225 26.41 1.24 28.74
C ALA E 225 27.46 1.27 27.64
N GLN E 226 27.15 0.67 26.49
CA GLN E 226 28.12 0.71 25.38
C GLN E 226 28.21 2.08 24.76
N LEU E 227 27.08 2.79 24.70
CA LEU E 227 27.14 4.20 24.27
C LEU E 227 27.99 5.06 25.22
N LYS E 228 27.88 4.83 26.52
CA LYS E 228 28.75 5.57 27.45
C LYS E 228 30.21 5.24 27.20
N ALA E 229 30.47 3.95 26.99
CA ALA E 229 31.82 3.46 26.74
C ALA E 229 32.40 4.09 25.47
N VAL E 230 31.55 4.30 24.47
CA VAL E 230 31.98 4.99 23.26
C VAL E 230 32.47 6.34 23.64
N THR E 231 31.67 7.12 24.38
CA THR E 231 32.11 8.46 24.80
C THR E 231 33.46 8.38 25.50
N VAL E 232 33.62 7.42 26.40
CA VAL E 232 34.89 7.25 27.09
C VAL E 232 36.09 6.97 26.15
N GLU E 233 35.98 6.04 25.18
CA GLU E 233 37.08 5.80 24.25
C GLU E 233 37.35 7.02 23.35
N ALA E 234 36.29 7.67 22.89
CA ALA E 234 36.48 8.85 22.06
C ALA E 234 37.35 9.84 22.82
N GLY E 235 36.99 10.11 24.07
CA GLY E 235 37.78 11.01 24.91
C GLY E 235 39.22 10.55 25.07
N MET E 236 39.41 9.24 25.27
CA MET E 236 40.76 8.67 25.42
C MET E 236 41.58 8.76 24.15
N ILE E 237 40.95 8.64 22.99
CA ILE E 237 41.68 8.80 21.72
C ILE E 237 42.16 10.24 21.52
N ALA E 238 41.26 11.20 21.82
CA ALA E 238 41.61 12.62 21.83
C ALA E 238 42.79 12.93 22.76
N LEU E 239 42.79 12.32 23.95
CA LEU E 239 43.90 12.47 24.88
C LEU E 239 45.20 11.94 24.31
N ARG E 240 45.19 10.69 23.86
CA ARG E 240 46.40 10.07 23.29
C ARG E 240 46.97 10.86 22.11
N ASN E 241 46.08 11.55 21.38
CA ASN E 241 46.46 12.51 20.32
C ASN E 241 46.73 13.95 20.78
N GLY E 242 46.74 14.20 22.08
CA GLY E 242 46.98 15.56 22.58
C GLY E 242 46.06 16.64 22.07
N GLN E 243 44.82 16.26 21.74
CA GLN E 243 43.81 17.22 21.29
C GLN E 243 43.19 17.85 22.53
N SER E 244 42.66 19.07 22.40
CA SER E 244 41.92 19.70 23.50
C SER E 244 40.40 19.67 23.26
N SER E 245 39.98 18.90 22.26
CA SER E 245 38.56 18.60 22.07
C SER E 245 38.37 17.32 21.26
N VAL E 246 37.17 16.75 21.37
CA VAL E 246 36.85 15.47 20.78
C VAL E 246 36.16 15.62 19.43
N LYS E 247 36.70 14.94 18.43
CA LYS E 247 36.29 15.09 17.03
C LYS E 247 35.29 14.04 16.69
N HIS E 248 34.61 14.23 15.58
CA HIS E 248 33.64 13.27 15.09
C HIS E 248 34.32 11.95 14.80
N GLU E 249 35.52 12.00 14.23
CA GLU E 249 36.25 10.78 13.82
C GLU E 249 36.72 10.01 15.05
N ASP E 250 36.87 10.70 16.16
CA ASP E 250 37.14 10.05 17.42
C ASP E 250 35.97 9.19 17.92
N PHE E 251 34.75 9.68 17.72
CA PHE E 251 33.55 8.93 18.14
C PHE E 251 33.39 7.73 17.23
N VAL E 252 33.72 7.90 15.95
CA VAL E 252 33.58 6.81 14.98
C VAL E 252 34.57 5.68 15.29
N GLU E 253 35.76 6.05 15.75
CA GLU E 253 36.79 5.04 16.10
C GLU E 253 36.43 4.37 17.41
N GLY E 254 35.84 5.14 18.33
CA GLY E 254 35.34 4.61 19.60
C GLY E 254 34.20 3.62 19.43
N ILE E 255 33.30 3.88 18.49
CA ILE E 255 32.24 2.93 18.14
C ILE E 255 32.88 1.64 17.64
N SER E 256 33.83 1.77 16.73
CA SER E 256 34.54 0.62 16.22
C SER E 256 35.24 -0.20 17.33
N GLU E 257 35.78 0.48 18.33
CA GLU E 257 36.43 -0.21 19.46
C GLU E 257 35.42 -0.95 20.35
N VAL E 258 34.29 -0.31 20.67
CA VAL E 258 33.31 -0.95 21.51
C VAL E 258 32.70 -2.15 20.76
N GLN E 259 32.52 -2.04 19.45
CA GLN E 259 32.02 -3.19 18.67
C GLN E 259 32.99 -4.37 18.65
N ALA E 260 34.29 -4.08 18.65
CA ALA E 260 35.30 -5.11 18.83
C ALA E 260 35.22 -5.84 20.16
N ARG E 261 35.00 -5.13 21.26
CA ARG E 261 34.94 -5.76 22.59
C ARG E 261 33.72 -6.64 22.78
N LYS E 262 32.59 -6.24 22.20
CA LYS E 262 31.38 -7.06 22.21
C LYS E 262 31.66 -8.45 21.66
N SER E 263 32.30 -8.50 20.49
CA SER E 263 32.73 -9.71 19.81
C SER E 263 33.64 -10.58 20.67
N LYS E 264 34.41 -9.96 21.56
CA LYS E 264 35.23 -10.70 22.54
C LYS E 264 34.51 -11.04 23.86
N SER E 265 33.31 -11.63 23.79
CA SER E 265 32.41 -11.76 24.96
C SER E 265 33.13 -11.79 26.31
N MET F 4 -27.45 10.50 14.17
CA MET F 4 -26.87 9.47 15.08
C MET F 4 -25.31 9.40 14.92
N GLY F 5 -24.74 8.29 14.42
CA GLY F 5 -23.30 8.19 14.04
C GLY F 5 -22.41 7.40 15.02
N PHE F 6 -22.73 7.49 16.30
CA PHE F 6 -21.92 6.92 17.36
C PHE F 6 -22.70 7.12 18.64
N GLU F 7 -22.52 6.20 19.58
CA GLU F 7 -23.35 6.13 20.78
C GLU F 7 -22.95 7.27 21.76
N VAL F 8 -23.94 8.00 22.28
CA VAL F 8 -23.72 9.03 23.31
C VAL F 8 -24.54 8.68 24.54
N VAL F 9 -23.89 8.67 25.69
CA VAL F 9 -24.53 8.26 26.92
C VAL F 9 -24.24 9.35 27.94
N GLU F 10 -25.26 10.15 28.26
CA GLU F 10 -25.06 11.36 29.05
C GLU F 10 -24.29 11.07 30.33
N ARG F 11 -24.58 9.94 30.95
CA ARG F 11 -23.85 9.51 32.13
C ARG F 11 -24.15 8.05 32.38
N PRO F 12 -23.18 7.16 32.15
CA PRO F 12 -23.45 5.73 32.14
C PRO F 12 -23.61 5.18 33.54
N ASN F 13 -24.57 4.27 33.71
CA ASN F 13 -24.87 3.72 35.03
C ASN F 13 -24.16 2.37 35.15
N VAL F 14 -22.84 2.46 35.26
CA VAL F 14 -21.97 1.31 35.41
C VAL F 14 -20.89 1.73 36.39
N THR F 15 -20.63 0.90 37.40
CA THR F 15 -19.63 1.21 38.40
C THR F 15 -18.56 0.14 38.46
N TYR F 16 -17.54 0.42 39.26
CA TYR F 16 -16.48 -0.54 39.49
C TYR F 16 -16.98 -1.84 40.14
N ASN F 17 -18.10 -1.78 40.86
CA ASN F 17 -18.73 -2.98 41.43
C ASN F 17 -19.38 -3.89 40.40
N ASP F 18 -19.58 -3.40 39.18
CA ASP F 18 -20.16 -4.21 38.11
C ASP F 18 -19.10 -5.00 37.31
N ILE F 19 -17.83 -4.80 37.64
CA ILE F 19 -16.71 -5.37 36.96
C ILE F 19 -16.10 -6.50 37.79
N GLY F 20 -16.03 -7.70 37.21
CA GLY F 20 -15.50 -8.86 37.88
C GLY F 20 -14.03 -9.03 37.57
N GLY F 21 -13.23 -9.21 38.63
CA GLY F 21 -11.82 -9.56 38.49
C GLY F 21 -10.90 -8.83 37.54
N LEU F 22 -10.72 -7.53 37.70
CA LEU F 22 -9.69 -6.85 36.87
C LEU F 22 -9.08 -5.77 37.76
N LYS F 23 -8.71 -6.16 38.97
CA LYS F 23 -8.36 -5.18 40.00
C LYS F 23 -7.11 -4.41 39.63
N LYS F 24 -6.09 -5.15 39.19
CA LYS F 24 -4.81 -4.56 38.77
C LYS F 24 -4.96 -3.70 37.52
N GLN F 25 -5.69 -4.20 36.51
CA GLN F 25 -5.81 -3.43 35.26
C GLN F 25 -6.75 -2.25 35.42
N LEU F 26 -7.80 -2.41 36.20
CA LEU F 26 -8.65 -1.29 36.53
C LEU F 26 -7.86 -0.18 37.28
N GLN F 27 -7.03 -0.58 38.23
CA GLN F 27 -6.19 0.38 38.93
C GLN F 27 -5.27 1.17 37.99
N GLU F 28 -4.66 0.49 37.02
CA GLU F 28 -3.77 1.19 36.06
C GLU F 28 -4.52 2.20 35.21
N LEU F 29 -5.78 1.88 34.89
CA LEU F 29 -6.59 2.79 34.06
C LEU F 29 -7.07 3.98 34.90
N ARG F 30 -7.44 3.72 36.15
CA ARG F 30 -7.80 4.77 37.10
C ARG F 30 -6.62 5.72 37.33
N GLU F 31 -5.43 5.16 37.54
CA GLU F 31 -4.20 5.98 37.71
C GLU F 31 -3.87 6.81 36.47
N ALA F 32 -4.38 6.37 35.31
CA ALA F 32 -4.07 7.00 34.01
C ALA F 32 -5.03 8.11 33.61
N ILE F 33 -6.29 7.89 33.94
CA ILE F 33 -7.36 8.77 33.52
C ILE F 33 -8.10 9.46 34.69
N GLU F 34 -8.46 8.70 35.73
CA GLU F 34 -9.24 9.23 36.85
C GLU F 34 -8.42 10.19 37.71
N LEU F 35 -7.23 9.75 38.11
CA LEU F 35 -6.30 10.59 38.89
C LEU F 35 -6.06 11.96 38.25
N PRO F 36 -5.65 11.99 36.97
CA PRO F 36 -5.45 13.30 36.34
C PRO F 36 -6.72 14.12 36.05
N LEU F 37 -7.90 13.52 36.17
CA LEU F 37 -9.16 14.25 36.00
C LEU F 37 -9.59 14.88 37.32
N LYS F 38 -9.45 14.13 38.40
CA LYS F 38 -9.85 14.55 39.73
C LYS F 38 -8.87 15.51 40.34
N HIS F 39 -7.62 15.47 39.88
CA HIS F 39 -6.54 16.21 40.50
C HIS F 39 -5.47 16.58 39.49
N PRO F 40 -5.85 17.29 38.41
CA PRO F 40 -4.89 17.58 37.33
C PRO F 40 -3.74 18.47 37.78
N GLU F 41 -3.96 19.16 38.88
CA GLU F 41 -3.04 20.14 39.44
C GLU F 41 -1.79 19.45 39.98
N LEU F 42 -1.98 18.24 40.50
CA LEU F 42 -0.86 17.42 40.92
C LEU F 42 0.09 17.07 39.80
N PHE F 43 -0.46 16.77 38.63
CA PHE F 43 0.35 16.38 37.50
C PHE F 43 1.13 17.57 36.92
N GLU F 44 0.68 18.78 37.22
CA GLU F 44 1.38 20.00 36.78
C GLU F 44 2.47 20.36 37.78
N GLU F 45 2.15 20.27 39.06
CA GLU F 45 3.10 20.52 40.13
C GLU F 45 4.38 19.71 39.89
N VAL F 46 4.20 18.43 39.57
CA VAL F 46 5.31 17.49 39.36
C VAL F 46 5.86 17.53 37.93
N GLY F 47 5.15 18.17 37.02
CA GLY F 47 5.62 18.36 35.67
C GLY F 47 5.62 17.07 34.85
N ILE F 48 4.51 16.33 34.89
CA ILE F 48 4.32 15.19 33.98
C ILE F 48 2.97 15.24 33.27
N ASP F 49 3.01 15.16 31.94
CA ASP F 49 1.80 15.16 31.14
C ASP F 49 1.11 13.80 31.27
N PRO F 50 -0.12 13.78 31.79
CA PRO F 50 -0.82 12.49 31.77
C PRO F 50 -1.14 12.05 30.34
N PRO F 51 -1.46 10.78 30.16
CA PRO F 51 -1.68 10.26 28.81
C PRO F 51 -3.00 10.72 28.21
N LYS F 52 -2.98 11.12 26.94
CA LYS F 52 -4.17 11.49 26.22
C LYS F 52 -5.00 10.26 25.83
N GLY F 53 -4.30 9.16 25.57
CA GLY F 53 -4.89 7.92 25.04
C GLY F 53 -4.43 6.72 25.84
N VAL F 54 -5.36 5.86 26.18
CA VAL F 54 -5.05 4.57 26.80
C VAL F 54 -5.60 3.50 25.90
N LEU F 55 -4.74 2.55 25.53
CA LEU F 55 -5.15 1.42 24.69
C LEU F 55 -5.37 0.22 25.58
N LEU F 56 -6.61 -0.24 25.63
CA LEU F 56 -6.95 -1.54 26.18
C LEU F 56 -6.92 -2.63 25.07
N TYR F 57 -6.25 -3.76 25.33
CA TYR F 57 -6.21 -4.85 24.34
C TYR F 57 -6.38 -6.18 24.99
N GLY F 58 -6.90 -7.13 24.21
CA GLY F 58 -7.12 -8.49 24.68
C GLY F 58 -8.32 -9.07 23.96
N PRO F 59 -8.68 -10.31 24.27
CA PRO F 59 -9.73 -10.94 23.49
C PRO F 59 -11.12 -10.35 23.77
N PRO F 60 -12.06 -10.55 22.85
CA PRO F 60 -13.42 -10.05 22.96
C PRO F 60 -14.12 -10.40 24.26
N GLY F 61 -15.03 -9.51 24.65
CA GLY F 61 -15.95 -9.73 25.74
C GLY F 61 -15.29 -9.95 27.07
N CYS F 62 -14.15 -9.31 27.32
CA CYS F 62 -13.47 -9.45 28.62
C CYS F 62 -13.58 -8.19 29.48
N GLY F 63 -14.33 -7.20 29.02
CA GLY F 63 -14.67 -6.02 29.84
C GLY F 63 -14.00 -4.69 29.53
N LYS F 64 -13.37 -4.56 28.37
CA LYS F 64 -12.78 -3.29 28.00
C LYS F 64 -13.83 -2.20 27.99
N THR F 65 -14.92 -2.43 27.26
CA THR F 65 -16.00 -1.46 27.20
C THR F 65 -16.50 -1.17 28.62
N LEU F 66 -16.70 -2.20 29.43
CA LEU F 66 -17.10 -2.04 30.82
C LEU F 66 -16.22 -1.06 31.58
N MET F 67 -14.92 -1.29 31.53
CA MET F 67 -13.99 -0.48 32.27
C MET F 67 -14.12 0.97 31.83
N ALA F 68 -14.20 1.18 30.53
CA ALA F 68 -14.33 2.50 29.96
C ALA F 68 -15.60 3.22 30.45
N LYS F 69 -16.74 2.52 30.44
CA LYS F 69 -17.97 3.11 30.95
C LYS F 69 -17.84 3.41 32.42
N ALA F 70 -17.22 2.50 33.17
CA ALA F 70 -17.10 2.65 34.61
C ALA F 70 -16.24 3.84 34.97
N ILE F 71 -15.14 4.03 34.26
CA ILE F 71 -14.30 5.23 34.47
C ILE F 71 -15.14 6.50 34.31
N ALA F 72 -15.87 6.57 33.20
CA ALA F 72 -16.67 7.74 32.88
C ALA F 72 -17.66 8.05 34.00
N HIS F 73 -18.28 7.01 34.54
CA HIS F 73 -19.21 7.16 35.65
C HIS F 73 -18.55 7.78 36.87
N GLU F 74 -17.39 7.23 37.29
CA GLU F 74 -16.73 7.71 38.51
C GLU F 74 -16.34 9.18 38.42
N VAL F 75 -16.01 9.59 37.21
CA VAL F 75 -15.41 10.88 36.98
C VAL F 75 -16.45 11.87 36.38
N ASN F 76 -17.73 11.47 36.39
CA ASN F 76 -18.90 12.32 35.99
C ASN F 76 -18.82 12.85 34.58
N ALA F 77 -18.36 11.99 33.68
CA ALA F 77 -18.06 12.36 32.31
C ALA F 77 -19.06 11.76 31.36
N THR F 78 -19.18 12.40 30.21
CA THR F 78 -19.93 11.82 29.13
C THR F 78 -19.13 10.65 28.54
N PHE F 79 -19.83 9.62 28.11
CA PHE F 79 -19.21 8.50 27.41
C PHE F 79 -19.66 8.47 25.97
N ILE F 80 -18.72 8.61 25.05
CA ILE F 80 -19.04 8.51 23.62
C ILE F 80 -18.28 7.37 22.99
N ARG F 81 -19.01 6.57 22.25
CA ARG F 81 -18.50 5.35 21.70
C ARG F 81 -18.60 5.42 20.21
N VAL F 82 -17.49 5.12 19.56
CA VAL F 82 -17.49 4.85 18.12
C VAL F 82 -17.06 3.41 17.91
N VAL F 83 -17.54 2.78 16.84
CA VAL F 83 -17.11 1.43 16.43
C VAL F 83 -16.23 1.52 15.18
N GLY F 84 -15.02 1.01 15.30
CA GLY F 84 -14.06 1.14 14.23
C GLY F 84 -14.56 0.59 12.90
N SER F 85 -15.22 -0.57 12.92
CA SER F 85 -15.62 -1.20 11.66
C SER F 85 -16.73 -0.41 11.00
N GLU F 86 -17.47 0.36 11.78
CA GLU F 86 -18.49 1.26 11.23
C GLU F 86 -17.89 2.50 10.61
N LEU F 87 -16.71 2.91 11.06
CA LEU F 87 -16.03 4.05 10.44
C LEU F 87 -15.43 3.78 9.05
N VAL F 88 -15.32 2.51 8.65
CA VAL F 88 -14.86 2.15 7.28
C VAL F 88 -16.04 2.15 6.27
N ARG F 89 -15.93 2.98 5.23
CA ARG F 89 -17.00 3.21 4.24
C ARG F 89 -16.62 2.74 2.83
N GLU F 94 -15.38 10.67 3.63
CA GLU F 94 -16.39 10.63 4.70
C GLU F 94 -15.93 9.75 5.82
N GLY F 95 -16.10 10.20 7.07
CA GLY F 95 -15.55 9.46 8.20
C GLY F 95 -14.37 10.15 8.84
N ALA F 96 -13.61 10.90 8.07
CA ALA F 96 -12.73 11.90 8.65
C ALA F 96 -13.60 13.03 9.24
N ARG F 97 -14.66 13.38 8.51
CA ARG F 97 -15.66 14.33 8.99
C ARG F 97 -16.33 13.83 10.27
N LEU F 98 -16.58 12.53 10.31
CA LEU F 98 -17.24 11.92 11.46
C LEU F 98 -16.34 11.86 12.72
N VAL F 99 -15.03 11.64 12.52
CA VAL F 99 -14.09 11.68 13.63
C VAL F 99 -14.02 13.10 14.19
N HIS F 100 -14.11 14.08 13.29
CA HIS F 100 -14.07 15.47 13.72
C HIS F 100 -15.31 15.86 14.52
N GLU F 101 -16.49 15.58 13.99
CA GLU F 101 -17.76 15.80 14.72
C GLU F 101 -17.67 15.16 16.11
N LEU F 102 -17.20 13.92 16.16
CA LEU F 102 -17.02 13.20 17.42
C LEU F 102 -16.24 14.00 18.46
N PHE F 103 -15.07 14.53 18.08
CA PHE F 103 -14.23 15.22 19.05
C PHE F 103 -14.77 16.60 19.38
N GLU F 104 -15.49 17.21 18.44
CA GLU F 104 -16.13 18.50 18.69
C GLU F 104 -17.21 18.33 19.76
N LEU F 105 -18.06 17.34 19.56
CA LEU F 105 -19.13 17.07 20.50
C LEU F 105 -18.55 16.74 21.85
N ALA F 106 -17.49 15.94 21.84
CA ALA F 106 -16.87 15.54 23.09
C ALA F 106 -16.36 16.74 23.88
N LYS F 107 -15.85 17.75 23.19
CA LYS F 107 -15.39 18.96 23.88
C LYS F 107 -16.56 19.76 24.45
N GLU F 108 -17.63 19.85 23.66
CA GLU F 108 -18.84 20.54 24.06
C GLU F 108 -19.38 19.94 25.35
N LYS F 109 -19.48 18.61 25.39
CA LYS F 109 -20.09 17.92 26.53
C LYS F 109 -19.08 17.49 27.59
N ALA F 110 -17.91 18.11 27.56
CA ALA F 110 -16.84 17.80 28.49
C ALA F 110 -17.24 18.07 29.93
N PRO F 111 -16.71 17.28 30.88
CA PRO F 111 -15.72 16.21 30.76
C PRO F 111 -16.25 15.04 29.95
N THR F 112 -15.42 14.50 29.06
CA THR F 112 -15.84 13.38 28.21
C THR F 112 -14.83 12.25 28.15
N ILE F 113 -15.33 11.02 28.09
CA ILE F 113 -14.50 9.84 27.77
C ILE F 113 -14.90 9.36 26.40
N ILE F 114 -14.00 9.47 25.43
CA ILE F 114 -14.23 8.87 24.08
C ILE F 114 -13.75 7.44 24.03
N PHE F 115 -14.62 6.50 23.70
CA PHE F 115 -14.22 5.11 23.56
C PHE F 115 -14.23 4.71 22.09
N ILE F 116 -13.07 4.32 21.56
CA ILE F 116 -12.94 3.89 20.17
C ILE F 116 -12.77 2.37 20.10
N ASP F 117 -13.85 1.67 19.80
CA ASP F 117 -13.76 0.21 19.73
C ASP F 117 -13.19 -0.23 18.40
N GLU F 118 -12.62 -1.42 18.36
CA GLU F 118 -12.05 -1.94 17.12
C GLU F 118 -11.16 -0.92 16.42
N ILE F 119 -10.25 -0.30 17.16
CA ILE F 119 -9.40 0.70 16.54
C ILE F 119 -8.55 0.14 15.37
N ASP F 120 -8.19 -1.14 15.44
CA ASP F 120 -7.47 -1.84 14.36
C ASP F 120 -8.15 -1.76 12.99
N ALA F 121 -9.48 -1.71 12.96
CA ALA F 121 -10.21 -1.54 11.69
C ALA F 121 -9.82 -0.26 10.94
N ILE F 122 -9.42 0.74 11.71
CA ILE F 122 -9.07 2.06 11.21
C ILE F 122 -7.54 2.28 11.15
N GLY F 123 -6.81 1.71 12.10
CA GLY F 123 -5.37 1.96 12.23
C GLY F 123 -4.42 0.79 12.01
N ALA F 124 -4.69 -0.08 11.04
CA ALA F 124 -3.73 -1.14 10.66
C ALA F 124 -2.55 -0.56 9.88
N LYS F 125 -1.38 -1.23 9.93
CA LYS F 125 -0.11 -0.65 9.42
C LYS F 125 0.23 -0.99 7.99
N GLU F 136 0.32 11.27 4.39
CA GLU F 136 1.15 10.12 4.64
C GLU F 136 0.33 8.78 4.90
N VAL F 137 -0.69 8.86 5.77
CA VAL F 137 -1.48 7.74 6.36
C VAL F 137 -2.96 7.83 5.87
N ASN F 138 -3.82 6.82 6.09
CA ASN F 138 -5.25 6.94 5.66
C ASN F 138 -6.06 8.09 6.33
N ARG F 139 -7.02 8.61 5.57
CA ARG F 139 -7.63 9.91 5.84
C ARG F 139 -8.41 9.95 7.16
N THR F 140 -9.09 8.86 7.50
CA THR F 140 -9.80 8.73 8.78
C THR F 140 -8.79 8.57 9.95
N LEU F 141 -7.83 7.66 9.80
CA LEU F 141 -6.77 7.54 10.81
C LEU F 141 -6.08 8.89 11.07
N MET F 142 -5.83 9.65 10.00
CA MET F 142 -5.12 10.90 10.10
C MET F 142 -5.92 11.92 10.90
N GLN F 143 -7.25 11.81 10.86
CA GLN F 143 -8.08 12.73 11.65
C GLN F 143 -7.92 12.41 13.13
N LEU F 144 -7.89 11.13 13.44
CA LEU F 144 -7.68 10.72 14.83
C LEU F 144 -6.37 11.30 15.36
N LEU F 145 -5.32 11.24 14.55
CA LEU F 145 -4.03 11.72 14.97
C LEU F 145 -4.07 13.22 15.18
N ALA F 146 -4.70 13.92 14.25
CA ALA F 146 -4.83 15.37 14.30
C ALA F 146 -5.59 15.81 15.56
N GLU F 147 -6.73 15.17 15.81
CA GLU F 147 -7.57 15.51 16.94
C GLU F 147 -6.89 15.25 18.26
N MET F 148 -6.15 14.16 18.35
CA MET F 148 -5.42 13.92 19.59
C MET F 148 -4.22 14.86 19.80
N ASP F 149 -3.54 15.25 18.74
CA ASP F 149 -2.45 16.25 18.85
C ASP F 149 -3.04 17.63 19.15
N GLY F 150 -4.30 17.82 18.75
CA GLY F 150 -5.01 19.06 18.99
C GLY F 150 -5.28 19.37 20.45
N PHE F 151 -5.95 18.48 21.16
CA PHE F 151 -6.29 18.75 22.57
C PHE F 151 -5.13 18.41 23.49
N ASP F 152 -5.04 19.09 24.64
CA ASP F 152 -3.87 18.98 25.51
C ASP F 152 -4.11 18.08 26.74
N PRO F 153 -3.03 17.51 27.31
CA PRO F 153 -3.20 16.70 28.52
C PRO F 153 -3.31 17.66 29.68
N ARG F 154 -3.87 17.21 30.80
CA ARG F 154 -4.40 18.12 31.84
C ARG F 154 -5.78 18.65 31.46
N GLY F 155 -6.14 18.51 30.19
CA GLY F 155 -7.47 18.79 29.72
C GLY F 155 -8.45 17.75 30.25
N ASN F 156 -9.70 17.88 29.86
CA ASN F 156 -10.77 17.03 30.38
C ASN F 156 -11.49 16.13 29.38
N VAL F 157 -10.89 15.94 28.20
CA VAL F 157 -11.35 14.95 27.24
C VAL F 157 -10.28 13.89 27.13
N LYS F 158 -10.63 12.66 27.46
CA LYS F 158 -9.68 11.53 27.36
C LYS F 158 -10.17 10.52 26.35
N VAL F 159 -9.24 9.87 25.67
CA VAL F 159 -9.58 8.82 24.71
C VAL F 159 -9.15 7.45 25.25
N ILE F 160 -10.03 6.46 25.10
CA ILE F 160 -9.70 5.05 25.35
C ILE F 160 -10.00 4.23 24.12
N ALA F 161 -9.10 3.32 23.77
CA ALA F 161 -9.26 2.53 22.57
C ALA F 161 -9.16 1.07 22.89
N ALA F 162 -9.84 0.25 22.10
CA ALA F 162 -9.82 -1.21 22.27
C ALA F 162 -9.45 -1.94 20.99
N THR F 163 -8.74 -3.05 21.16
CA THR F 163 -8.37 -3.91 20.04
C THR F 163 -7.93 -5.30 20.50
N ASN F 164 -8.09 -6.29 19.62
CA ASN F 164 -7.47 -7.61 19.76
C ASN F 164 -5.97 -7.50 19.69
N ARG F 165 -5.55 -6.90 18.58
CA ARG F 165 -4.22 -7.05 18.01
C ARG F 165 -3.44 -5.74 18.16
N PRO F 166 -2.75 -5.55 19.29
CA PRO F 166 -1.88 -4.36 19.40
C PRO F 166 -0.68 -4.41 18.45
N ASP F 167 -0.30 -5.62 18.04
CA ASP F 167 0.85 -5.83 17.17
C ASP F 167 0.57 -5.36 15.75
N ILE F 168 -0.69 -5.41 15.32
CA ILE F 168 -1.04 -5.01 13.96
C ILE F 168 -1.27 -3.49 13.82
N LEU F 169 -1.21 -2.73 14.91
CA LEU F 169 -1.46 -1.26 14.86
C LEU F 169 -0.34 -0.43 14.27
N ASP F 170 -0.71 0.53 13.43
CA ASP F 170 0.25 1.47 12.88
C ASP F 170 0.99 2.11 14.05
N PRO F 171 2.32 1.99 14.08
CA PRO F 171 3.08 2.54 15.20
C PRO F 171 2.86 4.02 15.45
N ALA F 172 2.16 4.71 14.54
CA ALA F 172 1.83 6.13 14.69
C ALA F 172 0.86 6.37 15.85
N LEU F 173 -0.02 5.40 16.09
CA LEU F 173 -0.96 5.45 17.19
C LEU F 173 -0.26 5.24 18.53
N LEU F 174 0.88 4.58 18.52
CA LEU F 174 1.55 4.24 19.76
C LEU F 174 2.60 5.27 20.14
N ARG F 175 2.79 6.30 19.30
CA ARG F 175 3.79 7.37 19.58
C ARG F 175 3.34 8.27 20.71
N PRO F 176 4.27 9.00 21.32
CA PRO F 176 3.93 9.84 22.47
C PRO F 176 2.82 10.84 22.16
N GLY F 177 1.98 11.12 23.16
CA GLY F 177 0.87 12.04 23.01
C GLY F 177 -0.35 11.39 22.38
N ARG F 178 -0.23 10.09 22.09
CA ARG F 178 -1.33 9.34 21.51
C ARG F 178 -1.71 8.21 22.46
N PHE F 179 -1.76 6.96 21.99
CA PHE F 179 -2.03 5.86 22.90
C PHE F 179 -0.71 5.27 23.37
N ASP F 180 -0.07 6.00 24.29
CA ASP F 180 1.26 5.64 24.81
C ASP F 180 1.15 4.96 26.16
N ARG F 181 -0.04 4.45 26.47
CA ARG F 181 -0.31 3.73 27.70
C ARG F 181 -1.18 2.53 27.40
N LEU F 182 -0.65 1.35 27.66
CA LEU F 182 -1.20 0.13 27.15
C LEU F 182 -1.57 -0.75 28.30
N ILE F 183 -2.77 -1.31 28.28
CA ILE F 183 -3.20 -2.25 29.34
C ILE F 183 -3.82 -3.50 28.71
N GLU F 184 -3.32 -4.67 29.13
CA GLU F 184 -3.85 -5.92 28.66
C GLU F 184 -5.07 -6.25 29.51
N VAL F 185 -6.18 -6.61 28.86
CA VAL F 185 -7.38 -7.01 29.55
C VAL F 185 -7.67 -8.43 29.14
N PRO F 186 -7.20 -9.40 29.94
CA PRO F 186 -7.25 -10.82 29.62
C PRO F 186 -8.49 -11.57 30.08
N LEU F 187 -8.60 -12.82 29.62
CA LEU F 187 -9.68 -13.73 30.00
C LEU F 187 -9.72 -13.86 31.53
N PRO F 188 -10.92 -13.98 32.10
CA PRO F 188 -10.97 -14.05 33.57
C PRO F 188 -10.33 -15.33 34.06
N ASP F 189 -9.51 -15.25 35.11
CA ASP F 189 -8.99 -16.49 35.77
C ASP F 189 -10.12 -17.17 36.54
N GLU F 190 -9.83 -18.33 37.13
CA GLU F 190 -10.86 -19.13 37.79
C GLU F 190 -11.62 -18.31 38.85
N PHE F 191 -10.90 -17.55 39.67
CA PHE F 191 -11.51 -16.73 40.71
C PHE F 191 -12.40 -15.63 40.10
N SER F 192 -11.92 -15.03 39.01
CA SER F 192 -12.64 -13.94 38.34
C SER F 192 -13.96 -14.44 37.77
N ARG F 193 -13.93 -15.60 37.10
CA ARG F 193 -15.14 -16.21 36.51
C ARG F 193 -16.28 -16.38 37.53
N ALA F 194 -15.92 -16.78 38.75
CA ALA F 194 -16.91 -16.93 39.80
C ALA F 194 -17.54 -15.59 40.18
N GLN F 195 -16.73 -14.52 40.20
CA GLN F 195 -17.23 -13.17 40.48
C GLN F 195 -18.18 -12.72 39.37
N ILE F 196 -17.80 -13.03 38.13
CA ILE F 196 -18.57 -12.57 36.99
C ILE F 196 -19.96 -13.20 37.04
N LEU F 197 -20.02 -14.50 37.33
CA LEU F 197 -21.30 -15.21 37.42
C LEU F 197 -22.12 -14.66 38.56
N GLN F 198 -21.46 -14.36 39.67
CA GLN F 198 -22.20 -13.80 40.78
C GLN F 198 -22.77 -12.44 40.40
N ILE F 199 -21.94 -11.60 39.80
CA ILE F 199 -22.31 -10.24 39.44
C ILE F 199 -23.55 -10.22 38.55
N HIS F 200 -23.57 -11.12 37.56
CA HIS F 200 -24.70 -11.16 36.61
C HIS F 200 -25.94 -11.94 37.12
N SER F 201 -25.78 -12.60 38.27
CA SER F 201 -26.88 -13.22 38.99
C SER F 201 -27.45 -12.35 40.14
N ARG F 202 -26.90 -11.16 40.39
CA ARG F 202 -27.30 -10.43 41.59
C ARG F 202 -28.78 -10.03 41.65
N LYS F 203 -29.39 -9.75 40.49
CA LYS F 203 -30.80 -9.33 40.41
C LYS F 203 -31.76 -10.50 40.41
N MET F 204 -31.25 -11.69 40.70
CA MET F 204 -31.97 -12.91 40.43
C MET F 204 -31.76 -13.83 41.65
N THR F 205 -32.84 -14.33 42.24
CA THR F 205 -32.74 -15.15 43.45
C THR F 205 -32.14 -16.50 43.09
N THR F 206 -31.10 -16.87 43.81
CA THR F 206 -30.37 -18.12 43.59
C THR F 206 -30.40 -18.92 44.87
N ASP F 207 -30.30 -20.24 44.75
CA ASP F 207 -30.27 -21.10 45.92
C ASP F 207 -29.01 -20.85 46.74
N ASP F 208 -29.09 -21.19 48.02
CA ASP F 208 -27.95 -21.15 48.90
C ASP F 208 -26.95 -22.24 48.53
N ASP F 209 -27.43 -23.33 47.94
CA ASP F 209 -26.56 -24.48 47.63
C ASP F 209 -25.71 -24.39 46.35
N ILE F 210 -25.63 -23.19 45.76
CA ILE F 210 -24.92 -23.02 44.49
C ILE F 210 -23.40 -23.01 44.68
N ASN F 211 -22.72 -23.90 43.97
CA ASN F 211 -21.29 -23.93 43.95
C ASN F 211 -20.69 -23.11 42.81
N TRP F 212 -20.46 -21.84 43.09
CA TRP F 212 -19.83 -20.94 42.15
C TRP F 212 -18.46 -21.40 41.65
N GLN F 213 -17.67 -22.04 42.50
CA GLN F 213 -16.30 -22.41 42.13
C GLN F 213 -16.27 -23.62 41.18
N GLU F 214 -17.20 -24.56 41.34
CA GLU F 214 -17.30 -25.66 40.38
C GLU F 214 -17.70 -25.10 39.01
N LEU F 215 -18.65 -24.17 39.02
CA LEU F 215 -19.10 -23.52 37.79
C LEU F 215 -17.91 -22.83 37.14
N ALA F 216 -17.14 -22.12 37.96
CA ALA F 216 -15.93 -21.47 37.45
C ALA F 216 -14.92 -22.46 36.88
N ARG F 217 -14.72 -23.61 37.53
CA ARG F 217 -13.85 -24.68 36.95
C ARG F 217 -14.38 -25.18 35.59
N SER F 218 -15.70 -25.22 35.46
CA SER F 218 -16.34 -25.73 34.25
C SER F 218 -16.45 -24.71 33.13
N THR F 219 -15.86 -23.52 33.31
CA THR F 219 -15.92 -22.47 32.30
C THR F 219 -14.51 -22.01 31.90
N ASP F 220 -13.57 -22.93 31.96
CA ASP F 220 -12.23 -22.65 31.49
C ASP F 220 -12.34 -22.04 30.10
N GLU F 221 -11.61 -20.95 29.86
CA GLU F 221 -11.56 -20.20 28.58
C GLU F 221 -12.82 -19.42 28.18
N PHE F 222 -13.79 -19.32 29.07
CA PHE F 222 -14.94 -18.45 28.81
C PHE F 222 -14.49 -16.98 28.96
N ASN F 223 -15.13 -16.10 28.19
CA ASN F 223 -15.06 -14.66 28.45
C ASN F 223 -16.26 -14.16 29.25
N GLY F 224 -16.15 -12.91 29.70
CA GLY F 224 -17.21 -12.28 30.49
C GLY F 224 -18.56 -12.35 29.80
N ALA F 225 -18.60 -12.06 28.51
CA ALA F 225 -19.89 -12.08 27.80
C ALA F 225 -20.56 -13.46 27.81
N GLN F 226 -19.77 -14.51 27.67
CA GLN F 226 -20.33 -15.85 27.76
C GLN F 226 -20.74 -16.22 29.16
N LEU F 227 -19.98 -15.75 30.16
CA LEU F 227 -20.44 -15.92 31.55
C LEU F 227 -21.76 -15.19 31.81
N LYS F 228 -21.93 -14.01 31.25
CA LYS F 228 -23.20 -13.28 31.45
C LYS F 228 -24.32 -14.06 30.81
N ALA F 229 -24.02 -14.58 29.62
CA ALA F 229 -24.99 -15.38 28.86
C ALA F 229 -25.40 -16.65 29.61
N VAL F 230 -24.44 -17.25 30.32
CA VAL F 230 -24.76 -18.37 31.19
C VAL F 230 -25.79 -17.94 32.20
N THR F 231 -25.54 -16.83 32.93
CA THR F 231 -26.55 -16.35 33.90
C THR F 231 -27.90 -16.19 33.24
N VAL F 232 -27.93 -15.60 32.06
CA VAL F 232 -29.19 -15.41 31.34
C VAL F 232 -29.93 -16.73 31.02
N GLU F 233 -29.26 -17.74 30.47
CA GLU F 233 -29.93 -19.03 30.21
C GLU F 233 -30.37 -19.71 31.52
N ALA F 234 -29.54 -19.64 32.55
CA ALA F 234 -29.92 -20.27 33.81
C ALA F 234 -31.23 -19.70 34.27
N GLY F 235 -31.32 -18.37 34.25
CA GLY F 235 -32.57 -17.69 34.60
C GLY F 235 -33.74 -18.11 33.73
N MET F 236 -33.51 -18.21 32.43
CA MET F 236 -34.54 -18.64 31.47
C MET F 236 -35.00 -20.10 31.68
N ILE F 237 -34.09 -20.98 32.07
CA ILE F 237 -34.48 -22.35 32.37
C ILE F 237 -35.36 -22.43 33.63
N ALA F 238 -34.99 -21.67 34.66
CA ALA F 238 -35.81 -21.53 35.87
C ALA F 238 -37.21 -21.01 35.56
N LEU F 239 -37.29 -20.03 34.68
CA LEU F 239 -38.58 -19.50 34.25
C LEU F 239 -39.42 -20.57 33.55
N ARG F 240 -38.87 -21.19 32.51
CA ARG F 240 -39.59 -22.24 31.78
C ARG F 240 -40.07 -23.37 32.70
N ASN F 241 -39.33 -23.62 33.78
CA ASN F 241 -39.73 -24.56 34.84
C ASN F 241 -40.59 -23.96 35.96
N GLY F 242 -41.04 -22.73 35.82
CA GLY F 242 -41.87 -22.08 36.85
C GLY F 242 -41.29 -22.06 38.25
N GLN F 243 -39.96 -22.06 38.34
CA GLN F 243 -39.27 -21.94 39.63
C GLN F 243 -39.26 -20.47 40.04
N SER F 244 -39.18 -20.19 41.35
CA SER F 244 -39.01 -18.80 41.86
C SER F 244 -37.57 -18.54 42.33
N SER F 245 -36.65 -19.46 42.01
CA SER F 245 -35.23 -19.21 42.18
C SER F 245 -34.40 -20.12 41.29
N VAL F 246 -33.16 -19.71 41.06
CA VAL F 246 -32.26 -20.39 40.13
C VAL F 246 -31.36 -21.38 40.87
N LYS F 247 -31.35 -22.62 40.36
CA LYS F 247 -30.66 -23.73 40.99
C LYS F 247 -29.29 -23.89 40.41
N HIS F 248 -28.45 -24.65 41.10
CA HIS F 248 -27.13 -24.96 40.62
C HIS F 248 -27.21 -25.68 39.28
N GLU F 249 -28.15 -26.61 39.15
CA GLU F 249 -28.24 -27.45 37.96
C GLU F 249 -28.67 -26.61 36.78
N ASP F 250 -29.34 -25.48 37.06
CA ASP F 250 -29.71 -24.54 36.02
C ASP F 250 -28.49 -23.84 35.43
N PHE F 251 -27.51 -23.52 36.27
CA PHE F 251 -26.28 -22.89 35.81
C PHE F 251 -25.46 -23.89 35.01
N VAL F 252 -25.48 -25.16 35.42
CA VAL F 252 -24.72 -26.21 34.73
C VAL F 252 -25.28 -26.47 33.33
N GLU F 253 -26.61 -26.38 33.19
CA GLU F 253 -27.25 -26.59 31.91
C GLU F 253 -27.03 -25.38 31.02
N GLY F 254 -27.02 -24.19 31.63
CA GLY F 254 -26.71 -22.95 30.93
C GLY F 254 -25.30 -22.90 30.38
N ILE F 255 -24.33 -23.43 31.16
CA ILE F 255 -22.95 -23.55 30.69
C ILE F 255 -22.94 -24.44 29.47
N SER F 256 -23.60 -25.58 29.57
CA SER F 256 -23.69 -26.51 28.46
C SER F 256 -24.30 -25.87 27.20
N GLU F 257 -25.29 -25.00 27.38
CA GLU F 257 -25.93 -24.31 26.25
C GLU F 257 -25.00 -23.27 25.61
N VAL F 258 -24.30 -22.49 26.43
CA VAL F 258 -23.37 -21.49 25.90
C VAL F 258 -22.22 -22.20 25.16
N GLN F 259 -21.76 -23.35 25.68
CA GLN F 259 -20.70 -24.10 24.99
C GLN F 259 -21.16 -24.65 23.65
N ALA F 260 -22.43 -25.04 23.54
CA ALA F 260 -23.00 -25.42 22.26
C ALA F 260 -22.99 -24.27 21.24
N ARG F 261 -23.26 -23.03 21.64
CA ARG F 261 -23.36 -21.91 20.68
C ARG F 261 -22.03 -21.54 19.98
N MET G 4 -28.55 -25.92 -14.43
CA MET G 4 -27.45 -26.11 -13.46
C MET G 4 -27.99 -26.84 -12.18
N GLY G 5 -28.04 -26.16 -11.02
CA GLY G 5 -28.86 -26.58 -9.87
C GLY G 5 -28.10 -27.10 -8.65
N PHE G 6 -27.01 -27.82 -8.89
CA PHE G 6 -26.22 -28.44 -7.83
C PHE G 6 -24.96 -29.00 -8.48
N GLU G 7 -23.88 -29.04 -7.71
CA GLU G 7 -22.55 -29.37 -8.23
C GLU G 7 -22.44 -30.88 -8.51
N VAL G 8 -21.96 -31.24 -9.69
CA VAL G 8 -21.70 -32.63 -10.06
C VAL G 8 -20.22 -32.78 -10.40
N VAL G 9 -19.57 -33.77 -9.79
CA VAL G 9 -18.16 -33.98 -9.96
C VAL G 9 -17.97 -35.43 -10.31
N GLU G 10 -17.66 -35.70 -11.57
CA GLU G 10 -17.65 -37.10 -12.09
C GLU G 10 -16.81 -38.02 -11.23
N ARG G 11 -15.69 -37.52 -10.75
CA ARG G 11 -14.89 -38.27 -9.81
C ARG G 11 -13.90 -37.32 -9.16
N PRO G 12 -14.09 -37.04 -7.86
CA PRO G 12 -13.34 -35.97 -7.23
C PRO G 12 -11.91 -36.38 -6.93
N ASN G 13 -10.98 -35.46 -7.11
CA ASN G 13 -9.56 -35.77 -6.92
C ASN G 13 -9.16 -35.27 -5.55
N VAL G 14 -9.66 -35.98 -4.54
CA VAL G 14 -9.37 -35.69 -3.16
C VAL G 14 -9.21 -37.05 -2.47
N THR G 15 -8.15 -37.22 -1.70
CA THR G 15 -7.93 -38.47 -0.98
C THR G 15 -7.85 -38.26 0.51
N TYR G 16 -7.77 -39.37 1.23
CA TYR G 16 -7.57 -39.34 2.67
C TYR G 16 -6.26 -38.67 3.10
N ASN G 17 -5.25 -38.66 2.23
CA ASN G 17 -4.01 -37.93 2.47
C ASN G 17 -4.12 -36.41 2.39
N ASP G 18 -5.24 -35.91 1.85
CA ASP G 18 -5.48 -34.45 1.78
C ASP G 18 -6.18 -33.91 3.03
N ILE G 19 -6.53 -34.81 3.95
CA ILE G 19 -7.28 -34.48 5.14
C ILE G 19 -6.37 -34.50 6.35
N GLY G 20 -6.32 -33.39 7.08
CA GLY G 20 -5.47 -33.28 8.25
C GLY G 20 -6.25 -33.60 9.51
N GLY G 21 -5.67 -34.46 10.34
CA GLY G 21 -6.21 -34.76 11.66
C GLY G 21 -7.67 -35.05 11.88
N LEU G 22 -8.23 -36.08 11.28
CA LEU G 22 -9.61 -36.48 11.65
C LEU G 22 -9.67 -38.00 11.60
N LYS G 23 -8.68 -38.63 12.22
CA LYS G 23 -8.44 -40.08 11.99
C LYS G 23 -9.60 -40.89 12.49
N LYS G 24 -10.03 -40.57 13.71
CA LYS G 24 -11.16 -41.27 14.34
C LYS G 24 -12.48 -41.01 13.61
N GLN G 25 -12.75 -39.77 13.24
CA GLN G 25 -14.03 -39.46 12.59
C GLN G 25 -14.05 -39.94 11.14
N LEU G 26 -12.92 -39.86 10.47
CA LEU G 26 -12.80 -40.43 9.14
C LEU G 26 -13.03 -41.96 9.16
N GLN G 27 -12.46 -42.63 10.15
CA GLN G 27 -12.70 -44.06 10.32
C GLN G 27 -14.19 -44.41 10.50
N GLU G 28 -14.91 -43.64 11.33
CA GLU G 28 -16.33 -43.91 11.54
C GLU G 28 -17.16 -43.73 10.27
N LEU G 29 -16.75 -42.78 9.42
CA LEU G 29 -17.46 -42.53 8.17
C LEU G 29 -17.14 -43.63 7.15
N ARG G 30 -15.87 -44.04 7.12
CA ARG G 30 -15.44 -45.16 6.28
C ARG G 30 -16.16 -46.45 6.67
N GLU G 31 -16.24 -46.73 7.97
CA GLU G 31 -17.02 -47.89 8.50
C GLU G 31 -18.51 -47.82 8.17
N ALA G 32 -19.02 -46.60 7.95
CA ALA G 32 -20.45 -46.37 7.70
C ALA G 32 -20.86 -46.43 6.23
N ILE G 33 -19.98 -45.96 5.37
CA ILE G 33 -20.27 -45.85 3.95
C ILE G 33 -19.34 -46.69 3.06
N GLU G 34 -18.02 -46.64 3.30
CA GLU G 34 -17.05 -47.34 2.44
C GLU G 34 -17.13 -48.86 2.60
N LEU G 35 -17.11 -49.32 3.84
CA LEU G 35 -17.27 -50.74 4.15
C LEU G 35 -18.48 -51.36 3.47
N PRO G 36 -19.67 -50.77 3.65
CA PRO G 36 -20.85 -51.40 3.01
C PRO G 36 -20.91 -51.25 1.48
N LEU G 37 -20.07 -50.41 0.89
CA LEU G 37 -20.03 -50.23 -0.57
C LEU G 37 -19.08 -51.25 -1.16
N LYS G 38 -17.96 -51.46 -0.51
CA LYS G 38 -16.93 -52.36 -0.98
C LYS G 38 -17.27 -53.82 -0.70
N HIS G 39 -18.12 -54.04 0.30
CA HIS G 39 -18.41 -55.39 0.78
C HIS G 39 -19.83 -55.49 1.34
N PRO G 40 -20.84 -55.15 0.52
CA PRO G 40 -22.23 -55.10 1.02
C PRO G 40 -22.75 -56.47 1.46
N GLU G 41 -22.08 -57.51 0.97
CA GLU G 41 -22.46 -58.90 1.19
C GLU G 41 -22.24 -59.29 2.65
N LEU G 42 -21.21 -58.71 3.26
CA LEU G 42 -20.97 -58.90 4.68
C LEU G 42 -22.09 -58.39 5.56
N PHE G 43 -22.65 -57.25 5.18
CA PHE G 43 -23.71 -56.66 5.97
C PHE G 43 -25.02 -57.45 5.84
N GLU G 44 -25.15 -58.25 4.78
CA GLU G 44 -26.34 -59.09 4.58
C GLU G 44 -26.16 -60.43 5.31
N GLU G 45 -24.96 -61.00 5.21
CA GLU G 45 -24.62 -62.21 5.95
C GLU G 45 -24.97 -62.07 7.43
N VAL G 46 -24.57 -60.95 8.02
CA VAL G 46 -24.79 -60.67 9.43
C VAL G 46 -26.19 -60.07 9.73
N GLY G 47 -26.90 -59.65 8.70
CA GLY G 47 -28.26 -59.15 8.85
C GLY G 47 -28.31 -57.80 9.55
N ILE G 48 -27.51 -56.85 9.10
CA ILE G 48 -27.63 -55.45 9.54
C ILE G 48 -27.66 -54.48 8.36
N ASP G 49 -28.68 -53.64 8.34
CA ASP G 49 -28.82 -52.63 7.30
C ASP G 49 -27.83 -51.49 7.55
N PRO G 50 -26.91 -51.27 6.60
CA PRO G 50 -26.05 -50.10 6.83
C PRO G 50 -26.85 -48.80 6.72
N PRO G 51 -26.27 -47.69 7.22
CA PRO G 51 -27.01 -46.43 7.25
C PRO G 51 -27.13 -45.79 5.87
N LYS G 52 -28.33 -45.28 5.56
CA LYS G 52 -28.57 -44.59 4.30
C LYS G 52 -27.98 -43.18 4.34
N GLY G 53 -27.98 -42.61 5.53
CA GLY G 53 -27.61 -41.22 5.76
C GLY G 53 -26.64 -41.10 6.91
N VAL G 54 -25.58 -40.32 6.70
CA VAL G 54 -24.66 -39.97 7.77
C VAL G 54 -24.65 -38.47 7.89
N LEU G 55 -24.87 -37.98 9.10
CA LEU G 55 -24.86 -36.54 9.39
C LEU G 55 -23.52 -36.17 10.03
N LEU G 56 -22.77 -35.34 9.32
CA LEU G 56 -21.60 -34.69 9.87
C LEU G 56 -21.99 -33.31 10.45
N TYR G 57 -21.57 -33.01 11.68
CA TYR G 57 -21.88 -31.71 12.29
C TYR G 57 -20.70 -31.14 13.01
N GLY G 58 -20.68 -29.83 13.09
CA GLY G 58 -19.59 -29.10 13.75
C GLY G 58 -19.40 -27.76 13.09
N PRO G 59 -18.44 -26.97 13.56
CA PRO G 59 -18.33 -25.62 13.00
C PRO G 59 -17.80 -25.59 11.58
N PRO G 60 -18.00 -24.47 10.88
CA PRO G 60 -17.60 -24.29 9.50
C PRO G 60 -16.15 -24.54 9.22
N GLY G 61 -15.88 -24.98 7.99
CA GLY G 61 -14.52 -25.13 7.46
C GLY G 61 -13.65 -26.08 8.23
N CYS G 62 -14.23 -27.12 8.82
CA CYS G 62 -13.42 -28.10 9.53
C CYS G 62 -13.25 -29.43 8.76
N GLY G 63 -13.76 -29.48 7.53
CA GLY G 63 -13.49 -30.61 6.63
C GLY G 63 -14.61 -31.60 6.35
N LYS G 64 -15.84 -31.26 6.66
CA LYS G 64 -16.96 -32.14 6.36
C LYS G 64 -17.02 -32.38 4.88
N THR G 65 -17.06 -31.29 4.11
CA THR G 65 -17.08 -31.43 2.66
C THR G 65 -15.88 -32.29 2.18
N LEU G 66 -14.68 -32.00 2.69
CA LEU G 66 -13.49 -32.78 2.38
C LEU G 66 -13.69 -34.30 2.56
N MET G 67 -14.17 -34.67 3.74
CA MET G 67 -14.34 -36.04 4.06
C MET G 67 -15.27 -36.68 3.04
N ALA G 68 -16.37 -36.01 2.76
CA ALA G 68 -17.36 -36.50 1.82
C ALA G 68 -16.77 -36.71 0.43
N LYS G 69 -15.99 -35.74 -0.06
CA LYS G 69 -15.35 -35.89 -1.35
C LYS G 69 -14.38 -37.05 -1.32
N ALA G 70 -13.64 -37.17 -0.22
CA ALA G 70 -12.62 -38.21 -0.10
C ALA G 70 -13.22 -39.62 -0.09
N ILE G 71 -14.32 -39.79 0.62
CA ILE G 71 -15.06 -41.06 0.58
C ILE G 71 -15.41 -41.43 -0.85
N ALA G 72 -16.00 -40.48 -1.58
CA ALA G 72 -16.45 -40.71 -2.93
C ALA G 72 -15.29 -41.17 -3.84
N HIS G 73 -14.15 -40.54 -3.69
CA HIS G 73 -12.95 -40.90 -4.41
C HIS G 73 -12.54 -42.34 -4.16
N GLU G 74 -12.43 -42.73 -2.88
CA GLU G 74 -11.96 -44.09 -2.53
C GLU G 74 -12.87 -45.17 -3.11
N VAL G 75 -14.15 -44.86 -3.18
CA VAL G 75 -15.17 -45.82 -3.50
C VAL G 75 -15.66 -45.65 -4.96
N ASN G 76 -14.93 -44.84 -5.74
CA ASN G 76 -15.15 -44.66 -7.19
C ASN G 76 -16.53 -44.20 -7.54
N ALA G 77 -17.03 -43.29 -6.72
CA ALA G 77 -18.41 -42.81 -6.82
C ALA G 77 -18.48 -41.41 -7.36
N THR G 78 -19.62 -41.07 -7.94
CA THR G 78 -19.92 -39.68 -8.27
C THR G 78 -20.20 -38.90 -6.99
N PHE G 79 -19.79 -37.64 -6.97
CA PHE G 79 -20.07 -36.77 -5.83
C PHE G 79 -21.02 -35.66 -6.27
N ILE G 80 -22.21 -35.63 -5.69
CA ILE G 80 -23.16 -34.56 -6.01
C ILE G 80 -23.46 -33.75 -4.77
N ARG G 81 -23.39 -32.44 -4.93
CA ARG G 81 -23.49 -31.52 -3.82
C ARG G 81 -24.65 -30.60 -4.05
N VAL G 82 -25.50 -30.50 -3.04
CA VAL G 82 -26.53 -29.47 -2.98
C VAL G 82 -26.23 -28.59 -1.79
N VAL G 83 -26.60 -27.32 -1.89
CA VAL G 83 -26.48 -26.37 -0.79
C VAL G 83 -27.86 -26.07 -0.23
N GLY G 84 -28.03 -26.31 1.06
CA GLY G 84 -29.34 -26.14 1.67
C GLY G 84 -29.94 -24.76 1.51
N SER G 85 -29.14 -23.70 1.67
CA SER G 85 -29.67 -22.35 1.62
C SER G 85 -30.12 -22.00 0.20
N GLU G 86 -29.53 -22.67 -0.79
CA GLU G 86 -29.93 -22.47 -2.19
C GLU G 86 -31.23 -23.20 -2.50
N LEU G 87 -31.56 -24.25 -1.75
CA LEU G 87 -32.84 -24.94 -1.94
C LEU G 87 -34.07 -24.18 -1.39
N VAL G 88 -33.85 -23.13 -0.59
CA VAL G 88 -34.94 -22.26 -0.12
C VAL G 88 -35.25 -21.13 -1.15
N ARG G 89 -36.50 -21.11 -1.64
CA ARG G 89 -36.93 -20.18 -2.71
C ARG G 89 -37.97 -19.15 -2.24
N GLU G 94 -41.48 -25.50 -5.92
CA GLU G 94 -40.20 -25.67 -6.61
C GLU G 94 -39.09 -25.96 -5.63
N GLY G 95 -38.25 -26.94 -5.93
CA GLY G 95 -37.25 -27.37 -4.96
C GLY G 95 -37.53 -28.74 -4.39
N ALA G 96 -38.82 -29.11 -4.29
CA ALA G 96 -39.16 -30.52 -4.14
C ALA G 96 -38.84 -31.24 -5.46
N ARG G 97 -39.13 -30.55 -6.57
CA ARG G 97 -38.77 -31.03 -7.91
C ARG G 97 -37.24 -31.18 -8.05
N LEU G 98 -36.52 -30.22 -7.46
CA LEU G 98 -35.07 -30.24 -7.52
C LEU G 98 -34.41 -31.36 -6.67
N VAL G 99 -35.00 -31.67 -5.52
CA VAL G 99 -34.52 -32.79 -4.71
C VAL G 99 -34.76 -34.08 -5.45
N HIS G 100 -35.86 -34.15 -6.20
CA HIS G 100 -36.16 -35.35 -6.96
C HIS G 100 -35.19 -35.56 -8.12
N GLU G 101 -35.01 -34.53 -8.93
CA GLU G 101 -34.02 -34.56 -10.01
C GLU G 101 -32.65 -35.00 -9.45
N LEU G 102 -32.24 -34.41 -8.33
CA LEU G 102 -30.99 -34.79 -7.67
C LEU G 102 -30.86 -36.30 -7.43
N PHE G 103 -31.86 -36.93 -6.83
CA PHE G 103 -31.77 -38.33 -6.52
C PHE G 103 -31.89 -39.22 -7.76
N GLU G 104 -32.62 -38.75 -8.75
CA GLU G 104 -32.74 -39.49 -10.01
C GLU G 104 -31.37 -39.55 -10.68
N LEU G 105 -30.73 -38.39 -10.80
CA LEU G 105 -29.44 -38.32 -11.42
C LEU G 105 -28.46 -39.18 -10.65
N ALA G 106 -28.55 -39.12 -9.34
CA ALA G 106 -27.62 -39.85 -8.49
C ALA G 106 -27.75 -41.34 -8.74
N LYS G 107 -28.96 -41.81 -9.00
CA LYS G 107 -29.14 -43.23 -9.31
C LYS G 107 -28.56 -43.60 -10.69
N GLU G 108 -28.79 -42.72 -11.65
CA GLU G 108 -28.29 -42.89 -12.99
C GLU G 108 -26.77 -43.01 -12.99
N LYS G 109 -26.10 -42.12 -12.28
CA LYS G 109 -24.63 -42.09 -12.25
C LYS G 109 -24.03 -42.88 -11.10
N ALA G 110 -24.81 -43.81 -10.53
CA ALA G 110 -24.39 -44.62 -9.41
C ALA G 110 -23.19 -45.51 -9.79
N PRO G 111 -22.29 -45.79 -8.83
CA PRO G 111 -22.33 -45.43 -7.40
C PRO G 111 -22.22 -43.95 -7.18
N THR G 112 -23.02 -43.42 -6.27
CA THR G 112 -23.03 -41.98 -6.01
C THR G 112 -22.99 -41.62 -4.52
N ILE G 113 -22.27 -40.55 -4.18
CA ILE G 113 -22.35 -39.93 -2.84
C ILE G 113 -23.04 -38.58 -2.97
N ILE G 114 -24.23 -38.45 -2.38
CA ILE G 114 -24.94 -37.17 -2.34
C ILE G 114 -24.53 -36.39 -1.10
N PHE G 115 -24.00 -35.19 -1.26
CA PHE G 115 -23.65 -34.36 -0.12
C PHE G 115 -24.63 -33.18 -0.01
N ILE G 116 -25.36 -33.12 1.10
CA ILE G 116 -26.35 -32.05 1.35
C ILE G 116 -25.83 -31.06 2.39
N ASP G 117 -25.27 -29.95 1.93
CA ASP G 117 -24.68 -28.98 2.87
C ASP G 117 -25.78 -28.13 3.50
N GLU G 118 -25.52 -27.57 4.65
CA GLU G 118 -26.49 -26.71 5.33
C GLU G 118 -27.87 -27.36 5.37
N ILE G 119 -27.94 -28.63 5.79
CA ILE G 119 -29.23 -29.29 5.82
C ILE G 119 -30.25 -28.58 6.75
N ASP G 120 -29.77 -27.93 7.81
CA ASP G 120 -30.62 -27.12 8.71
C ASP G 120 -31.45 -26.03 8.01
N ALA G 121 -30.96 -25.48 6.92
CA ALA G 121 -31.74 -24.51 6.14
C ALA G 121 -33.07 -25.07 5.65
N ILE G 122 -33.07 -26.38 5.43
CA ILE G 122 -34.21 -27.11 4.87
C ILE G 122 -34.97 -27.88 5.95
N GLY G 123 -34.27 -28.41 6.95
CA GLY G 123 -34.89 -29.26 7.94
C GLY G 123 -34.93 -28.77 9.37
N ALA G 124 -35.18 -27.48 9.59
CA ALA G 124 -35.39 -26.97 10.96
C ALA G 124 -36.77 -27.39 11.49
N LYS G 125 -36.90 -27.50 12.82
CA LYS G 125 -38.10 -28.13 13.45
C LYS G 125 -39.21 -27.16 13.83
N ASN G 138 -41.13 -27.12 3.77
CA ASN G 138 -41.44 -28.43 4.33
C ASN G 138 -41.74 -29.39 3.22
N ARG G 139 -42.39 -28.92 2.13
CA ARG G 139 -42.59 -29.73 0.91
C ARG G 139 -41.23 -30.22 0.35
N THR G 140 -40.19 -29.39 0.50
CA THR G 140 -38.83 -29.78 0.10
C THR G 140 -38.25 -30.81 1.07
N LEU G 141 -38.36 -30.54 2.38
CA LEU G 141 -37.93 -31.52 3.38
C LEU G 141 -38.61 -32.88 3.15
N MET G 142 -39.89 -32.85 2.80
CA MET G 142 -40.67 -34.07 2.65
C MET G 142 -40.16 -34.87 1.46
N GLN G 143 -39.59 -34.20 0.47
CA GLN G 143 -39.05 -34.91 -0.67
C GLN G 143 -37.80 -35.66 -0.25
N LEU G 144 -36.97 -35.01 0.54
CA LEU G 144 -35.79 -35.65 1.06
C LEU G 144 -36.17 -36.94 1.81
N LEU G 145 -37.22 -36.85 2.64
CA LEU G 145 -37.66 -38.00 3.42
C LEU G 145 -38.14 -39.12 2.50
N ALA G 146 -38.94 -38.74 1.50
CA ALA G 146 -39.48 -39.69 0.53
C ALA G 146 -38.37 -40.40 -0.24
N GLU G 147 -37.42 -39.63 -0.75
CA GLU G 147 -36.31 -40.18 -1.54
C GLU G 147 -35.42 -41.11 -0.73
N MET G 148 -35.18 -40.77 0.51
CA MET G 148 -34.40 -41.68 1.34
C MET G 148 -35.14 -42.95 1.74
N ASP G 149 -36.46 -42.88 1.97
CA ASP G 149 -37.25 -44.07 2.25
C ASP G 149 -37.38 -44.91 0.98
N GLY G 150 -37.26 -44.24 -0.17
CA GLY G 150 -37.34 -44.90 -1.48
C GLY G 150 -36.22 -45.87 -1.77
N PHE G 151 -34.97 -45.41 -1.71
CA PHE G 151 -33.84 -46.30 -2.02
C PHE G 151 -33.43 -47.14 -0.80
N ASP G 152 -32.86 -48.33 -1.06
CA ASP G 152 -32.63 -49.31 0.02
C ASP G 152 -31.15 -49.34 0.46
N PRO G 153 -30.89 -49.76 1.71
CA PRO G 153 -29.51 -49.90 2.15
C PRO G 153 -28.96 -51.18 1.57
N ARG G 154 -27.65 -51.32 1.48
CA ARG G 154 -27.01 -52.34 0.62
C ARG G 154 -26.96 -51.85 -0.82
N GLY G 155 -27.76 -50.82 -1.12
CA GLY G 155 -27.71 -50.15 -2.41
C GLY G 155 -26.43 -49.35 -2.53
N ASN G 156 -26.28 -48.65 -3.66
CA ASN G 156 -25.05 -47.95 -3.97
C ASN G 156 -25.15 -46.44 -4.09
N VAL G 157 -26.23 -45.88 -3.57
CA VAL G 157 -26.35 -44.42 -3.41
C VAL G 157 -26.39 -44.13 -1.93
N LYS G 158 -25.44 -43.35 -1.46
CA LYS G 158 -25.41 -42.94 -0.04
C LYS G 158 -25.55 -41.43 0.09
N VAL G 159 -26.19 -40.99 1.16
CA VAL G 159 -26.33 -39.58 1.45
C VAL G 159 -25.47 -39.16 2.66
N ILE G 160 -24.79 -38.03 2.53
CA ILE G 160 -24.09 -37.39 3.64
C ILE G 160 -24.58 -35.96 3.81
N ALA G 161 -24.83 -35.54 5.05
CA ALA G 161 -25.36 -34.21 5.30
C ALA G 161 -24.48 -33.48 6.29
N ALA G 162 -24.45 -32.17 6.16
CA ALA G 162 -23.65 -31.32 7.06
C ALA G 162 -24.48 -30.22 7.70
N THR G 163 -24.14 -29.89 8.94
CA THR G 163 -24.80 -28.79 9.66
C THR G 163 -23.99 -28.32 10.85
N ASN G 164 -24.18 -27.06 11.24
CA ASN G 164 -23.72 -26.54 12.54
C ASN G 164 -24.46 -27.21 13.66
N ARG G 165 -25.79 -27.12 13.55
CA ARG G 165 -26.73 -27.26 14.66
C ARG G 165 -27.51 -28.58 14.54
N PRO G 166 -27.00 -29.69 15.08
CA PRO G 166 -27.80 -30.94 15.07
C PRO G 166 -29.02 -30.86 15.99
N ASP G 167 -28.95 -29.96 16.96
CA ASP G 167 -30.02 -29.78 17.93
C ASP G 167 -31.25 -29.12 17.30
N ILE G 168 -31.05 -28.27 16.29
CA ILE G 168 -32.17 -27.57 15.68
C ILE G 168 -32.86 -28.38 14.58
N LEU G 169 -32.37 -29.58 14.26
CA LEU G 169 -32.96 -30.41 13.18
C LEU G 169 -34.28 -31.09 13.55
N ASP G 170 -35.21 -31.08 12.61
CA ASP G 170 -36.46 -31.80 12.76
C ASP G 170 -36.14 -33.24 13.07
N PRO G 171 -36.63 -33.75 14.21
CA PRO G 171 -36.32 -35.14 14.57
C PRO G 171 -36.68 -36.18 13.52
N ALA G 172 -37.41 -35.78 12.49
CA ALA G 172 -37.79 -36.69 11.39
C ALA G 172 -36.57 -37.12 10.55
N LEU G 173 -35.58 -36.24 10.45
CA LEU G 173 -34.33 -36.53 9.76
C LEU G 173 -33.47 -37.51 10.54
N LEU G 174 -33.66 -37.55 11.85
CA LEU G 174 -32.81 -38.38 12.69
C LEU G 174 -33.41 -39.76 12.93
N ARG G 175 -34.59 -40.02 12.40
CA ARG G 175 -35.25 -41.33 12.58
C ARG G 175 -34.57 -42.43 11.79
N PRO G 176 -34.77 -43.69 12.16
CA PRO G 176 -34.13 -44.81 11.46
C PRO G 176 -34.38 -44.82 9.96
N GLY G 177 -33.37 -45.25 9.19
CA GLY G 177 -33.43 -45.26 7.74
C GLY G 177 -33.12 -43.91 7.12
N ARG G 178 -32.83 -42.91 7.96
CA ARG G 178 -32.51 -41.58 7.50
C ARG G 178 -31.10 -41.24 7.96
N PHE G 179 -30.89 -40.12 8.63
CA PHE G 179 -29.56 -39.80 9.12
C PHE G 179 -29.45 -40.26 10.55
N ASP G 180 -29.33 -41.57 10.70
CA ASP G 180 -29.32 -42.23 12.01
C ASP G 180 -27.89 -42.55 12.43
N ARG G 181 -26.94 -41.88 11.81
CA ARG G 181 -25.53 -42.03 12.13
C ARG G 181 -24.90 -40.66 12.14
N LEU G 182 -24.36 -40.27 13.30
CA LEU G 182 -23.97 -38.90 13.54
C LEU G 182 -22.51 -38.84 13.88
N ILE G 183 -21.77 -37.94 13.23
CA ILE G 183 -20.34 -37.78 13.51
C ILE G 183 -20.02 -36.32 13.72
N GLU G 184 -19.38 -36.01 14.84
CA GLU G 184 -18.96 -34.65 15.14
C GLU G 184 -17.63 -34.40 14.43
N VAL G 185 -17.54 -33.31 13.69
CA VAL G 185 -16.30 -32.94 13.02
C VAL G 185 -15.84 -31.62 13.59
N PRO G 186 -14.97 -31.67 14.61
CA PRO G 186 -14.56 -30.52 15.40
C PRO G 186 -13.34 -29.77 14.87
N LEU G 187 -13.08 -28.62 15.50
CA LEU G 187 -11.92 -27.78 15.19
C LEU G 187 -10.63 -28.61 15.34
N PRO G 188 -9.63 -28.36 14.48
CA PRO G 188 -8.43 -29.16 14.61
C PRO G 188 -7.69 -28.88 15.91
N ASP G 189 -7.23 -29.93 16.60
CA ASP G 189 -6.37 -29.74 17.79
C ASP G 189 -4.99 -29.25 17.36
N GLU G 190 -4.13 -28.95 18.32
CA GLU G 190 -2.82 -28.38 18.02
C GLU G 190 -2.03 -29.24 17.01
N PHE G 191 -2.04 -30.56 17.21
CA PHE G 191 -1.34 -31.46 16.30
C PHE G 191 -1.95 -31.43 14.91
N SER G 192 -3.28 -31.38 14.85
CA SER G 192 -3.99 -31.40 13.57
C SER G 192 -3.67 -30.16 12.77
N ARG G 193 -3.69 -29.00 13.42
CA ARG G 193 -3.41 -27.72 12.75
C ARG G 193 -2.05 -27.74 12.00
N ALA G 194 -1.04 -28.34 12.61
CA ALA G 194 0.27 -28.44 12.01
C ALA G 194 0.23 -29.30 10.75
N GLN G 195 -0.56 -30.37 10.77
CA GLN G 195 -0.77 -31.23 9.60
C GLN G 195 -1.45 -30.46 8.49
N ILE G 196 -2.44 -29.65 8.88
CA ILE G 196 -3.24 -28.93 7.90
C ILE G 196 -2.34 -27.94 7.16
N LEU G 197 -1.50 -27.23 7.91
CA LEU G 197 -0.58 -26.24 7.29
C LEU G 197 0.40 -26.94 6.41
N GLN G 198 0.88 -28.09 6.83
CA GLN G 198 1.81 -28.83 6.00
C GLN G 198 1.14 -29.27 4.72
N ILE G 199 -0.06 -29.83 4.85
CA ILE G 199 -0.79 -30.36 3.71
C ILE G 199 -1.00 -29.28 2.64
N HIS G 200 -1.38 -28.08 3.06
CA HIS G 200 -1.65 -27.00 2.09
C HIS G 200 -0.39 -26.27 1.59
N SER G 201 0.74 -26.59 2.21
CA SER G 201 2.05 -26.09 1.77
C SER G 201 2.79 -27.11 0.89
N ARG G 202 2.25 -28.29 0.65
CA ARG G 202 3.03 -29.33 -0.03
C ARG G 202 3.48 -28.99 -1.44
N LYS G 203 2.67 -28.23 -2.17
CA LYS G 203 2.98 -27.82 -3.56
C LYS G 203 3.87 -26.58 -3.64
N MET G 204 4.44 -26.18 -2.52
CA MET G 204 5.08 -24.90 -2.39
C MET G 204 6.38 -25.11 -1.60
N THR G 205 7.52 -24.66 -2.13
CA THR G 205 8.82 -24.87 -1.48
C THR G 205 8.91 -24.01 -0.21
N THR G 206 9.24 -24.66 0.90
CA THR G 206 9.31 -24.03 2.21
C THR G 206 10.70 -24.27 2.78
N ASP G 207 11.16 -23.36 3.63
CA ASP G 207 12.47 -23.51 4.22
C ASP G 207 12.49 -24.74 5.14
N ASP G 208 13.69 -25.25 5.37
CA ASP G 208 13.90 -26.31 6.34
C ASP G 208 13.68 -25.79 7.74
N ASP G 209 13.91 -24.50 7.97
CA ASP G 209 13.83 -23.93 9.32
C ASP G 209 12.43 -23.59 9.85
N ILE G 210 11.38 -24.06 9.17
CA ILE G 210 10.01 -23.72 9.56
C ILE G 210 9.55 -24.51 10.78
N ASN G 211 9.10 -23.79 11.80
CA ASN G 211 8.51 -24.38 12.98
C ASN G 211 7.00 -24.50 12.90
N TRP G 212 6.56 -25.61 12.36
CA TRP G 212 5.13 -25.93 12.25
C TRP G 212 4.39 -25.91 13.57
N GLN G 213 5.04 -26.34 14.66
CA GLN G 213 4.34 -26.47 15.94
C GLN G 213 4.14 -25.11 16.62
N GLU G 214 5.06 -24.17 16.45
CA GLU G 214 4.82 -22.82 16.94
C GLU G 214 3.65 -22.21 16.18
N LEU G 215 3.63 -22.40 14.85
CA LEU G 215 2.56 -21.88 14.01
C LEU G 215 1.23 -22.47 14.50
N ALA G 216 1.25 -23.77 14.78
CA ALA G 216 0.06 -24.42 15.31
C ALA G 216 -0.37 -23.84 16.68
N ARG G 217 0.57 -23.57 17.58
CA ARG G 217 0.24 -22.89 18.85
C ARG G 217 -0.38 -21.50 18.64
N SER G 218 0.08 -20.81 17.60
CA SER G 218 -0.39 -19.47 17.28
C SER G 218 -1.72 -19.43 16.53
N THR G 219 -2.35 -20.58 16.31
CA THR G 219 -3.59 -20.65 15.54
C THR G 219 -4.68 -21.32 16.35
N ASP G 220 -4.61 -21.15 17.67
CA ASP G 220 -5.66 -21.63 18.56
C ASP G 220 -6.98 -21.14 17.99
N GLU G 221 -7.96 -22.04 17.90
CA GLU G 221 -9.34 -21.78 17.38
C GLU G 221 -9.49 -21.51 15.87
N PHE G 222 -8.43 -21.70 15.11
CA PHE G 222 -8.55 -21.64 13.65
C PHE G 222 -9.29 -22.91 13.15
N ASN G 223 -10.04 -22.75 12.05
CA ASN G 223 -10.53 -23.90 11.29
C ASN G 223 -9.61 -24.22 10.08
N GLY G 224 -9.87 -25.37 9.46
CA GLY G 224 -9.10 -25.80 8.30
C GLY G 224 -9.06 -24.80 7.18
N ALA G 225 -10.20 -24.20 6.86
CA ALA G 225 -10.21 -23.17 5.81
C ALA G 225 -9.28 -21.99 6.12
N GLN G 226 -9.24 -21.55 7.37
CA GLN G 226 -8.36 -20.44 7.71
C GLN G 226 -6.90 -20.86 7.70
N LEU G 227 -6.63 -22.11 8.10
CA LEU G 227 -5.28 -22.63 7.97
C LEU G 227 -4.84 -22.70 6.49
N LYS G 228 -5.75 -23.07 5.60
CA LYS G 228 -5.41 -23.09 4.19
C LYS G 228 -5.12 -21.69 3.71
N ALA G 229 -5.96 -20.76 4.16
CA ALA G 229 -5.81 -19.33 3.79
C ALA G 229 -4.47 -18.77 4.29
N VAL G 230 -4.02 -19.23 5.45
CA VAL G 230 -2.69 -18.85 5.93
C VAL G 230 -1.67 -19.30 4.92
N THR G 231 -1.70 -20.58 4.50
CA THR G 231 -0.72 -21.06 3.49
C THR G 231 -0.77 -20.20 2.26
N VAL G 232 -1.97 -19.86 1.81
CA VAL G 232 -2.10 -18.98 0.65
C VAL G 232 -1.47 -17.60 0.83
N GLU G 233 -1.73 -16.89 1.93
CA GLU G 233 -1.08 -15.58 2.15
C GLU G 233 0.44 -15.70 2.30
N ALA G 234 0.89 -16.74 2.99
CA ALA G 234 2.31 -16.91 3.15
C ALA G 234 2.95 -16.97 1.79
N GLY G 235 2.38 -17.80 0.91
CA GLY G 235 2.89 -17.93 -0.45
C GLY G 235 2.87 -16.59 -1.19
N MET G 236 1.78 -15.83 -1.03
CA MET G 236 1.62 -14.53 -1.68
C MET G 236 2.62 -13.48 -1.16
N ILE G 237 2.96 -13.53 0.12
CA ILE G 237 3.98 -12.63 0.64
C ILE G 237 5.37 -12.95 0.08
N ALA G 238 5.70 -14.24 0.00
CA ALA G 238 6.94 -14.71 -0.65
C ALA G 238 7.03 -14.25 -2.10
N LEU G 239 5.91 -14.32 -2.81
CA LEU G 239 5.85 -13.81 -4.18
C LEU G 239 6.12 -12.32 -4.26
N ARG G 240 5.35 -11.54 -3.51
CA ARG G 240 5.52 -10.06 -3.52
C ARG G 240 6.95 -9.63 -3.13
N ASN G 241 7.64 -10.45 -2.33
CA ASN G 241 9.07 -10.30 -2.04
C ASN G 241 10.04 -10.98 -3.01
N GLY G 242 9.55 -11.53 -4.10
CA GLY G 242 10.42 -12.20 -5.08
C GLY G 242 11.28 -13.34 -4.55
N GLN G 243 10.81 -14.01 -3.50
CA GLN G 243 11.49 -15.16 -2.93
C GLN G 243 11.15 -16.39 -3.76
N SER G 244 12.01 -17.40 -3.79
CA SER G 244 11.70 -18.69 -4.44
C SER G 244 11.39 -19.78 -3.40
N SER G 245 11.20 -19.38 -2.14
CA SER G 245 10.65 -20.30 -1.14
C SER G 245 10.02 -19.53 0.00
N VAL G 246 9.16 -20.22 0.74
CA VAL G 246 8.36 -19.61 1.79
C VAL G 246 9.02 -19.79 3.15
N LYS G 247 9.18 -18.67 3.86
CA LYS G 247 9.91 -18.62 5.12
C LYS G 247 8.95 -18.78 6.27
N HIS G 248 9.50 -19.05 7.45
CA HIS G 248 8.72 -19.13 8.67
C HIS G 248 8.02 -17.81 8.94
N GLU G 249 8.73 -16.69 8.73
CA GLU G 249 8.20 -15.37 9.05
C GLU G 249 7.05 -15.01 8.10
N ASP G 250 7.05 -15.63 6.93
CA ASP G 250 5.94 -15.48 6.01
C ASP G 250 4.66 -16.12 6.54
N PHE G 251 4.79 -17.26 7.19
CA PHE G 251 3.63 -17.96 7.76
C PHE G 251 3.11 -17.16 8.96
N VAL G 252 4.02 -16.56 9.72
CA VAL G 252 3.64 -15.78 10.90
C VAL G 252 2.87 -14.52 10.51
N GLU G 253 3.26 -13.92 9.39
CA GLU G 253 2.58 -12.71 8.89
C GLU G 253 1.24 -13.08 8.28
N GLY G 254 1.18 -14.25 7.64
CA GLY G 254 -0.06 -14.78 7.10
C GLY G 254 -1.10 -15.11 8.15
N ILE G 255 -0.64 -15.66 9.29
CA ILE G 255 -1.51 -15.90 10.42
C ILE G 255 -2.09 -14.58 10.88
N SER G 256 -1.22 -13.59 11.04
CA SER G 256 -1.66 -12.26 11.46
C SER G 256 -2.71 -11.68 10.49
N GLU G 257 -2.54 -11.93 9.19
CA GLU G 257 -3.49 -11.43 8.19
C GLU G 257 -4.85 -12.13 8.29
N VAL G 258 -4.82 -13.46 8.46
CA VAL G 258 -6.07 -14.20 8.51
C VAL G 258 -6.82 -13.83 9.80
N GLN G 259 -6.08 -13.58 10.88
CA GLN G 259 -6.72 -13.11 12.12
C GLN G 259 -7.37 -11.75 11.97
N ALA G 260 -6.78 -10.86 11.19
CA ALA G 260 -7.38 -9.57 10.86
C ALA G 260 -8.70 -9.69 10.09
N ARG G 261 -8.78 -10.61 9.14
CA ARG G 261 -10.00 -10.80 8.34
C ARG G 261 -11.17 -11.38 9.14
N LYS G 262 -10.86 -12.27 10.08
CA LYS G 262 -11.87 -12.83 11.01
C LYS G 262 -12.61 -11.70 11.74
N SER G 263 -11.83 -10.79 12.31
CA SER G 263 -12.31 -9.59 12.99
C SER G 263 -13.23 -8.75 12.10
N LYS G 264 -13.01 -8.76 10.79
CA LYS G 264 -14.02 -8.27 9.86
C LYS G 264 -15.15 -9.31 9.89
N MET H 4 -11.79 -65.71 42.97
CA MET H 4 -12.94 -65.04 42.31
C MET H 4 -12.50 -63.67 41.67
N GLY H 5 -13.00 -62.52 42.18
CA GLY H 5 -12.50 -61.17 41.79
C GLY H 5 -13.37 -60.37 40.80
N PHE H 6 -14.07 -61.08 39.93
CA PHE H 6 -14.84 -60.49 38.85
C PHE H 6 -15.60 -61.62 38.20
N GLU H 7 -16.76 -61.31 37.63
CA GLU H 7 -17.69 -62.32 37.14
C GLU H 7 -17.18 -62.92 35.82
N VAL H 8 -17.17 -64.25 35.72
CA VAL H 8 -16.81 -64.96 34.50
C VAL H 8 -18.00 -65.82 34.08
N VAL H 9 -18.40 -65.68 32.82
CA VAL H 9 -19.54 -66.39 32.29
C VAL H 9 -19.11 -67.08 31.02
N GLU H 10 -18.95 -68.40 31.07
CA GLU H 10 -18.35 -69.15 29.96
C GLU H 10 -19.00 -68.84 28.62
N ARG H 11 -20.31 -68.70 28.62
CA ARG H 11 -21.02 -68.28 27.43
C ARG H 11 -22.41 -67.82 27.82
N PRO H 12 -22.69 -66.52 27.73
CA PRO H 12 -23.91 -65.99 28.32
C PRO H 12 -25.12 -66.30 27.47
N ASN H 13 -26.23 -66.61 28.12
CA ASN H 13 -27.43 -66.98 27.39
C ASN H 13 -28.35 -65.75 27.32
N VAL H 14 -27.92 -64.80 26.49
CA VAL H 14 -28.65 -63.57 26.26
C VAL H 14 -28.48 -63.27 24.78
N THR H 15 -29.59 -62.96 24.10
CA THR H 15 -29.54 -62.66 22.67
C THR H 15 -30.09 -61.27 22.37
N TYR H 16 -29.95 -60.88 21.12
CA TYR H 16 -30.48 -59.62 20.64
C TYR H 16 -32.01 -59.54 20.75
N ASN H 17 -32.68 -60.68 20.76
CA ASN H 17 -34.12 -60.74 21.01
C ASN H 17 -34.54 -60.46 22.45
N ASP H 18 -33.59 -60.46 23.38
CA ASP H 18 -33.86 -60.13 24.80
C ASP H 18 -33.76 -58.63 25.09
N ILE H 19 -33.38 -57.85 24.09
CA ILE H 19 -33.12 -56.42 24.22
C ILE H 19 -34.24 -55.62 23.56
N GLY H 20 -34.87 -54.75 24.33
CA GLY H 20 -35.96 -53.95 23.84
C GLY H 20 -35.48 -52.60 23.37
N GLY H 21 -35.91 -52.22 22.16
CA GLY H 21 -35.67 -50.88 21.63
C GLY H 21 -34.30 -50.25 21.71
N LEU H 22 -33.27 -50.84 21.12
CA LEU H 22 -32.00 -50.11 21.01
C LEU H 22 -31.41 -50.49 19.68
N LYS H 23 -32.22 -50.39 18.63
CA LYS H 23 -31.84 -50.96 17.33
C LYS H 23 -30.64 -50.26 16.75
N LYS H 24 -30.69 -48.92 16.78
CA LYS H 24 -29.61 -48.09 16.25
C LYS H 24 -28.33 -48.24 17.08
N GLN H 25 -28.44 -48.23 18.41
CA GLN H 25 -27.22 -48.32 19.23
C GLN H 25 -26.65 -49.71 19.27
N LEU H 26 -27.52 -50.71 19.24
CA LEU H 26 -27.06 -52.09 19.09
C LEU H 26 -26.30 -52.27 17.76
N GLN H 27 -26.85 -51.70 16.68
CA GLN H 27 -26.20 -51.80 15.38
C GLN H 27 -24.79 -51.18 15.38
N GLU H 28 -24.63 -50.03 16.02
CA GLU H 28 -23.32 -49.40 16.11
C GLU H 28 -22.32 -50.26 16.89
N LEU H 29 -22.80 -50.96 17.92
CA LEU H 29 -21.92 -51.80 18.74
C LEU H 29 -21.54 -53.08 17.95
N ARG H 30 -22.51 -53.64 17.24
CA ARG H 30 -22.27 -54.78 16.37
C ARG H 30 -21.26 -54.43 15.30
N GLU H 31 -21.44 -53.26 14.66
CA GLU H 31 -20.48 -52.77 13.63
C GLU H 31 -19.09 -52.54 14.18
N ALA H 32 -19.00 -52.30 15.50
CA ALA H 32 -17.74 -51.98 16.18
C ALA H 32 -16.96 -53.19 16.69
N ILE H 33 -17.70 -54.19 17.17
CA ILE H 33 -17.11 -55.36 17.79
C ILE H 33 -17.41 -56.69 17.07
N GLU H 34 -18.65 -56.92 16.67
CA GLU H 34 -19.04 -58.18 16.02
C GLU H 34 -18.46 -58.31 14.62
N LEU H 35 -18.65 -57.28 13.79
CA LEU H 35 -18.09 -57.25 12.45
C LEU H 35 -16.58 -57.58 12.41
N PRO H 36 -15.77 -56.87 13.20
CA PRO H 36 -14.33 -57.17 13.17
C PRO H 36 -13.93 -58.50 13.81
N LEU H 37 -14.84 -59.15 14.53
CA LEU H 37 -14.56 -60.45 15.12
C LEU H 37 -14.88 -61.57 14.12
N LYS H 38 -16.00 -61.41 13.43
CA LYS H 38 -16.46 -62.41 12.47
C LYS H 38 -15.68 -62.34 11.17
N HIS H 39 -15.10 -61.17 10.89
CA HIS H 39 -14.49 -60.91 9.59
C HIS H 39 -13.35 -59.91 9.71
N PRO H 40 -12.35 -60.22 10.55
CA PRO H 40 -11.24 -59.27 10.81
C PRO H 40 -10.40 -58.98 9.57
N GLU H 41 -10.49 -59.90 8.60
CA GLU H 41 -9.73 -59.84 7.35
C GLU H 41 -10.18 -58.67 6.47
N LEU H 42 -11.46 -58.36 6.52
CA LEU H 42 -11.99 -57.19 5.86
C LEU H 42 -11.40 -55.89 6.36
N PHE H 43 -11.22 -55.79 7.66
CA PHE H 43 -10.69 -54.56 8.25
C PHE H 43 -9.19 -54.37 7.93
N GLU H 44 -8.51 -55.46 7.58
CA GLU H 44 -7.10 -55.40 7.16
C GLU H 44 -6.99 -55.07 5.68
N GLU H 45 -7.83 -55.69 4.86
CA GLU H 45 -7.90 -55.41 3.43
C GLU H 45 -8.03 -53.90 3.20
N VAL H 46 -8.94 -53.28 3.92
CA VAL H 46 -9.23 -51.85 3.80
C VAL H 46 -8.28 -50.96 4.61
N GLY H 47 -7.53 -51.56 5.52
CA GLY H 47 -6.52 -50.83 6.28
C GLY H 47 -7.14 -49.90 7.30
N ILE H 48 -8.08 -50.40 8.10
CA ILE H 48 -8.59 -49.66 9.26
C ILE H 48 -8.58 -50.52 10.53
N ASP H 49 -7.97 -50.00 11.58
CA ASP H 49 -7.92 -50.68 12.86
C ASP H 49 -9.28 -50.57 13.55
N PRO H 50 -9.95 -51.71 13.82
CA PRO H 50 -11.18 -51.56 14.56
C PRO H 50 -10.90 -51.10 15.99
N PRO H 51 -11.93 -50.62 16.69
CA PRO H 51 -11.72 -50.08 18.01
C PRO H 51 -11.46 -51.17 19.07
N LYS H 52 -10.50 -50.92 19.95
CA LYS H 52 -10.20 -51.85 21.05
C LYS H 52 -11.24 -51.73 22.16
N GLY H 53 -11.74 -50.51 22.32
CA GLY H 53 -12.64 -50.15 23.43
C GLY H 53 -13.85 -49.40 22.95
N VAL H 54 -15.02 -49.78 23.45
CA VAL H 54 -16.27 -49.10 23.16
C VAL H 54 -16.83 -48.68 24.47
N LEU H 55 -17.11 -47.38 24.60
CA LEU H 55 -17.72 -46.84 25.83
C LEU H 55 -19.21 -46.64 25.60
N LEU H 56 -19.99 -47.40 26.37
CA LEU H 56 -21.43 -47.18 26.49
C LEU H 56 -21.71 -46.23 27.65
N TYR H 57 -22.51 -45.19 27.43
CA TYR H 57 -22.86 -44.26 28.51
C TYR H 57 -24.33 -43.89 28.49
N GLY H 58 -24.84 -43.55 29.67
CA GLY H 58 -26.23 -43.18 29.83
C GLY H 58 -26.70 -43.59 31.21
N PRO H 59 -27.97 -43.34 31.51
CA PRO H 59 -28.42 -43.60 32.88
C PRO H 59 -28.53 -45.08 33.21
N PRO H 60 -28.56 -45.41 34.50
CA PRO H 60 -28.63 -46.79 34.98
C PRO H 60 -29.79 -47.60 34.44
N GLY H 61 -29.56 -48.91 34.33
CA GLY H 61 -30.57 -49.89 33.99
C GLY H 61 -31.21 -49.70 32.64
N CYS H 62 -30.47 -49.19 31.66
CA CYS H 62 -31.04 -49.00 30.33
C CYS H 62 -30.50 -50.04 29.32
N GLY H 63 -29.73 -51.00 29.80
CA GLY H 63 -29.33 -52.14 29.00
C GLY H 63 -27.89 -52.20 28.48
N LYS H 64 -26.99 -51.41 29.04
CA LYS H 64 -25.59 -51.48 28.63
C LYS H 64 -25.06 -52.87 28.88
N THR H 65 -25.21 -53.35 30.12
CA THR H 65 -24.75 -54.70 30.45
C THR H 65 -25.41 -55.73 29.51
N LEU H 66 -26.71 -55.62 29.27
CA LEU H 66 -27.42 -56.47 28.32
C LEU H 66 -26.75 -56.56 26.95
N MET H 67 -26.49 -55.39 26.36
CA MET H 67 -25.93 -55.32 25.04
C MET H 67 -24.60 -56.04 25.04
N ALA H 68 -23.79 -55.77 26.05
CA ALA H 68 -22.48 -56.38 26.18
C ALA H 68 -22.55 -57.91 26.28
N LYS H 69 -23.48 -58.43 27.08
CA LYS H 69 -23.67 -59.89 27.17
C LYS H 69 -24.18 -60.46 25.86
N ALA H 70 -25.09 -59.74 25.20
CA ALA H 70 -25.63 -60.17 23.93
C ALA H 70 -24.59 -60.25 22.82
N ILE H 71 -23.73 -59.23 22.74
CA ILE H 71 -22.61 -59.27 21.77
C ILE H 71 -21.78 -60.55 21.96
N ALA H 72 -21.39 -60.80 23.20
CA ALA H 72 -20.55 -61.95 23.53
C ALA H 72 -21.19 -63.25 23.08
N HIS H 73 -22.49 -63.39 23.30
CA HIS H 73 -23.25 -64.55 22.87
C HIS H 73 -23.17 -64.74 21.37
N GLU H 74 -23.47 -63.70 20.59
CA GLU H 74 -23.50 -63.83 19.12
C GLU H 74 -22.15 -64.28 18.56
N VAL H 75 -21.08 -63.83 19.21
CA VAL H 75 -19.75 -63.96 18.69
C VAL H 75 -18.99 -65.09 19.41
N ASN H 76 -19.72 -65.89 20.21
CA ASN H 76 -19.21 -67.10 20.89
C ASN H 76 -18.03 -66.85 21.80
N ALA H 77 -18.11 -65.74 22.51
CA ALA H 77 -17.02 -65.25 23.34
C ALA H 77 -17.32 -65.42 24.80
N THR H 78 -16.26 -65.47 25.59
CA THR H 78 -16.41 -65.39 27.03
C THR H 78 -16.79 -63.96 27.41
N PHE H 79 -17.60 -63.81 28.44
CA PHE H 79 -17.94 -62.51 28.97
C PHE H 79 -17.34 -62.37 30.38
N ILE H 80 -16.44 -61.41 30.56
CA ILE H 80 -15.91 -61.13 31.88
C ILE H 80 -16.26 -59.74 32.33
N ARG H 81 -16.74 -59.65 33.56
CA ARG H 81 -17.27 -58.41 34.08
C ARG H 81 -16.48 -58.02 35.28
N VAL H 82 -16.03 -56.78 35.30
CA VAL H 82 -15.50 -56.17 36.53
C VAL H 82 -16.40 -54.99 36.89
N VAL H 83 -16.47 -54.69 38.18
CA VAL H 83 -17.20 -53.52 38.68
C VAL H 83 -16.22 -52.45 39.16
N GLY H 84 -16.31 -51.27 38.59
CA GLY H 84 -15.36 -50.23 38.90
C GLY H 84 -15.27 -49.90 40.37
N SER H 85 -16.40 -49.80 41.06
CA SER H 85 -16.39 -49.39 42.45
C SER H 85 -15.76 -50.46 43.34
N GLU H 86 -15.79 -51.71 42.89
CA GLU H 86 -15.11 -52.79 43.60
C GLU H 86 -13.60 -52.76 43.39
N LEU H 87 -13.13 -52.19 42.28
CA LEU H 87 -11.69 -52.05 42.05
C LEU H 87 -11.00 -50.98 42.89
N VAL H 88 -11.77 -50.11 43.55
CA VAL H 88 -11.21 -49.11 44.50
C VAL H 88 -11.05 -49.71 45.91
N ARG H 89 -9.81 -49.70 46.41
CA ARG H 89 -9.45 -50.33 47.70
C ARG H 89 -8.94 -49.30 48.72
N GLU H 94 -2.64 -52.78 45.02
CA GLU H 94 -3.56 -53.89 44.75
C GLU H 94 -4.72 -53.44 43.89
N GLY H 95 -5.05 -54.21 42.86
CA GLY H 95 -6.07 -53.76 41.92
C GLY H 95 -5.48 -53.42 40.57
N ALA H 96 -4.24 -52.96 40.54
CA ALA H 96 -3.46 -52.98 39.30
C ALA H 96 -3.13 -54.45 38.97
N ARG H 97 -2.82 -55.23 40.01
CA ARG H 97 -2.64 -56.66 39.87
C ARG H 97 -3.92 -57.36 39.38
N LEU H 98 -5.05 -56.88 39.86
CA LEU H 98 -6.33 -57.47 39.50
C LEU H 98 -6.74 -57.15 38.05
N VAL H 99 -6.42 -55.94 37.58
CA VAL H 99 -6.67 -55.60 36.17
C VAL H 99 -5.81 -56.47 35.27
N HIS H 100 -4.59 -56.75 35.71
CA HIS H 100 -3.70 -57.59 34.95
C HIS H 100 -4.18 -59.03 34.87
N GLU H 101 -4.50 -59.63 36.02
CA GLU H 101 -5.11 -60.97 36.05
C GLU H 101 -6.31 -61.04 35.09
N LEU H 102 -7.16 -60.03 35.17
CA LEU H 102 -8.33 -59.95 34.30
C LEU H 102 -7.99 -60.09 32.82
N PHE H 103 -7.02 -59.32 32.34
CA PHE H 103 -6.69 -59.36 30.92
C PHE H 103 -5.94 -60.63 30.54
N GLU H 104 -5.19 -61.19 31.48
CA GLU H 104 -4.48 -62.45 31.21
C GLU H 104 -5.50 -63.56 31.01
N LEU H 105 -6.47 -63.65 31.92
CA LEU H 105 -7.50 -64.64 31.83
C LEU H 105 -8.29 -64.48 30.54
N ALA H 106 -8.59 -63.22 30.22
CA ALA H 106 -9.37 -62.94 29.04
C ALA H 106 -8.66 -63.44 27.79
N LYS H 107 -7.34 -63.35 27.76
CA LYS H 107 -6.57 -63.83 26.61
C LYS H 107 -6.59 -65.35 26.53
N GLU H 108 -6.44 -65.97 27.69
CA GLU H 108 -6.48 -67.42 27.82
C GLU H 108 -7.79 -67.96 27.27
N LYS H 109 -8.91 -67.35 27.69
CA LYS H 109 -10.25 -67.86 27.34
C LYS H 109 -10.82 -67.18 26.09
N ALA H 110 -9.94 -66.58 25.30
CA ALA H 110 -10.32 -65.87 24.08
C ALA H 110 -10.97 -66.82 23.06
N PRO H 111 -11.93 -66.31 22.25
CA PRO H 111 -12.41 -64.93 22.17
C PRO H 111 -13.11 -64.46 23.43
N THR H 112 -12.83 -63.22 23.86
CA THR H 112 -13.41 -62.70 25.09
C THR H 112 -13.95 -61.30 24.96
N ILE H 113 -15.05 -61.00 25.65
CA ILE H 113 -15.55 -59.63 25.80
C ILE H 113 -15.38 -59.22 27.27
N ILE H 114 -14.52 -58.24 27.52
CA ILE H 114 -14.36 -57.69 28.88
C ILE H 114 -15.33 -56.54 29.08
N PHE H 115 -16.17 -56.62 30.10
CA PHE H 115 -17.07 -55.54 30.40
C PHE H 115 -16.64 -54.85 31.70
N ILE H 116 -16.32 -53.57 31.63
CA ILE H 116 -15.89 -52.77 32.79
C ILE H 116 -16.98 -51.80 33.24
N ASP H 117 -17.75 -52.18 34.25
CA ASP H 117 -18.86 -51.35 34.67
C ASP H 117 -18.34 -50.23 35.57
N GLU H 118 -19.09 -49.14 35.65
CA GLU H 118 -18.68 -48.01 36.48
C GLU H 118 -17.21 -47.63 36.25
N ILE H 119 -16.82 -47.47 34.98
CA ILE H 119 -15.42 -47.11 34.71
C ILE H 119 -15.00 -45.76 35.35
N ASP H 120 -15.95 -44.83 35.49
CA ASP H 120 -15.73 -43.55 36.18
C ASP H 120 -15.17 -43.67 37.62
N ALA H 121 -15.53 -44.73 38.33
CA ALA H 121 -14.97 -44.98 39.67
C ALA H 121 -13.45 -45.11 39.67
N ILE H 122 -12.93 -45.55 38.52
CA ILE H 122 -11.51 -45.76 38.33
C ILE H 122 -10.81 -44.68 37.51
N GLY H 123 -11.53 -44.12 36.52
CA GLY H 123 -10.94 -43.18 35.60
C GLY H 123 -11.44 -41.76 35.62
N ALA H 124 -11.73 -41.21 36.81
CA ALA H 124 -12.09 -39.78 36.90
C ALA H 124 -10.84 -38.89 36.70
N LYS H 125 -11.04 -37.65 36.26
CA LYS H 125 -9.90 -36.78 35.81
C LYS H 125 -9.30 -35.86 36.87
N GLU H 136 2.30 -41.02 35.87
CA GLU H 136 1.51 -39.83 35.59
C GLU H 136 0.08 -39.85 36.25
N VAL H 137 -0.64 -40.97 36.10
CA VAL H 137 -2.08 -41.20 36.41
C VAL H 137 -2.22 -42.24 37.57
N ASN H 138 -3.42 -42.46 38.16
CA ASN H 138 -3.55 -43.51 39.23
C ASN H 138 -3.23 -44.98 38.77
N ARG H 139 -2.71 -45.77 39.72
CA ARG H 139 -2.01 -47.01 39.43
C ARG H 139 -2.90 -48.11 38.78
N THR H 140 -4.16 -48.17 39.21
CA THR H 140 -5.14 -49.08 38.60
C THR H 140 -5.53 -48.59 37.19
N LEU H 141 -5.89 -47.32 37.06
CA LEU H 141 -6.19 -46.75 35.75
C LEU H 141 -5.05 -46.97 34.77
N MET H 142 -3.82 -46.82 35.25
CA MET H 142 -2.65 -46.96 34.40
C MET H 142 -2.52 -48.39 33.89
N GLN H 143 -3.00 -49.36 34.65
CA GLN H 143 -2.92 -50.73 34.21
C GLN H 143 -3.88 -50.93 33.06
N LEU H 144 -5.06 -50.35 33.19
CA LEU H 144 -6.04 -50.44 32.12
C LEU H 144 -5.44 -49.89 30.82
N LEU H 145 -4.76 -48.75 30.91
CA LEU H 145 -4.16 -48.13 29.75
C LEU H 145 -3.10 -49.00 29.15
N ALA H 146 -2.25 -49.56 30.01
CA ALA H 146 -1.18 -50.46 29.58
C ALA H 146 -1.71 -51.70 28.87
N GLU H 147 -2.71 -52.35 29.47
CA GLU H 147 -3.29 -53.57 28.93
C GLU H 147 -3.97 -53.33 27.59
N MET H 148 -4.64 -52.20 27.45
CA MET H 148 -5.24 -51.92 26.17
C MET H 148 -4.24 -51.52 25.09
N ASP H 149 -3.16 -50.82 25.44
CA ASP H 149 -2.09 -50.55 24.47
C ASP H 149 -1.35 -51.85 24.13
N GLY H 150 -1.37 -52.81 25.06
CA GLY H 150 -0.70 -54.09 24.89
C GLY H 150 -1.29 -54.95 23.79
N PHE H 151 -2.59 -55.24 23.84
CA PHE H 151 -3.21 -56.12 22.83
C PHE H 151 -3.60 -55.33 21.59
N ASP H 152 -3.61 -56.00 20.44
CA ASP H 152 -3.76 -55.29 19.16
C ASP H 152 -5.19 -55.43 18.60
N PRO H 153 -5.61 -54.45 17.76
CA PRO H 153 -6.91 -54.57 17.13
C PRO H 153 -6.78 -55.56 15.98
N ARG H 154 -7.89 -56.13 15.54
CA ARG H 154 -7.87 -57.36 14.70
C ARG H 154 -7.70 -58.59 15.58
N GLY H 155 -7.27 -58.38 16.84
CA GLY H 155 -7.22 -59.43 17.83
C GLY H 155 -8.63 -59.83 18.23
N ASN H 156 -8.71 -60.77 19.17
CA ASN H 156 -9.99 -61.34 19.58
C ASN H 156 -10.42 -61.11 21.04
N VAL H 157 -9.78 -60.15 21.68
CA VAL H 157 -10.23 -59.66 22.98
C VAL H 157 -10.70 -58.22 22.79
N LYS H 158 -11.96 -57.95 23.10
CA LYS H 158 -12.50 -56.59 23.03
C LYS H 158 -12.96 -56.10 24.39
N VAL H 159 -12.85 -54.81 24.62
CA VAL H 159 -13.27 -54.21 25.89
C VAL H 159 -14.49 -53.33 25.67
N ILE H 160 -15.47 -53.46 26.55
CA ILE H 160 -16.61 -52.55 26.61
C ILE H 160 -16.73 -51.94 27.99
N ALA H 161 -16.98 -50.65 28.05
CA ALA H 161 -17.04 -49.95 29.33
C ALA H 161 -18.35 -49.21 29.47
N ALA H 162 -18.83 -49.07 30.69
CA ALA H 162 -20.06 -48.34 30.97
C ALA H 162 -19.88 -47.25 32.01
N THR H 163 -20.64 -46.16 31.85
CA THR H 163 -20.62 -45.06 32.80
C THR H 163 -21.84 -44.15 32.63
N ASN H 164 -22.21 -43.47 33.72
CA ASN H 164 -23.14 -42.33 33.67
C ASN H 164 -22.53 -41.18 32.92
N ARG H 165 -21.34 -40.81 33.41
CA ARG H 165 -20.74 -39.50 33.18
C ARG H 165 -19.53 -39.62 32.24
N PRO H 166 -19.75 -39.54 30.91
CA PRO H 166 -18.59 -39.50 30.00
C PRO H 166 -17.75 -38.21 30.15
N ASP H 167 -18.40 -37.16 30.65
CA ASP H 167 -17.77 -35.86 30.78
C ASP H 167 -16.74 -35.85 31.91
N ILE H 168 -16.96 -36.67 32.93
CA ILE H 168 -16.03 -36.71 34.07
C ILE H 168 -14.83 -37.66 33.84
N LEU H 169 -14.76 -38.37 32.70
CA LEU H 169 -13.66 -39.32 32.42
C LEU H 169 -12.33 -38.65 32.05
N ASP H 170 -11.25 -39.17 32.60
CA ASP H 170 -9.91 -38.73 32.24
C ASP H 170 -9.76 -38.87 30.72
N PRO H 171 -9.42 -37.77 30.03
CA PRO H 171 -9.33 -37.82 28.57
C PRO H 171 -8.35 -38.86 28.04
N ALA H 172 -7.55 -39.46 28.91
CA ALA H 172 -6.62 -40.51 28.53
C ALA H 172 -7.35 -41.78 28.06
N LEU H 173 -8.51 -42.04 28.64
CA LEU H 173 -9.33 -43.18 28.25
C LEU H 173 -9.97 -42.98 26.89
N LEU H 174 -10.14 -41.72 26.50
CA LEU H 174 -10.85 -41.43 25.27
C LEU H 174 -9.88 -41.27 24.09
N ARG H 175 -8.58 -41.36 24.33
CA ARG H 175 -7.58 -41.25 23.26
C ARG H 175 -7.60 -42.45 22.32
N PRO H 176 -7.05 -42.29 21.11
CA PRO H 176 -7.05 -43.39 20.13
C PRO H 176 -6.43 -44.68 20.67
N GLY H 177 -6.97 -45.82 20.24
CA GLY H 177 -6.52 -47.12 20.69
C GLY H 177 -7.10 -47.52 22.04
N ARG H 178 -7.93 -46.65 22.60
CA ARG H 178 -8.59 -46.93 23.87
C ARG H 178 -10.09 -46.95 23.67
N PHE H 179 -10.85 -46.18 24.43
CA PHE H 179 -12.29 -46.13 24.20
C PHE H 179 -12.59 -44.94 23.30
N ASP H 180 -12.28 -45.11 22.03
CA ASP H 180 -12.40 -44.06 21.02
C ASP H 180 -13.69 -44.23 20.23
N ARG H 181 -14.61 -45.01 20.78
CA ARG H 181 -15.91 -45.25 20.15
C ARG H 181 -16.97 -45.19 21.23
N LEU H 182 -17.87 -44.22 21.09
CA LEU H 182 -18.77 -43.84 22.16
C LEU H 182 -20.19 -44.04 21.71
N ILE H 183 -21.01 -44.69 22.54
CA ILE H 183 -22.41 -44.90 22.19
C ILE H 183 -23.28 -44.52 23.37
N GLU H 184 -24.26 -43.68 23.13
CA GLU H 184 -25.21 -43.28 24.17
C GLU H 184 -26.30 -44.34 24.24
N VAL H 185 -26.57 -44.85 25.44
CA VAL H 185 -27.63 -45.81 25.65
C VAL H 185 -28.65 -45.15 26.55
N PRO H 186 -29.68 -44.52 25.95
CA PRO H 186 -30.66 -43.69 26.66
C PRO H 186 -31.89 -44.45 27.17
N LEU H 187 -32.69 -43.73 27.96
CA LEU H 187 -33.94 -44.23 28.48
C LEU H 187 -34.84 -44.70 27.31
N PRO H 188 -35.62 -45.77 27.52
CA PRO H 188 -36.45 -46.26 26.41
C PRO H 188 -37.54 -45.27 26.05
N ASP H 189 -37.75 -45.01 24.76
CA ASP H 189 -38.88 -44.15 24.33
C ASP H 189 -40.18 -44.93 24.53
N GLU H 190 -41.32 -44.28 24.27
CA GLU H 190 -42.61 -44.89 24.53
C GLU H 190 -42.76 -46.26 23.83
N PHE H 191 -42.34 -46.36 22.57
CA PHE H 191 -42.41 -47.61 21.84
C PHE H 191 -41.52 -48.67 22.48
N SER H 192 -40.33 -48.25 22.92
CA SER H 192 -39.35 -49.18 23.48
C SER H 192 -39.88 -49.78 24.78
N ARG H 193 -40.44 -48.93 25.63
CA ARG H 193 -40.98 -49.36 26.92
C ARG H 193 -41.99 -50.52 26.76
N ALA H 194 -42.82 -50.44 25.73
CA ALA H 194 -43.81 -51.47 25.46
C ALA H 194 -43.15 -52.79 25.09
N GLN H 195 -42.07 -52.72 24.31
CA GLN H 195 -41.28 -53.91 23.99
C GLN H 195 -40.67 -54.51 25.24
N ILE H 196 -40.17 -53.66 26.12
CA ILE H 196 -39.45 -54.12 27.29
C ILE H 196 -40.41 -54.90 28.19
N LEU H 197 -41.62 -54.36 28.38
CA LEU H 197 -42.62 -55.03 29.19
C LEU H 197 -43.03 -56.33 28.55
N GLN H 198 -43.16 -56.35 27.24
CA GLN H 198 -43.53 -57.59 26.57
C GLN H 198 -42.44 -58.63 26.75
N ILE H 199 -41.20 -58.22 26.53
CA ILE H 199 -40.04 -59.11 26.63
C ILE H 199 -39.98 -59.81 28.00
N HIS H 200 -40.18 -59.04 29.06
CA HIS H 200 -40.07 -59.59 30.40
C HIS H 200 -41.33 -60.32 30.89
N SER H 201 -42.40 -60.22 30.09
CA SER H 201 -43.63 -60.98 30.30
C SER H 201 -43.71 -62.25 29.45
N ARG H 202 -42.72 -62.53 28.60
CA ARG H 202 -42.87 -63.64 27.65
C ARG H 202 -43.04 -65.02 28.27
N LYS H 203 -42.41 -65.25 29.42
CA LYS H 203 -42.48 -66.54 30.15
C LYS H 203 -43.71 -66.65 31.06
N MET H 204 -44.66 -65.75 30.89
CA MET H 204 -45.73 -65.57 31.86
C MET H 204 -47.02 -65.32 31.05
N THR H 205 -48.07 -66.11 31.31
CA THR H 205 -49.32 -66.00 30.55
C THR H 205 -50.04 -64.71 30.90
N THR H 206 -50.38 -63.94 29.87
CA THR H 206 -51.01 -62.63 30.01
C THR H 206 -52.32 -62.64 29.26
N ASP H 207 -53.26 -61.83 29.70
CA ASP H 207 -54.54 -61.76 29.02
C ASP H 207 -54.37 -61.18 27.61
N ASP H 208 -55.32 -61.50 26.74
CA ASP H 208 -55.39 -60.91 25.41
C ASP H 208 -55.74 -59.43 25.50
N ASP H 209 -56.47 -59.03 26.55
CA ASP H 209 -56.95 -57.64 26.67
C ASP H 209 -55.93 -56.61 27.21
N ILE H 210 -54.66 -56.97 27.27
CA ILE H 210 -53.65 -56.08 27.84
C ILE H 210 -53.27 -54.98 26.87
N ASN H 211 -53.38 -53.74 27.34
CA ASN H 211 -52.93 -52.58 26.60
C ASN H 211 -51.50 -52.16 26.93
N TRP H 212 -50.57 -52.75 26.20
CA TRP H 212 -49.15 -52.42 26.34
C TRP H 212 -48.83 -50.95 26.15
N GLN H 213 -49.52 -50.27 25.24
CA GLN H 213 -49.19 -48.88 24.93
C GLN H 213 -49.65 -47.91 26.03
N GLU H 214 -50.78 -48.19 26.69
CA GLU H 214 -51.19 -47.37 27.82
C GLU H 214 -50.17 -47.52 28.94
N LEU H 215 -49.73 -48.77 29.17
CA LEU H 215 -48.73 -49.06 30.19
C LEU H 215 -47.46 -48.29 29.87
N ALA H 216 -47.08 -48.31 28.60
CA ALA H 216 -45.93 -47.54 28.16
C ALA H 216 -46.10 -46.03 28.38
N ARG H 217 -47.28 -45.46 28.09
CA ARG H 217 -47.55 -44.05 28.41
C ARG H 217 -47.42 -43.76 29.90
N SER H 218 -47.80 -44.73 30.73
CA SER H 218 -47.79 -44.56 32.18
C SER H 218 -46.43 -44.80 32.82
N THR H 219 -45.40 -45.02 32.01
CA THR H 219 -44.06 -45.29 32.54
C THR H 219 -43.05 -44.30 31.98
N ASP H 220 -43.51 -43.08 31.71
CA ASP H 220 -42.62 -42.02 31.29
C ASP H 220 -41.47 -41.95 32.27
N GLU H 221 -40.23 -41.89 31.74
CA GLU H 221 -38.97 -41.84 32.52
C GLU H 221 -38.54 -43.12 33.27
N PHE H 222 -39.22 -44.23 33.04
CA PHE H 222 -38.76 -45.51 33.59
C PHE H 222 -37.53 -45.97 32.80
N ASN H 223 -36.62 -46.68 33.49
CA ASN H 223 -35.59 -47.46 32.82
C ASN H 223 -35.99 -48.93 32.65
N GLY H 224 -35.18 -49.66 31.88
CA GLY H 224 -35.42 -51.08 31.63
C GLY H 224 -35.55 -51.89 32.90
N ALA H 225 -34.68 -51.66 33.87
CA ALA H 225 -34.74 -52.43 35.11
C ALA H 225 -36.06 -52.23 35.85
N GLN H 226 -36.58 -51.01 35.85
CA GLN H 226 -37.87 -50.76 36.50
C GLN H 226 -39.01 -51.37 35.71
N LEU H 227 -38.89 -51.37 34.38
CA LEU H 227 -39.89 -52.06 33.58
C LEU H 227 -39.88 -53.57 33.85
N LYS H 228 -38.70 -54.15 34.01
CA LYS H 228 -38.63 -55.57 34.34
C LYS H 228 -39.28 -55.80 35.69
N ALA H 229 -38.99 -54.91 36.63
CA ALA H 229 -39.53 -55.00 37.99
C ALA H 229 -41.06 -54.90 37.99
N VAL H 230 -41.60 -54.08 37.08
CA VAL H 230 -43.04 -54.01 36.91
C VAL H 230 -43.55 -55.38 36.52
N THR H 231 -42.95 -56.03 35.50
CA THR H 231 -43.39 -57.37 35.11
C THR H 231 -43.36 -58.29 36.32
N VAL H 232 -42.29 -58.23 37.09
CA VAL H 232 -42.17 -59.09 38.26
C VAL H 232 -43.28 -58.86 39.31
N GLU H 233 -43.59 -57.61 39.68
CA GLU H 233 -44.69 -57.38 40.63
C GLU H 233 -46.04 -57.77 40.05
N ALA H 234 -46.26 -57.50 38.77
CA ALA H 234 -47.52 -57.89 38.15
C ALA H 234 -47.72 -59.37 38.33
N GLY H 235 -46.69 -60.16 37.99
CA GLY H 235 -46.74 -61.60 38.16
C GLY H 235 -47.00 -62.00 39.61
N MET H 236 -46.34 -61.33 40.54
CA MET H 236 -46.50 -61.63 41.97
C MET H 236 -47.93 -61.29 42.48
N ILE H 237 -48.53 -60.22 41.96
CA ILE H 237 -49.91 -59.91 42.34
C ILE H 237 -50.90 -60.95 41.85
N ALA H 238 -50.71 -61.41 40.61
CA ALA H 238 -51.48 -62.52 40.04
C ALA H 238 -51.35 -63.79 40.87
N LEU H 239 -50.13 -64.08 41.33
CA LEU H 239 -49.89 -65.23 42.20
C LEU H 239 -50.63 -65.10 43.53
N ARG H 240 -50.42 -64.01 44.24
CA ARG H 240 -51.10 -63.78 45.52
C ARG H 240 -52.62 -63.86 45.39
N ASN H 241 -53.16 -63.49 44.23
CA ASN H 241 -54.58 -63.67 43.87
C ASN H 241 -54.95 -65.04 43.25
N GLY H 242 -54.03 -65.98 43.20
CA GLY H 242 -54.33 -67.31 42.66
C GLY H 242 -54.84 -67.35 41.23
N GLN H 243 -54.45 -66.35 40.45
CA GLN H 243 -54.82 -66.28 39.04
C GLN H 243 -53.86 -67.16 38.26
N SER H 244 -54.29 -67.67 37.12
CA SER H 244 -53.41 -68.44 36.22
C SER H 244 -52.98 -67.61 34.98
N SER H 245 -53.26 -66.31 35.03
CA SER H 245 -52.70 -65.40 34.05
C SER H 245 -52.69 -63.96 34.59
N VAL H 246 -51.87 -63.12 33.97
CA VAL H 246 -51.63 -61.75 34.45
C VAL H 246 -52.49 -60.76 33.68
N LYS H 247 -53.22 -59.94 34.44
CA LYS H 247 -54.24 -59.04 33.91
C LYS H 247 -53.63 -57.69 33.67
N HIS H 248 -54.33 -56.87 32.91
CA HIS H 248 -53.90 -55.50 32.68
C HIS H 248 -53.82 -54.73 33.99
N GLU H 249 -54.79 -54.93 34.88
CA GLU H 249 -54.86 -54.18 36.13
C GLU H 249 -53.71 -54.58 37.05
N ASP H 250 -53.17 -55.79 36.84
CA ASP H 250 -52.01 -56.23 37.59
C ASP H 250 -50.76 -55.44 37.19
N PHE H 251 -50.64 -55.13 35.90
CA PHE H 251 -49.50 -54.33 35.42
C PHE H 251 -49.62 -52.89 35.92
N VAL H 252 -50.85 -52.39 36.00
CA VAL H 252 -51.09 -51.02 36.42
C VAL H 252 -50.75 -50.86 37.90
N GLU H 253 -51.02 -51.90 38.68
CA GLU H 253 -50.73 -51.86 40.13
C GLU H 253 -49.23 -52.02 40.35
N GLY H 254 -48.62 -52.84 39.51
CA GLY H 254 -47.16 -53.03 39.52
C GLY H 254 -46.39 -51.77 39.16
N ILE H 255 -46.90 -50.99 38.20
CA ILE H 255 -46.33 -49.68 37.87
C ILE H 255 -46.40 -48.79 39.10
N SER H 256 -47.57 -48.75 39.71
CA SER H 256 -47.75 -47.96 40.91
C SER H 256 -46.78 -48.35 42.03
N GLU H 257 -46.50 -49.64 42.16
CA GLU H 257 -45.58 -50.13 43.20
C GLU H 257 -44.13 -49.72 42.90
N VAL H 258 -43.72 -49.84 41.64
CA VAL H 258 -42.35 -49.50 41.28
C VAL H 258 -42.14 -47.98 41.41
N GLN H 259 -43.16 -47.20 41.09
CA GLN H 259 -43.08 -45.76 41.31
C GLN H 259 -42.95 -45.39 42.79
N ALA H 260 -43.60 -46.12 43.67
CA ALA H 260 -43.44 -45.93 45.11
C ALA H 260 -42.02 -46.20 45.60
N ARG H 261 -41.38 -47.25 45.08
CA ARG H 261 -40.01 -47.60 45.51
C ARG H 261 -38.96 -46.59 45.06
N LYS H 262 -39.14 -46.03 43.86
CA LYS H 262 -38.27 -44.98 43.34
C LYS H 262 -38.13 -43.83 44.32
N SER H 263 -39.28 -43.34 44.80
CA SER H 263 -39.24 -42.27 45.82
C SER H 263 -39.45 -42.82 47.23
#